data_3FAJ
# 
_entry.id   3FAJ 
# 
_audit_conform.dict_name       mmcif_pdbx.dic 
_audit_conform.dict_version    5.383 
_audit_conform.dict_location   http://mmcif.pdb.org/dictionaries/ascii/mmcif_pdbx.dic 
# 
loop_
_database_2.database_id 
_database_2.database_code 
_database_2.pdbx_database_accession 
_database_2.pdbx_DOI 
PDB   3FAJ         pdb_00003faj 10.2210/pdb3faj/pdb 
RCSB  RCSB050351   ?            ?                   
WWPDB D_1000050351 ?            ?                   
# 
loop_
_pdbx_audit_revision_history.ordinal 
_pdbx_audit_revision_history.data_content_type 
_pdbx_audit_revision_history.major_revision 
_pdbx_audit_revision_history.minor_revision 
_pdbx_audit_revision_history.revision_date 
1 'Structure model' 1 0 2009-11-24 
2 'Structure model' 1 1 2011-07-13 
3 'Structure model' 1 2 2017-10-04 
4 'Structure model' 1 3 2023-12-27 
# 
_pdbx_audit_revision_details.ordinal             1 
_pdbx_audit_revision_details.revision_ordinal    1 
_pdbx_audit_revision_details.data_content_type   'Structure model' 
_pdbx_audit_revision_details.provider            repository 
_pdbx_audit_revision_details.type                'Initial release' 
_pdbx_audit_revision_details.description         ? 
_pdbx_audit_revision_details.details             ? 
# 
loop_
_pdbx_audit_revision_group.ordinal 
_pdbx_audit_revision_group.revision_ordinal 
_pdbx_audit_revision_group.data_content_type 
_pdbx_audit_revision_group.group 
1 2 'Structure model' Advisory                    
2 2 'Structure model' 'Version format compliance' 
3 3 'Structure model' 'Data collection'           
4 4 'Structure model' 'Data collection'           
5 4 'Structure model' 'Database references'       
6 4 'Structure model' 'Derived calculations'      
# 
loop_
_pdbx_audit_revision_category.ordinal 
_pdbx_audit_revision_category.revision_ordinal 
_pdbx_audit_revision_category.data_content_type 
_pdbx_audit_revision_category.category 
1 3 'Structure model' diffrn_detector    
2 4 'Structure model' chem_comp_atom     
3 4 'Structure model' chem_comp_bond     
4 4 'Structure model' database_2         
5 4 'Structure model' struct_ref_seq_dif 
6 4 'Structure model' struct_site        
# 
loop_
_pdbx_audit_revision_item.ordinal 
_pdbx_audit_revision_item.revision_ordinal 
_pdbx_audit_revision_item.data_content_type 
_pdbx_audit_revision_item.item 
1 3 'Structure model' '_diffrn_detector.detector'           
2 4 'Structure model' '_database_2.pdbx_DOI'                
3 4 'Structure model' '_database_2.pdbx_database_accession' 
4 4 'Structure model' '_struct_ref_seq_dif.details'         
5 4 'Structure model' '_struct_site.pdbx_auth_asym_id'      
6 4 'Structure model' '_struct_site.pdbx_auth_comp_id'      
7 4 'Structure model' '_struct_site.pdbx_auth_seq_id'       
# 
_pdbx_database_status.status_code                     REL 
_pdbx_database_status.entry_id                        3FAJ 
_pdbx_database_status.recvd_initial_deposition_date   2008-11-17 
_pdbx_database_status.deposit_site                    RCSB 
_pdbx_database_status.process_site                    PDBJ 
_pdbx_database_status.status_code_sf                  REL 
_pdbx_database_status.status_code_mr                  ? 
_pdbx_database_status.SG_entry                        ? 
_pdbx_database_status.pdb_format_compatible           Y 
_pdbx_database_status.status_code_cs                  ? 
_pdbx_database_status.methods_development_category    ? 
_pdbx_database_status.status_code_nmr_data            ? 
# 
loop_
_audit_author.name 
_audit_author.pdbx_ordinal 
'Goulet, A.'      1 
'Vestergaard, G.' 2 
'Scheele, U.'     3 
'Campanacci, V.'  4 
'Garrett, R.A.'   5 
'Cambillau, C.'   6 
# 
_citation.id                        primary 
_citation.title                     
'Structure of the structural protein P131 of the archaeal virus Acidianus Two-tailed virus (ATV)' 
_citation.journal_abbrev            'To be Published' 
_citation.journal_volume            ? 
_citation.page_first                ? 
_citation.page_last                 ? 
_citation.year                      ? 
_citation.journal_id_ASTM           ? 
_citation.country                   ? 
_citation.journal_id_ISSN           ? 
_citation.journal_id_CSD            0353 
_citation.book_publisher            ? 
_citation.pdbx_database_id_PubMed   ? 
_citation.pdbx_database_id_DOI      ? 
# 
loop_
_citation_author.citation_id 
_citation_author.name 
_citation_author.ordinal 
_citation_author.identifier_ORCID 
primary 'Goulet, A.'      1 ? 
primary 'Vestergaard, G.' 2 ? 
primary 'Scheele, U.'     3 ? 
primary 'Campanacci, V.'  4 ? 
primary 'Garrett, R.A.'   5 ? 
primary 'Cambillau, C.'   6 ? 
# 
loop_
_entity.id 
_entity.type 
_entity.src_method 
_entity.pdbx_description 
_entity.formula_weight 
_entity.pdbx_number_of_molecules 
_entity.pdbx_ec 
_entity.pdbx_mutation 
_entity.pdbx_fragment 
_entity.details 
1 polymer     man 'Putative uncharacterized protein' 16418.598 1   ? ? ? ? 
2 non-polymer syn 'CHLORIDE ION'                     35.453    3   ? ? ? ? 
3 water       nat water                              18.015    116 ? ? ? ? 
# 
_entity_name_com.entity_id   1 
_entity_name_com.name        ORF131 
# 
_entity_poly.entity_id                      1 
_entity_poly.type                           'polypeptide(L)' 
_entity_poly.nstd_linkage                   no 
_entity_poly.nstd_monomer                   no 
_entity_poly.pdbx_seq_one_letter_code       
;MGSSHHHHHHSSGLVPRGSHMAKYEPKKGDYAGGAVKILDMFENGQLGYPEVTLKLAGEEANARRAGDERTKEAIHAIVK
MISDAMKPYRNKGSGFQSQPIPGEVIAQVTSNPEYQQAKAFLASPATQVRNIEREEVLSKGAKKLAQAMAS
;
_entity_poly.pdbx_seq_one_letter_code_can   
;MGSSHHHHHHSSGLVPRGSHMAKYEPKKGDYAGGAVKILDMFENGQLGYPEVTLKLAGEEANARRAGDERTKEAIHAIVK
MISDAMKPYRNKGSGFQSQPIPGEVIAQVTSNPEYQQAKAFLASPATQVRNIEREEVLSKGAKKLAQAMAS
;
_entity_poly.pdbx_strand_id                 A 
_entity_poly.pdbx_target_identifier         ? 
# 
loop_
_pdbx_entity_nonpoly.entity_id 
_pdbx_entity_nonpoly.name 
_pdbx_entity_nonpoly.comp_id 
2 'CHLORIDE ION' CL  
3 water          HOH 
# 
loop_
_entity_poly_seq.entity_id 
_entity_poly_seq.num 
_entity_poly_seq.mon_id 
_entity_poly_seq.hetero 
1 1   MET n 
1 2   GLY n 
1 3   SER n 
1 4   SER n 
1 5   HIS n 
1 6   HIS n 
1 7   HIS n 
1 8   HIS n 
1 9   HIS n 
1 10  HIS n 
1 11  SER n 
1 12  SER n 
1 13  GLY n 
1 14  LEU n 
1 15  VAL n 
1 16  PRO n 
1 17  ARG n 
1 18  GLY n 
1 19  SER n 
1 20  HIS n 
1 21  MET n 
1 22  ALA n 
1 23  LYS n 
1 24  TYR n 
1 25  GLU n 
1 26  PRO n 
1 27  LYS n 
1 28  LYS n 
1 29  GLY n 
1 30  ASP n 
1 31  TYR n 
1 32  ALA n 
1 33  GLY n 
1 34  GLY n 
1 35  ALA n 
1 36  VAL n 
1 37  LYS n 
1 38  ILE n 
1 39  LEU n 
1 40  ASP n 
1 41  MET n 
1 42  PHE n 
1 43  GLU n 
1 44  ASN n 
1 45  GLY n 
1 46  GLN n 
1 47  LEU n 
1 48  GLY n 
1 49  TYR n 
1 50  PRO n 
1 51  GLU n 
1 52  VAL n 
1 53  THR n 
1 54  LEU n 
1 55  LYS n 
1 56  LEU n 
1 57  ALA n 
1 58  GLY n 
1 59  GLU n 
1 60  GLU n 
1 61  ALA n 
1 62  ASN n 
1 63  ALA n 
1 64  ARG n 
1 65  ARG n 
1 66  ALA n 
1 67  GLY n 
1 68  ASP n 
1 69  GLU n 
1 70  ARG n 
1 71  THR n 
1 72  LYS n 
1 73  GLU n 
1 74  ALA n 
1 75  ILE n 
1 76  HIS n 
1 77  ALA n 
1 78  ILE n 
1 79  VAL n 
1 80  LYS n 
1 81  MET n 
1 82  ILE n 
1 83  SER n 
1 84  ASP n 
1 85  ALA n 
1 86  MET n 
1 87  LYS n 
1 88  PRO n 
1 89  TYR n 
1 90  ARG n 
1 91  ASN n 
1 92  LYS n 
1 93  GLY n 
1 94  SER n 
1 95  GLY n 
1 96  PHE n 
1 97  GLN n 
1 98  SER n 
1 99  GLN n 
1 100 PRO n 
1 101 ILE n 
1 102 PRO n 
1 103 GLY n 
1 104 GLU n 
1 105 VAL n 
1 106 ILE n 
1 107 ALA n 
1 108 GLN n 
1 109 VAL n 
1 110 THR n 
1 111 SER n 
1 112 ASN n 
1 113 PRO n 
1 114 GLU n 
1 115 TYR n 
1 116 GLN n 
1 117 GLN n 
1 118 ALA n 
1 119 LYS n 
1 120 ALA n 
1 121 PHE n 
1 122 LEU n 
1 123 ALA n 
1 124 SER n 
1 125 PRO n 
1 126 ALA n 
1 127 THR n 
1 128 GLN n 
1 129 VAL n 
1 130 ARG n 
1 131 ASN n 
1 132 ILE n 
1 133 GLU n 
1 134 ARG n 
1 135 GLU n 
1 136 GLU n 
1 137 VAL n 
1 138 LEU n 
1 139 SER n 
1 140 LYS n 
1 141 GLY n 
1 142 ALA n 
1 143 LYS n 
1 144 LYS n 
1 145 LEU n 
1 146 ALA n 
1 147 GLN n 
1 148 ALA n 
1 149 MET n 
1 150 ALA n 
1 151 SER n 
# 
_entity_src_gen.entity_id                          1 
_entity_src_gen.pdbx_src_id                        1 
_entity_src_gen.pdbx_alt_source_flag               sample 
_entity_src_gen.pdbx_seq_type                      ? 
_entity_src_gen.pdbx_beg_seq_num                   ? 
_entity_src_gen.pdbx_end_seq_num                   ? 
_entity_src_gen.gene_src_common_name               ? 
_entity_src_gen.gene_src_genus                     ? 
_entity_src_gen.pdbx_gene_src_gene                 ORF131 
_entity_src_gen.gene_src_species                   ? 
_entity_src_gen.gene_src_strain                    ? 
_entity_src_gen.gene_src_tissue                    ? 
_entity_src_gen.gene_src_tissue_fraction           ? 
_entity_src_gen.gene_src_details                   ? 
_entity_src_gen.pdbx_gene_src_fragment             ? 
_entity_src_gen.pdbx_gene_src_scientific_name      'Acidianus two-tailed virus' 
_entity_src_gen.pdbx_gene_src_ncbi_taxonomy_id     315953 
_entity_src_gen.pdbx_gene_src_variant              ? 
_entity_src_gen.pdbx_gene_src_cell_line            ? 
_entity_src_gen.pdbx_gene_src_atcc                 ? 
_entity_src_gen.pdbx_gene_src_organ                ? 
_entity_src_gen.pdbx_gene_src_organelle            ? 
_entity_src_gen.pdbx_gene_src_cell                 ? 
_entity_src_gen.pdbx_gene_src_cellular_location    ? 
_entity_src_gen.host_org_common_name               ? 
_entity_src_gen.pdbx_host_org_scientific_name      'Escherichia coli BL21(DE3)' 
_entity_src_gen.pdbx_host_org_ncbi_taxonomy_id     469008 
_entity_src_gen.host_org_genus                     ? 
_entity_src_gen.pdbx_host_org_gene                 ? 
_entity_src_gen.pdbx_host_org_organ                ? 
_entity_src_gen.host_org_species                   ? 
_entity_src_gen.pdbx_host_org_tissue               ? 
_entity_src_gen.pdbx_host_org_tissue_fraction      ? 
_entity_src_gen.pdbx_host_org_strain               'BL21(DE3) pLysS' 
_entity_src_gen.pdbx_host_org_variant              ? 
_entity_src_gen.pdbx_host_org_cell_line            ? 
_entity_src_gen.pdbx_host_org_atcc                 ? 
_entity_src_gen.pdbx_host_org_culture_collection   ? 
_entity_src_gen.pdbx_host_org_cell                 ? 
_entity_src_gen.pdbx_host_org_organelle            ? 
_entity_src_gen.pdbx_host_org_cellular_location    ? 
_entity_src_gen.pdbx_host_org_vector_type          plasmid 
_entity_src_gen.pdbx_host_org_vector               ? 
_entity_src_gen.host_org_details                   ? 
_entity_src_gen.expression_system_id               ? 
_entity_src_gen.plasmid_name                       pET28a 
_entity_src_gen.plasmid_details                    ? 
_entity_src_gen.pdbx_description                   ? 
# 
loop_
_chem_comp.id 
_chem_comp.type 
_chem_comp.mon_nstd_flag 
_chem_comp.name 
_chem_comp.pdbx_synonyms 
_chem_comp.formula 
_chem_comp.formula_weight 
ALA 'L-peptide linking' y ALANINE         ? 'C3 H7 N O2'     89.093  
ARG 'L-peptide linking' y ARGININE        ? 'C6 H15 N4 O2 1' 175.209 
ASN 'L-peptide linking' y ASPARAGINE      ? 'C4 H8 N2 O3'    132.118 
ASP 'L-peptide linking' y 'ASPARTIC ACID' ? 'C4 H7 N O4'     133.103 
CL  non-polymer         . 'CHLORIDE ION'  ? 'Cl -1'          35.453  
GLN 'L-peptide linking' y GLUTAMINE       ? 'C5 H10 N2 O3'   146.144 
GLU 'L-peptide linking' y 'GLUTAMIC ACID' ? 'C5 H9 N O4'     147.129 
GLY 'peptide linking'   y GLYCINE         ? 'C2 H5 N O2'     75.067  
HIS 'L-peptide linking' y HISTIDINE       ? 'C6 H10 N3 O2 1' 156.162 
HOH non-polymer         . WATER           ? 'H2 O'           18.015  
ILE 'L-peptide linking' y ISOLEUCINE      ? 'C6 H13 N O2'    131.173 
LEU 'L-peptide linking' y LEUCINE         ? 'C6 H13 N O2'    131.173 
LYS 'L-peptide linking' y LYSINE          ? 'C6 H15 N2 O2 1' 147.195 
MET 'L-peptide linking' y METHIONINE      ? 'C5 H11 N O2 S'  149.211 
PHE 'L-peptide linking' y PHENYLALANINE   ? 'C9 H11 N O2'    165.189 
PRO 'L-peptide linking' y PROLINE         ? 'C5 H9 N O2'     115.130 
SER 'L-peptide linking' y SERINE          ? 'C3 H7 N O3'     105.093 
THR 'L-peptide linking' y THREONINE       ? 'C4 H9 N O3'     119.119 
TYR 'L-peptide linking' y TYROSINE        ? 'C9 H11 N O3'    181.189 
VAL 'L-peptide linking' y VALINE          ? 'C5 H11 N O2'    117.146 
# 
loop_
_pdbx_poly_seq_scheme.asym_id 
_pdbx_poly_seq_scheme.entity_id 
_pdbx_poly_seq_scheme.seq_id 
_pdbx_poly_seq_scheme.mon_id 
_pdbx_poly_seq_scheme.ndb_seq_num 
_pdbx_poly_seq_scheme.pdb_seq_num 
_pdbx_poly_seq_scheme.auth_seq_num 
_pdbx_poly_seq_scheme.pdb_mon_id 
_pdbx_poly_seq_scheme.auth_mon_id 
_pdbx_poly_seq_scheme.pdb_strand_id 
_pdbx_poly_seq_scheme.pdb_ins_code 
_pdbx_poly_seq_scheme.hetero 
A 1 1   MET 1   -19 ?   ?   ?   A . n 
A 1 2   GLY 2   -18 ?   ?   ?   A . n 
A 1 3   SER 3   -17 ?   ?   ?   A . n 
A 1 4   SER 4   -16 ?   ?   ?   A . n 
A 1 5   HIS 5   -15 ?   ?   ?   A . n 
A 1 6   HIS 6   -14 ?   ?   ?   A . n 
A 1 7   HIS 7   -13 ?   ?   ?   A . n 
A 1 8   HIS 8   -12 ?   ?   ?   A . n 
A 1 9   HIS 9   -11 ?   ?   ?   A . n 
A 1 10  HIS 10  -10 ?   ?   ?   A . n 
A 1 11  SER 11  -9  ?   ?   ?   A . n 
A 1 12  SER 12  -8  ?   ?   ?   A . n 
A 1 13  GLY 13  -7  ?   ?   ?   A . n 
A 1 14  LEU 14  -6  ?   ?   ?   A . n 
A 1 15  VAL 15  -5  ?   ?   ?   A . n 
A 1 16  PRO 16  -4  ?   ?   ?   A . n 
A 1 17  ARG 17  -3  ?   ?   ?   A . n 
A 1 18  GLY 18  -2  ?   ?   ?   A . n 
A 1 19  SER 19  -1  ?   ?   ?   A . n 
A 1 20  HIS 20  0   ?   ?   ?   A . n 
A 1 21  MET 21  1   ?   ?   ?   A . n 
A 1 22  ALA 22  2   ?   ?   ?   A . n 
A 1 23  LYS 23  3   ?   ?   ?   A . n 
A 1 24  TYR 24  4   ?   ?   ?   A . n 
A 1 25  GLU 25  5   ?   ?   ?   A . n 
A 1 26  PRO 26  6   ?   ?   ?   A . n 
A 1 27  LYS 27  7   7   LYS LYS A . n 
A 1 28  LYS 28  8   8   LYS LYS A . n 
A 1 29  GLY 29  9   9   GLY GLY A . n 
A 1 30  ASP 30  10  10  ASP ASP A . n 
A 1 31  TYR 31  11  11  TYR TYR A . n 
A 1 32  ALA 32  12  12  ALA ALA A . n 
A 1 33  GLY 33  13  13  GLY GLY A . n 
A 1 34  GLY 34  14  14  GLY GLY A . n 
A 1 35  ALA 35  15  15  ALA ALA A . n 
A 1 36  VAL 36  16  16  VAL VAL A . n 
A 1 37  LYS 37  17  17  LYS LYS A . n 
A 1 38  ILE 38  18  18  ILE ILE A . n 
A 1 39  LEU 39  19  19  LEU LEU A . n 
A 1 40  ASP 40  20  20  ASP ASP A . n 
A 1 41  MET 41  21  21  MET MET A . n 
A 1 42  PHE 42  22  22  PHE PHE A . n 
A 1 43  GLU 43  23  23  GLU GLU A . n 
A 1 44  ASN 44  24  24  ASN ASN A . n 
A 1 45  GLY 45  25  25  GLY GLY A . n 
A 1 46  GLN 46  26  26  GLN GLN A . n 
A 1 47  LEU 47  27  27  LEU LEU A . n 
A 1 48  GLY 48  28  28  GLY GLY A . n 
A 1 49  TYR 49  29  29  TYR TYR A . n 
A 1 50  PRO 50  30  30  PRO PRO A . n 
A 1 51  GLU 51  31  31  GLU GLU A . n 
A 1 52  VAL 52  32  32  VAL VAL A . n 
A 1 53  THR 53  33  33  THR THR A . n 
A 1 54  LEU 54  34  34  LEU LEU A . n 
A 1 55  LYS 55  35  35  LYS LYS A . n 
A 1 56  LEU 56  36  36  LEU LEU A . n 
A 1 57  ALA 57  37  37  ALA ALA A . n 
A 1 58  GLY 58  38  38  GLY GLY A . n 
A 1 59  GLU 59  39  39  GLU GLU A . n 
A 1 60  GLU 60  40  40  GLU GLU A . n 
A 1 61  ALA 61  41  41  ALA ALA A . n 
A 1 62  ASN 62  42  42  ASN ASN A . n 
A 1 63  ALA 63  43  43  ALA ALA A . n 
A 1 64  ARG 64  44  44  ARG ARG A . n 
A 1 65  ARG 65  45  45  ARG ARG A . n 
A 1 66  ALA 66  46  46  ALA ALA A . n 
A 1 67  GLY 67  47  47  GLY GLY A . n 
A 1 68  ASP 68  48  48  ASP ASP A . n 
A 1 69  GLU 69  49  49  GLU GLU A . n 
A 1 70  ARG 70  50  50  ARG ARG A . n 
A 1 71  THR 71  51  51  THR THR A . n 
A 1 72  LYS 72  52  52  LYS LYS A . n 
A 1 73  GLU 73  53  53  GLU GLU A . n 
A 1 74  ALA 74  54  54  ALA ALA A . n 
A 1 75  ILE 75  55  55  ILE ILE A . n 
A 1 76  HIS 76  56  56  HIS HIS A . n 
A 1 77  ALA 77  57  57  ALA ALA A . n 
A 1 78  ILE 78  58  58  ILE ILE A . n 
A 1 79  VAL 79  59  59  VAL VAL A . n 
A 1 80  LYS 80  60  60  LYS LYS A . n 
A 1 81  MET 81  61  61  MET MET A . n 
A 1 82  ILE 82  62  62  ILE ILE A . n 
A 1 83  SER 83  63  63  SER SER A . n 
A 1 84  ASP 84  64  64  ASP ASP A . n 
A 1 85  ALA 85  65  65  ALA ALA A . n 
A 1 86  MET 86  66  66  MET MET A . n 
A 1 87  LYS 87  67  67  LYS LYS A . n 
A 1 88  PRO 88  68  68  PRO PRO A . n 
A 1 89  TYR 89  69  69  TYR TYR A . n 
A 1 90  ARG 90  70  70  ARG ARG A . n 
A 1 91  ASN 91  71  ?   ?   ?   A . n 
A 1 92  LYS 92  72  ?   ?   ?   A . n 
A 1 93  GLY 93  73  ?   ?   ?   A . n 
A 1 94  SER 94  74  ?   ?   ?   A . n 
A 1 95  GLY 95  75  ?   ?   ?   A . n 
A 1 96  PHE 96  76  ?   ?   ?   A . n 
A 1 97  GLN 97  77  ?   ?   ?   A . n 
A 1 98  SER 98  78  78  SER SER A . n 
A 1 99  GLN 99  79  79  GLN GLN A . n 
A 1 100 PRO 100 80  80  PRO PRO A . n 
A 1 101 ILE 101 81  81  ILE ILE A . n 
A 1 102 PRO 102 82  82  PRO PRO A . n 
A 1 103 GLY 103 83  83  GLY GLY A . n 
A 1 104 GLU 104 84  84  GLU GLU A . n 
A 1 105 VAL 105 85  85  VAL VAL A . n 
A 1 106 ILE 106 86  86  ILE ILE A . n 
A 1 107 ALA 107 87  87  ALA ALA A . n 
A 1 108 GLN 108 88  88  GLN GLN A . n 
A 1 109 VAL 109 89  89  VAL VAL A . n 
A 1 110 THR 110 90  90  THR THR A . n 
A 1 111 SER 111 91  91  SER SER A . n 
A 1 112 ASN 112 92  92  ASN ASN A . n 
A 1 113 PRO 113 93  93  PRO PRO A . n 
A 1 114 GLU 114 94  94  GLU GLU A . n 
A 1 115 TYR 115 95  95  TYR TYR A . n 
A 1 116 GLN 116 96  96  GLN GLN A . n 
A 1 117 GLN 117 97  97  GLN GLN A . n 
A 1 118 ALA 118 98  98  ALA ALA A . n 
A 1 119 LYS 119 99  99  LYS LYS A . n 
A 1 120 ALA 120 100 100 ALA ALA A . n 
A 1 121 PHE 121 101 101 PHE PHE A . n 
A 1 122 LEU 122 102 102 LEU LEU A . n 
A 1 123 ALA 123 103 103 ALA ALA A . n 
A 1 124 SER 124 104 104 SER SER A . n 
A 1 125 PRO 125 105 105 PRO PRO A . n 
A 1 126 ALA 126 106 106 ALA ALA A . n 
A 1 127 THR 127 107 107 THR THR A . n 
A 1 128 GLN 128 108 108 GLN GLN A . n 
A 1 129 VAL 129 109 109 VAL VAL A . n 
A 1 130 ARG 130 110 110 ARG ARG A . n 
A 1 131 ASN 131 111 111 ASN ASN A . n 
A 1 132 ILE 132 112 112 ILE ILE A . n 
A 1 133 GLU 133 113 113 GLU GLU A . n 
A 1 134 ARG 134 114 114 ARG ARG A . n 
A 1 135 GLU 135 115 ?   ?   ?   A . n 
A 1 136 GLU 136 116 ?   ?   ?   A . n 
A 1 137 VAL 137 117 ?   ?   ?   A . n 
A 1 138 LEU 138 118 ?   ?   ?   A . n 
A 1 139 SER 139 119 ?   ?   ?   A . n 
A 1 140 LYS 140 120 ?   ?   ?   A . n 
A 1 141 GLY 141 121 ?   ?   ?   A . n 
A 1 142 ALA 142 122 ?   ?   ?   A . n 
A 1 143 LYS 143 123 ?   ?   ?   A . n 
A 1 144 LYS 144 124 ?   ?   ?   A . n 
A 1 145 LEU 145 125 ?   ?   ?   A . n 
A 1 146 ALA 146 126 ?   ?   ?   A . n 
A 1 147 GLN 147 127 ?   ?   ?   A . n 
A 1 148 ALA 148 128 ?   ?   ?   A . n 
A 1 149 MET 149 129 ?   ?   ?   A . n 
A 1 150 ALA 150 130 ?   ?   ?   A . n 
A 1 151 SER 151 131 ?   ?   ?   A . n 
# 
loop_
_pdbx_nonpoly_scheme.asym_id 
_pdbx_nonpoly_scheme.entity_id 
_pdbx_nonpoly_scheme.mon_id 
_pdbx_nonpoly_scheme.ndb_seq_num 
_pdbx_nonpoly_scheme.pdb_seq_num 
_pdbx_nonpoly_scheme.auth_seq_num 
_pdbx_nonpoly_scheme.pdb_mon_id 
_pdbx_nonpoly_scheme.auth_mon_id 
_pdbx_nonpoly_scheme.pdb_strand_id 
_pdbx_nonpoly_scheme.pdb_ins_code 
B 2 CL  1   132 132 CL  CL  A . 
C 2 CL  1   133 133 CL  CL  A . 
D 2 CL  1   134 134 CL  CL  A . 
E 3 HOH 1   139 139 HOH HOH A . 
E 3 HOH 2   140 140 HOH HOH A . 
E 3 HOH 3   141 141 HOH HOH A . 
E 3 HOH 4   142 142 HOH HOH A . 
E 3 HOH 5   143 143 HOH HOH A . 
E 3 HOH 6   144 144 HOH HOH A . 
E 3 HOH 7   145 145 HOH HOH A . 
E 3 HOH 8   146 146 HOH HOH A . 
E 3 HOH 9   147 147 HOH HOH A . 
E 3 HOH 10  148 148 HOH HOH A . 
E 3 HOH 11  149 149 HOH HOH A . 
E 3 HOH 12  150 150 HOH HOH A . 
E 3 HOH 13  152 152 HOH HOH A . 
E 3 HOH 14  153 153 HOH HOH A . 
E 3 HOH 15  155 155 HOH HOH A . 
E 3 HOH 16  156 156 HOH HOH A . 
E 3 HOH 17  157 157 HOH HOH A . 
E 3 HOH 18  158 158 HOH HOH A . 
E 3 HOH 19  159 159 HOH HOH A . 
E 3 HOH 20  160 160 HOH HOH A . 
E 3 HOH 21  161 161 HOH HOH A . 
E 3 HOH 22  162 162 HOH HOH A . 
E 3 HOH 23  163 163 HOH HOH A . 
E 3 HOH 24  166 166 HOH HOH A . 
E 3 HOH 25  167 167 HOH HOH A . 
E 3 HOH 26  168 168 HOH HOH A . 
E 3 HOH 27  169 169 HOH HOH A . 
E 3 HOH 28  170 170 HOH HOH A . 
E 3 HOH 29  171 171 HOH HOH A . 
E 3 HOH 30  172 172 HOH HOH A . 
E 3 HOH 31  173 173 HOH HOH A . 
E 3 HOH 32  174 174 HOH HOH A . 
E 3 HOH 33  175 175 HOH HOH A . 
E 3 HOH 34  176 176 HOH HOH A . 
E 3 HOH 35  177 177 HOH HOH A . 
E 3 HOH 36  178 178 HOH HOH A . 
E 3 HOH 37  179 179 HOH HOH A . 
E 3 HOH 38  180 180 HOH HOH A . 
E 3 HOH 39  181 181 HOH HOH A . 
E 3 HOH 40  182 182 HOH HOH A . 
E 3 HOH 41  183 183 HOH HOH A . 
E 3 HOH 42  184 184 HOH HOH A . 
E 3 HOH 43  185 185 HOH HOH A . 
E 3 HOH 44  186 186 HOH HOH A . 
E 3 HOH 45  187 187 HOH HOH A . 
E 3 HOH 46  188 188 HOH HOH A . 
E 3 HOH 47  189 189 HOH HOH A . 
E 3 HOH 48  190 190 HOH HOH A . 
E 3 HOH 49  191 191 HOH HOH A . 
E 3 HOH 50  192 192 HOH HOH A . 
E 3 HOH 51  193 193 HOH HOH A . 
E 3 HOH 52  194 194 HOH HOH A . 
E 3 HOH 53  195 195 HOH HOH A . 
E 3 HOH 54  196 196 HOH HOH A . 
E 3 HOH 55  197 197 HOH HOH A . 
E 3 HOH 56  198 198 HOH HOH A . 
E 3 HOH 57  199 199 HOH HOH A . 
E 3 HOH 58  200 200 HOH HOH A . 
E 3 HOH 59  201 201 HOH HOH A . 
E 3 HOH 60  202 202 HOH HOH A . 
E 3 HOH 61  203 203 HOH HOH A . 
E 3 HOH 62  204 204 HOH HOH A . 
E 3 HOH 63  205 205 HOH HOH A . 
E 3 HOH 64  206 206 HOH HOH A . 
E 3 HOH 65  207 207 HOH HOH A . 
E 3 HOH 66  208 208 HOH HOH A . 
E 3 HOH 67  209 209 HOH HOH A . 
E 3 HOH 68  210 210 HOH HOH A . 
E 3 HOH 69  211 211 HOH HOH A . 
E 3 HOH 70  212 212 HOH HOH A . 
E 3 HOH 71  213 213 HOH HOH A . 
E 3 HOH 72  214 214 HOH HOH A . 
E 3 HOH 73  215 215 HOH HOH A . 
E 3 HOH 74  216 216 HOH HOH A . 
E 3 HOH 75  217 217 HOH HOH A . 
E 3 HOH 76  218 218 HOH HOH A . 
E 3 HOH 77  219 219 HOH HOH A . 
E 3 HOH 78  220 220 HOH HOH A . 
E 3 HOH 79  221 221 HOH HOH A . 
E 3 HOH 80  222 222 HOH HOH A . 
E 3 HOH 81  223 223 HOH HOH A . 
E 3 HOH 82  224 224 HOH HOH A . 
E 3 HOH 83  225 225 HOH HOH A . 
E 3 HOH 84  226 226 HOH HOH A . 
E 3 HOH 85  227 227 HOH HOH A . 
E 3 HOH 86  228 228 HOH HOH A . 
E 3 HOH 87  229 229 HOH HOH A . 
E 3 HOH 88  230 230 HOH HOH A . 
E 3 HOH 89  231 231 HOH HOH A . 
E 3 HOH 90  232 232 HOH HOH A . 
E 3 HOH 91  233 233 HOH HOH A . 
E 3 HOH 92  234 234 HOH HOH A . 
E 3 HOH 93  235 235 HOH HOH A . 
E 3 HOH 94  236 236 HOH HOH A . 
E 3 HOH 95  237 237 HOH HOH A . 
E 3 HOH 96  238 238 HOH HOH A . 
E 3 HOH 97  239 239 HOH HOH A . 
E 3 HOH 98  240 240 HOH HOH A . 
E 3 HOH 99  241 241 HOH HOH A . 
E 3 HOH 100 242 242 HOH HOH A . 
E 3 HOH 101 243 243 HOH HOH A . 
E 3 HOH 102 244 244 HOH HOH A . 
E 3 HOH 103 245 245 HOH HOH A . 
E 3 HOH 104 246 246 HOH HOH A . 
E 3 HOH 105 247 247 HOH HOH A . 
E 3 HOH 106 248 248 HOH HOH A . 
E 3 HOH 107 249 249 HOH HOH A . 
E 3 HOH 108 250 250 HOH HOH A . 
E 3 HOH 109 251 251 HOH HOH A . 
E 3 HOH 110 252 252 HOH HOH A . 
E 3 HOH 111 253 253 HOH HOH A . 
E 3 HOH 112 254 254 HOH HOH A . 
E 3 HOH 113 255 255 HOH HOH A . 
E 3 HOH 114 256 256 HOH HOH A . 
E 3 HOH 115 257 257 HOH HOH A . 
E 3 HOH 116 258 258 HOH HOH A . 
# 
loop_
_software.name 
_software.classification 
_software.version 
_software.citation_id 
_software.pdbx_ordinal 
_software.date 
_software.type 
_software.location 
_software.language 
PHENIX 'model building' .        ? 1 ? ? ? ? 
REFMAC refinement       5.2.0019 ? 2 ? ? ? ? 
XDS    'data reduction' .        ? 3 ? ? ? ? 
XSCALE 'data scaling'   .        ? 4 ? ? ? ? 
PHENIX phasing          .        ? 5 ? ? ? ? 
# 
_cell.entry_id           3FAJ 
_cell.length_a           62.450 
_cell.length_b           62.450 
_cell.length_c           57.220 
_cell.angle_alpha        90.00 
_cell.angle_beta         90.00 
_cell.angle_gamma        120.00 
_cell.Z_PDB              6 
_cell.pdbx_unique_axis   ? 
_cell.length_a_esd       ? 
_cell.length_b_esd       ? 
_cell.length_c_esd       ? 
_cell.angle_alpha_esd    ? 
_cell.angle_beta_esd     ? 
_cell.angle_gamma_esd    ? 
# 
_symmetry.entry_id                         3FAJ 
_symmetry.space_group_name_H-M             'P 61' 
_symmetry.pdbx_full_space_group_name_H-M   ? 
_symmetry.cell_setting                     ? 
_symmetry.Int_Tables_number                169 
_symmetry.space_group_name_Hall            ? 
# 
_exptl.entry_id          3FAJ 
_exptl.method            'X-RAY DIFFRACTION' 
_exptl.crystals_number   1 
# 
_exptl_crystal.id                    1 
_exptl_crystal.density_meas          ? 
_exptl_crystal.density_Matthews      1.96 
_exptl_crystal.density_percent_sol   37.30 
_exptl_crystal.description           ? 
_exptl_crystal.F_000                 ? 
_exptl_crystal.preparation           ? 
# 
_exptl_crystal_grow.crystal_id      1 
_exptl_crystal_grow.method          'VAPOR DIFFUSION, SITTING DROP' 
_exptl_crystal_grow.temp            293 
_exptl_crystal_grow.temp_details    ? 
_exptl_crystal_grow.pH              4.5 
_exptl_crystal_grow.pdbx_details    '10% PEG 6000, pH 4.5, VAPOR DIFFUSION, SITTING DROP, temperature 293K' 
_exptl_crystal_grow.pdbx_pH_range   . 
# 
_diffrn.id                     1 
_diffrn.ambient_temp           100 
_diffrn.ambient_temp_details   ? 
_diffrn.crystal_id             1 
# 
_diffrn_detector.diffrn_id              1 
_diffrn_detector.detector               'IMAGE PLATE' 
_diffrn_detector.type                   'MAR555 FLAT PANEL' 
_diffrn_detector.pdbx_collection_date   2008-10-30 
_diffrn_detector.details                
;Kirkpatrick-Baez pair of bi-morph mirrors plus channel cut cryogenically cooled
 monochromator crystal
;
# 
_diffrn_radiation.diffrn_id                        1 
_diffrn_radiation.wavelength_id                    1 
_diffrn_radiation.pdbx_monochromatic_or_laue_m_l   M 
_diffrn_radiation.monochromator                    ? 
_diffrn_radiation.pdbx_diffrn_protocol             'SINGLE WAVELENGTH' 
_diffrn_radiation.pdbx_scattering_type             x-ray 
# 
_diffrn_radiation_wavelength.id           1 
_diffrn_radiation_wavelength.wavelength   0.98 
_diffrn_radiation_wavelength.wt           1.0 
# 
_diffrn_source.diffrn_id                   1 
_diffrn_source.source                      SYNCHROTRON 
_diffrn_source.type                        'SOLEIL BEAMLINE PROXIMA 1' 
_diffrn_source.pdbx_synchrotron_site       SOLEIL 
_diffrn_source.pdbx_synchrotron_beamline   'PROXIMA 1' 
_diffrn_source.pdbx_wavelength             ? 
_diffrn_source.pdbx_wavelength_list        0.98 
# 
_reflns.entry_id                     3FAJ 
_reflns.observed_criterion_sigma_I   ? 
_reflns.observed_criterion_sigma_F   ? 
_reflns.d_resolution_low             30 
_reflns.d_resolution_high            1.7 
_reflns.number_obs                   13985 
_reflns.number_all                   ? 
_reflns.percent_possible_obs         99.6 
_reflns.pdbx_Rmerge_I_obs            ? 
_reflns.pdbx_Rsym_value              0.063 
_reflns.pdbx_netI_over_sigmaI        15.55 
_reflns.B_iso_Wilson_estimate        ? 
_reflns.pdbx_redundancy              4.6 
_reflns.R_free_details               ? 
_reflns.limit_h_max                  ? 
_reflns.limit_h_min                  ? 
_reflns.limit_k_max                  ? 
_reflns.limit_k_min                  ? 
_reflns.limit_l_max                  ? 
_reflns.limit_l_min                  ? 
_reflns.observed_criterion_F_max     ? 
_reflns.observed_criterion_F_min     ? 
_reflns.pdbx_chi_squared             ? 
_reflns.pdbx_scaling_rejects         ? 
_reflns.pdbx_ordinal                 1 
_reflns.pdbx_diffrn_id               1 
# 
_reflns_shell.d_res_high             1.7 
_reflns_shell.d_res_low              1.8 
_reflns_shell.percent_possible_all   99.7 
_reflns_shell.Rmerge_I_obs           ? 
_reflns_shell.pdbx_Rsym_value        0.433 
_reflns_shell.meanI_over_sigI_obs    3.29 
_reflns_shell.pdbx_redundancy        4.6 
_reflns_shell.percent_possible_obs   ? 
_reflns_shell.number_unique_all      2194 
_reflns_shell.number_measured_all    ? 
_reflns_shell.number_measured_obs    ? 
_reflns_shell.number_unique_obs      ? 
_reflns_shell.pdbx_chi_squared       ? 
_reflns_shell.pdbx_ordinal           1 
_reflns_shell.pdbx_diffrn_id         1 
# 
_refine.entry_id                                 3FAJ 
_refine.ls_number_reflns_obs                     13273 
_refine.ls_number_reflns_all                     ? 
_refine.pdbx_ls_sigma_I                          ? 
_refine.pdbx_ls_sigma_F                          ? 
_refine.pdbx_data_cutoff_high_absF               ? 
_refine.pdbx_data_cutoff_low_absF                ? 
_refine.pdbx_data_cutoff_high_rms_absF           ? 
_refine.ls_d_res_low                             17.99 
_refine.ls_d_res_high                            1.70 
_refine.ls_percent_reflns_obs                    99.62 
_refine.ls_R_factor_obs                          0.17536 
_refine.ls_R_factor_all                          ? 
_refine.ls_R_factor_R_work                       0.17441 
_refine.ls_R_factor_R_free                       0.19438 
_refine.ls_R_factor_R_free_error                 ? 
_refine.ls_R_factor_R_free_error_details         ? 
_refine.ls_percent_reflns_R_free                 5.0 
_refine.ls_number_reflns_R_free                  697 
_refine.ls_number_parameters                     ? 
_refine.ls_number_restraints                     ? 
_refine.occupancy_min                            ? 
_refine.occupancy_max                            ? 
_refine.correlation_coeff_Fo_to_Fc               0.960 
_refine.correlation_coeff_Fo_to_Fc_free          0.951 
_refine.B_iso_mean                               27.161 
_refine.aniso_B[1][1]                            -0.03 
_refine.aniso_B[2][2]                            -0.03 
_refine.aniso_B[3][3]                            0.05 
_refine.aniso_B[1][2]                            -0.02 
_refine.aniso_B[1][3]                            0.00 
_refine.aniso_B[2][3]                            0.00 
_refine.solvent_model_details                    MASK 
_refine.solvent_model_param_ksol                 ? 
_refine.solvent_model_param_bsol                 ? 
_refine.pdbx_solvent_vdw_probe_radii             1.20 
_refine.pdbx_solvent_ion_probe_radii             0.80 
_refine.pdbx_solvent_shrinkage_radii             0.80 
_refine.pdbx_ls_cross_valid_method               THROUGHOUT 
_refine.details                                  ? 
_refine.pdbx_starting_model                      ? 
_refine.pdbx_method_to_determine_struct          SAD 
_refine.pdbx_isotropic_thermal_model             ? 
_refine.pdbx_stereochemistry_target_values       'MAXIMUM LIKELIHOOD' 
_refine.pdbx_stereochem_target_val_spec_case     ? 
_refine.pdbx_R_Free_selection_details            RANDOM 
_refine.pdbx_overall_ESU_R                       0.095 
_refine.pdbx_overall_ESU_R_Free                  0.089 
_refine.overall_SU_ML                            0.060 
_refine.overall_SU_B                             3.449 
_refine.ls_redundancy_reflns_obs                 ? 
_refine.B_iso_min                                ? 
_refine.B_iso_max                                ? 
_refine.overall_SU_R_Cruickshank_DPI             ? 
_refine.overall_SU_R_free                        ? 
_refine.ls_wR_factor_R_free                      ? 
_refine.ls_wR_factor_R_work                      ? 
_refine.overall_FOM_free_R_set                   ? 
_refine.overall_FOM_work_R_set                   ? 
_refine.pdbx_refine_id                           'X-RAY DIFFRACTION' 
_refine.pdbx_overall_phase_error                 ? 
_refine.pdbx_TLS_residual_ADP_flag               'LIKELY RESIDUAL' 
_refine.pdbx_diffrn_id                           1 
_refine.pdbx_overall_SU_R_free_Cruickshank_DPI   ? 
_refine.pdbx_overall_SU_R_Blow_DPI               ? 
_refine.pdbx_overall_SU_R_free_Blow_DPI          ? 
# 
_refine_hist.pdbx_refine_id                   'X-RAY DIFFRACTION' 
_refine_hist.cycle_id                         LAST 
_refine_hist.pdbx_number_atoms_protein        775 
_refine_hist.pdbx_number_atoms_nucleic_acid   0 
_refine_hist.pdbx_number_atoms_ligand         3 
_refine_hist.number_atoms_solvent             116 
_refine_hist.number_atoms_total               894 
_refine_hist.d_res_high                       1.70 
_refine_hist.d_res_low                        17.99 
# 
loop_
_refine_ls_restr.type 
_refine_ls_restr.dev_ideal 
_refine_ls_restr.dev_ideal_target 
_refine_ls_restr.weight 
_refine_ls_restr.number 
_refine_ls_restr.pdbx_refine_id 
_refine_ls_restr.pdbx_restraint_function 
r_bond_refined_d             0.012  0.022  ? 833  'X-RAY DIFFRACTION' ? 
r_bond_other_d               ?      ?      ? ?    'X-RAY DIFFRACTION' ? 
r_angle_refined_deg          1.209  1.980  ? 1128 'X-RAY DIFFRACTION' ? 
r_angle_other_deg            ?      ?      ? ?    'X-RAY DIFFRACTION' ? 
r_dihedral_angle_1_deg       3.612  5.000  ? 113  'X-RAY DIFFRACTION' ? 
r_dihedral_angle_2_deg       22.185 24.103 ? 39   'X-RAY DIFFRACTION' ? 
r_dihedral_angle_3_deg       12.639 15.000 ? 160  'X-RAY DIFFRACTION' ? 
r_dihedral_angle_4_deg       13.351 15.000 ? 8    'X-RAY DIFFRACTION' ? 
r_chiral_restr               0.079  0.200  ? 122  'X-RAY DIFFRACTION' ? 
r_gen_planes_refined         0.004  0.020  ? 636  'X-RAY DIFFRACTION' ? 
r_gen_planes_other           ?      ?      ? ?    'X-RAY DIFFRACTION' ? 
r_nbd_refined                0.210  0.200  ? 437  'X-RAY DIFFRACTION' ? 
r_nbd_other                  ?      ?      ? ?    'X-RAY DIFFRACTION' ? 
r_nbtor_refined              0.302  0.200  ? 582  'X-RAY DIFFRACTION' ? 
r_nbtor_other                ?      ?      ? ?    'X-RAY DIFFRACTION' ? 
r_xyhbond_nbd_refined        0.147  0.200  ? 78   'X-RAY DIFFRACTION' ? 
r_xyhbond_nbd_other          ?      ?      ? ?    'X-RAY DIFFRACTION' ? 
r_metal_ion_refined          ?      ?      ? ?    'X-RAY DIFFRACTION' ? 
r_metal_ion_other            ?      ?      ? ?    'X-RAY DIFFRACTION' ? 
r_symmetry_vdw_refined       0.241  0.200  ? 56   'X-RAY DIFFRACTION' ? 
r_symmetry_vdw_other         ?      ?      ? ?    'X-RAY DIFFRACTION' ? 
r_symmetry_hbond_refined     0.210  0.200  ? 12   'X-RAY DIFFRACTION' ? 
r_symmetry_hbond_other       ?      ?      ? ?    'X-RAY DIFFRACTION' ? 
r_symmetry_metal_ion_refined ?      ?      ? ?    'X-RAY DIFFRACTION' ? 
r_symmetry_metal_ion_other   ?      ?      ? ?    'X-RAY DIFFRACTION' ? 
r_mcbond_it                  0.827  1.500  ? 541  'X-RAY DIFFRACTION' ? 
r_mcbond_other               ?      ?      ? ?    'X-RAY DIFFRACTION' ? 
r_mcangle_it                 1.099  2.000  ? 841  'X-RAY DIFFRACTION' ? 
r_scbond_it                  2.033  3.000  ? 325  'X-RAY DIFFRACTION' ? 
r_scangle_it                 3.364  4.500  ? 280  'X-RAY DIFFRACTION' ? 
r_rigid_bond_restr           ?      ?      ? ?    'X-RAY DIFFRACTION' ? 
r_sphericity_free            ?      ?      ? ?    'X-RAY DIFFRACTION' ? 
r_sphericity_bonded          ?      ?      ? ?    'X-RAY DIFFRACTION' ? 
# 
_refine_ls_shell.pdbx_total_number_of_bins_used   20 
_refine_ls_shell.d_res_high                       1.700 
_refine_ls_shell.d_res_low                        1.744 
_refine_ls_shell.number_reflns_R_work             958 
_refine_ls_shell.R_factor_R_work                  0.248 
_refine_ls_shell.percent_reflns_obs               99.02 
_refine_ls_shell.R_factor_R_free                  0.255 
_refine_ls_shell.R_factor_R_free_error            ? 
_refine_ls_shell.percent_reflns_R_free            ? 
_refine_ls_shell.number_reflns_R_free             52 
_refine_ls_shell.number_reflns_all                ? 
_refine_ls_shell.R_factor_all                     ? 
_refine_ls_shell.number_reflns_obs                959 
_refine_ls_shell.redundancy_reflns_obs            ? 
_refine_ls_shell.pdbx_refine_id                   'X-RAY DIFFRACTION' 
# 
_struct.entry_id                  3FAJ 
_struct.title                     'Structure of the structural protein P131 of the archaeal virus Acidianus Two-tailed virus (ATV)' 
_struct.pdbx_model_details        ? 
_struct.pdbx_CASP_flag            ? 
_struct.pdbx_model_type_details   ? 
# 
_struct_keywords.entry_id        3FAJ 
_struct_keywords.pdbx_keywords   'STRUCTURAL PROTEIN' 
_struct_keywords.text            'archaeal virus, extremophiles, bicaudavirus, structural protein, DNA-binding protein' 
# 
loop_
_struct_asym.id 
_struct_asym.pdbx_blank_PDB_chainid_flag 
_struct_asym.pdbx_modified 
_struct_asym.entity_id 
_struct_asym.details 
A N N 1 ? 
B N N 2 ? 
C N N 2 ? 
D N N 2 ? 
E N N 3 ? 
# 
_struct_ref.id                         1 
_struct_ref.db_name                    UNP 
_struct_ref.db_code                    Q3V4Q3_9VIRU 
_struct_ref.pdbx_db_accession          Q3V4Q3 
_struct_ref.entity_id                  1 
_struct_ref.pdbx_seq_one_letter_code   
;MAKYEPKKGDYAGGAVKILDMFENGQLGYPEVTLKLAGEEANARRAGDERTKEAIHAIVKMISDAMKPYRNKGSGFQSQP
IPGEVIAQVTSNPEYQQAKAFLASPATQVRNIEREEVLSKGAKKLAQAMAS
;
_struct_ref.pdbx_align_begin           1 
_struct_ref.pdbx_db_isoform            ? 
# 
_struct_ref_seq.align_id                      1 
_struct_ref_seq.ref_id                        1 
_struct_ref_seq.pdbx_PDB_id_code              3FAJ 
_struct_ref_seq.pdbx_strand_id                A 
_struct_ref_seq.seq_align_beg                 21 
_struct_ref_seq.pdbx_seq_align_beg_ins_code   ? 
_struct_ref_seq.seq_align_end                 151 
_struct_ref_seq.pdbx_seq_align_end_ins_code   ? 
_struct_ref_seq.pdbx_db_accession             Q3V4Q3 
_struct_ref_seq.db_align_beg                  1 
_struct_ref_seq.pdbx_db_align_beg_ins_code    ? 
_struct_ref_seq.db_align_end                  131 
_struct_ref_seq.pdbx_db_align_end_ins_code    ? 
_struct_ref_seq.pdbx_auth_seq_align_beg       1 
_struct_ref_seq.pdbx_auth_seq_align_end       131 
# 
loop_
_struct_ref_seq_dif.align_id 
_struct_ref_seq_dif.pdbx_pdb_id_code 
_struct_ref_seq_dif.mon_id 
_struct_ref_seq_dif.pdbx_pdb_strand_id 
_struct_ref_seq_dif.seq_num 
_struct_ref_seq_dif.pdbx_pdb_ins_code 
_struct_ref_seq_dif.pdbx_seq_db_name 
_struct_ref_seq_dif.pdbx_seq_db_accession_code 
_struct_ref_seq_dif.db_mon_id 
_struct_ref_seq_dif.pdbx_seq_db_seq_num 
_struct_ref_seq_dif.details 
_struct_ref_seq_dif.pdbx_auth_seq_num 
_struct_ref_seq_dif.pdbx_ordinal 
1 3FAJ MET A 1  ? UNP Q3V4Q3 ? ? 'expression tag' -19 1  
1 3FAJ GLY A 2  ? UNP Q3V4Q3 ? ? 'expression tag' -18 2  
1 3FAJ SER A 3  ? UNP Q3V4Q3 ? ? 'expression tag' -17 3  
1 3FAJ SER A 4  ? UNP Q3V4Q3 ? ? 'expression tag' -16 4  
1 3FAJ HIS A 5  ? UNP Q3V4Q3 ? ? 'expression tag' -15 5  
1 3FAJ HIS A 6  ? UNP Q3V4Q3 ? ? 'expression tag' -14 6  
1 3FAJ HIS A 7  ? UNP Q3V4Q3 ? ? 'expression tag' -13 7  
1 3FAJ HIS A 8  ? UNP Q3V4Q3 ? ? 'expression tag' -12 8  
1 3FAJ HIS A 9  ? UNP Q3V4Q3 ? ? 'expression tag' -11 9  
1 3FAJ HIS A 10 ? UNP Q3V4Q3 ? ? 'expression tag' -10 10 
1 3FAJ SER A 11 ? UNP Q3V4Q3 ? ? 'expression tag' -9  11 
1 3FAJ SER A 12 ? UNP Q3V4Q3 ? ? 'expression tag' -8  12 
1 3FAJ GLY A 13 ? UNP Q3V4Q3 ? ? 'expression tag' -7  13 
1 3FAJ LEU A 14 ? UNP Q3V4Q3 ? ? 'expression tag' -6  14 
1 3FAJ VAL A 15 ? UNP Q3V4Q3 ? ? 'expression tag' -5  15 
1 3FAJ PRO A 16 ? UNP Q3V4Q3 ? ? 'expression tag' -4  16 
1 3FAJ ARG A 17 ? UNP Q3V4Q3 ? ? 'expression tag' -3  17 
1 3FAJ GLY A 18 ? UNP Q3V4Q3 ? ? 'expression tag' -2  18 
1 3FAJ SER A 19 ? UNP Q3V4Q3 ? ? 'expression tag' -1  19 
1 3FAJ HIS A 20 ? UNP Q3V4Q3 ? ? 'expression tag' 0   20 
# 
_pdbx_struct_assembly.id                   1 
_pdbx_struct_assembly.details              author_and_software_defined_assembly 
_pdbx_struct_assembly.method_details       PISA 
_pdbx_struct_assembly.oligomeric_details   monomeric 
_pdbx_struct_assembly.oligomeric_count     1 
# 
_pdbx_struct_assembly_gen.assembly_id       1 
_pdbx_struct_assembly_gen.oper_expression   1 
_pdbx_struct_assembly_gen.asym_id_list      A,B,C,D,E 
# 
_pdbx_struct_oper_list.id                   1 
_pdbx_struct_oper_list.type                 'identity operation' 
_pdbx_struct_oper_list.name                 1_555 
_pdbx_struct_oper_list.symmetry_operation   x,y,z 
_pdbx_struct_oper_list.matrix[1][1]         1.0000000000 
_pdbx_struct_oper_list.matrix[1][2]         0.0000000000 
_pdbx_struct_oper_list.matrix[1][3]         0.0000000000 
_pdbx_struct_oper_list.vector[1]            0.0000000000 
_pdbx_struct_oper_list.matrix[2][1]         0.0000000000 
_pdbx_struct_oper_list.matrix[2][2]         1.0000000000 
_pdbx_struct_oper_list.matrix[2][3]         0.0000000000 
_pdbx_struct_oper_list.vector[2]            0.0000000000 
_pdbx_struct_oper_list.matrix[3][1]         0.0000000000 
_pdbx_struct_oper_list.matrix[3][2]         0.0000000000 
_pdbx_struct_oper_list.matrix[3][3]         1.0000000000 
_pdbx_struct_oper_list.vector[3]            0.0000000000 
# 
loop_
_struct_conf.conf_type_id 
_struct_conf.id 
_struct_conf.pdbx_PDB_helix_id 
_struct_conf.beg_label_comp_id 
_struct_conf.beg_label_asym_id 
_struct_conf.beg_label_seq_id 
_struct_conf.pdbx_beg_PDB_ins_code 
_struct_conf.end_label_comp_id 
_struct_conf.end_label_asym_id 
_struct_conf.end_label_seq_id 
_struct_conf.pdbx_end_PDB_ins_code 
_struct_conf.beg_auth_comp_id 
_struct_conf.beg_auth_asym_id 
_struct_conf.beg_auth_seq_id 
_struct_conf.end_auth_comp_id 
_struct_conf.end_auth_asym_id 
_struct_conf.end_auth_seq_id 
_struct_conf.pdbx_PDB_helix_class 
_struct_conf.details 
_struct_conf.pdbx_PDB_helix_length 
HELX_P HELX_P1 1 ASP A 30  ? ASN A 44  ? ASP A 10  ASN A 24  1 ? 15 
HELX_P HELX_P2 2 PRO A 50  ? GLY A 67  ? PRO A 30  GLY A 47  1 ? 18 
HELX_P HELX_P3 3 ASP A 68  ? LYS A 87  ? ASP A 48  LYS A 67  1 ? 20 
HELX_P HELX_P4 4 PRO A 88  ? ARG A 90  ? PRO A 68  ARG A 70  5 ? 3  
HELX_P HELX_P5 5 PRO A 102 ? ASN A 112 ? PRO A 82  ASN A 92  1 ? 11 
HELX_P HELX_P6 6 ASN A 112 ? SER A 124 ? ASN A 92  SER A 104 1 ? 13 
HELX_P HELX_P7 7 SER A 124 ? GLU A 133 ? SER A 104 GLU A 113 1 ? 10 
# 
_struct_conf_type.id          HELX_P 
_struct_conf_type.criteria    ? 
_struct_conf_type.reference   ? 
# 
_struct_mon_prot_cis.pdbx_id                1 
_struct_mon_prot_cis.label_comp_id          TYR 
_struct_mon_prot_cis.label_seq_id           49 
_struct_mon_prot_cis.label_asym_id          A 
_struct_mon_prot_cis.label_alt_id           . 
_struct_mon_prot_cis.pdbx_PDB_ins_code      ? 
_struct_mon_prot_cis.auth_comp_id           TYR 
_struct_mon_prot_cis.auth_seq_id            29 
_struct_mon_prot_cis.auth_asym_id           A 
_struct_mon_prot_cis.pdbx_label_comp_id_2   PRO 
_struct_mon_prot_cis.pdbx_label_seq_id_2    50 
_struct_mon_prot_cis.pdbx_label_asym_id_2   A 
_struct_mon_prot_cis.pdbx_PDB_ins_code_2    ? 
_struct_mon_prot_cis.pdbx_auth_comp_id_2    PRO 
_struct_mon_prot_cis.pdbx_auth_seq_id_2     30 
_struct_mon_prot_cis.pdbx_auth_asym_id_2    A 
_struct_mon_prot_cis.pdbx_PDB_model_num     1 
_struct_mon_prot_cis.pdbx_omega_angle       4.78 
# 
_struct_sheet.id               A 
_struct_sheet.type             ? 
_struct_sheet.number_strands   2 
_struct_sheet.details          ? 
# 
_struct_sheet_order.sheet_id     A 
_struct_sheet_order.range_id_1   1 
_struct_sheet_order.range_id_2   2 
_struct_sheet_order.offset       ? 
_struct_sheet_order.sense        anti-parallel 
# 
loop_
_struct_sheet_range.sheet_id 
_struct_sheet_range.id 
_struct_sheet_range.beg_label_comp_id 
_struct_sheet_range.beg_label_asym_id 
_struct_sheet_range.beg_label_seq_id 
_struct_sheet_range.pdbx_beg_PDB_ins_code 
_struct_sheet_range.end_label_comp_id 
_struct_sheet_range.end_label_asym_id 
_struct_sheet_range.end_label_seq_id 
_struct_sheet_range.pdbx_end_PDB_ins_code 
_struct_sheet_range.beg_auth_comp_id 
_struct_sheet_range.beg_auth_asym_id 
_struct_sheet_range.beg_auth_seq_id 
_struct_sheet_range.end_auth_comp_id 
_struct_sheet_range.end_auth_asym_id 
_struct_sheet_range.end_auth_seq_id 
A 1 GLY A 48 ? TYR A 49  ? GLY A 28 TYR A 29 
A 2 GLN A 99 ? PRO A 100 ? GLN A 79 PRO A 80 
# 
_pdbx_struct_sheet_hbond.sheet_id                A 
_pdbx_struct_sheet_hbond.range_id_1              1 
_pdbx_struct_sheet_hbond.range_id_2              2 
_pdbx_struct_sheet_hbond.range_1_label_atom_id   N 
_pdbx_struct_sheet_hbond.range_1_label_comp_id   TYR 
_pdbx_struct_sheet_hbond.range_1_label_asym_id   A 
_pdbx_struct_sheet_hbond.range_1_label_seq_id    49 
_pdbx_struct_sheet_hbond.range_1_PDB_ins_code    ? 
_pdbx_struct_sheet_hbond.range_1_auth_atom_id    N 
_pdbx_struct_sheet_hbond.range_1_auth_comp_id    TYR 
_pdbx_struct_sheet_hbond.range_1_auth_asym_id    A 
_pdbx_struct_sheet_hbond.range_1_auth_seq_id     29 
_pdbx_struct_sheet_hbond.range_2_label_atom_id   O 
_pdbx_struct_sheet_hbond.range_2_label_comp_id   GLN 
_pdbx_struct_sheet_hbond.range_2_label_asym_id   A 
_pdbx_struct_sheet_hbond.range_2_label_seq_id    99 
_pdbx_struct_sheet_hbond.range_2_PDB_ins_code    ? 
_pdbx_struct_sheet_hbond.range_2_auth_atom_id    O 
_pdbx_struct_sheet_hbond.range_2_auth_comp_id    GLN 
_pdbx_struct_sheet_hbond.range_2_auth_asym_id    A 
_pdbx_struct_sheet_hbond.range_2_auth_seq_id     79 
# 
loop_
_struct_site.id 
_struct_site.pdbx_evidence_code 
_struct_site.pdbx_auth_asym_id 
_struct_site.pdbx_auth_comp_id 
_struct_site.pdbx_auth_seq_id 
_struct_site.pdbx_auth_ins_code 
_struct_site.pdbx_num_residues 
_struct_site.details 
AC1 Software A CL 132 ? 4 'BINDING SITE FOR RESIDUE CL A 132' 
AC2 Software A CL 133 ? 3 'BINDING SITE FOR RESIDUE CL A 133' 
AC3 Software A CL 134 ? 3 'BINDING SITE FOR RESIDUE CL A 134' 
# 
loop_
_struct_site_gen.id 
_struct_site_gen.site_id 
_struct_site_gen.pdbx_num_res 
_struct_site_gen.label_comp_id 
_struct_site_gen.label_asym_id 
_struct_site_gen.label_seq_id 
_struct_site_gen.pdbx_auth_ins_code 
_struct_site_gen.auth_comp_id 
_struct_site_gen.auth_asym_id 
_struct_site_gen.auth_seq_id 
_struct_site_gen.label_atom_id 
_struct_site_gen.label_alt_id 
_struct_site_gen.symmetry 
_struct_site_gen.details 
1  AC1 4 ASP A 68  ? ASP A 48  . ? 1_555 ? 
2  AC1 4 THR A 71  ? THR A 51  . ? 1_555 ? 
3  AC1 4 ARG A 130 ? ARG A 110 . ? 1_555 ? 
4  AC1 4 ASN A 131 ? ASN A 111 . ? 1_555 ? 
5  AC2 3 GLN A 108 ? GLN A 88  . ? 1_555 ? 
6  AC2 3 ASN A 112 ? ASN A 92  . ? 1_555 ? 
7  AC2 3 HOH E .   ? HOH A 184 . ? 1_555 ? 
8  AC3 3 GLU A 69  ? GLU A 49  . ? 1_555 ? 
9  AC3 3 LYS A 72  ? LYS A 52  . ? 1_555 ? 
10 AC3 3 HOH E .   ? HOH A 250 . ? 1_555 ? 
# 
_pdbx_refine_tls.id               1 
_pdbx_refine_tls.details          ? 
_pdbx_refine_tls.method           refined 
_pdbx_refine_tls.origin_x         -0.2502 
_pdbx_refine_tls.origin_y         -0.0470 
_pdbx_refine_tls.origin_z         0.1112 
_pdbx_refine_tls.T[1][1]          -0.2239 
_pdbx_refine_tls.T[2][2]          -0.1779 
_pdbx_refine_tls.T[3][3]          -0.1726 
_pdbx_refine_tls.T[1][2]          -0.0093 
_pdbx_refine_tls.T[1][3]          -0.0008 
_pdbx_refine_tls.T[2][3]          -0.0158 
_pdbx_refine_tls.L[1][1]          2.2332 
_pdbx_refine_tls.L[2][2]          3.8624 
_pdbx_refine_tls.L[3][3]          3.6555 
_pdbx_refine_tls.L[1][2]          0.2592 
_pdbx_refine_tls.L[1][3]          0.1428 
_pdbx_refine_tls.L[2][3]          -1.3478 
_pdbx_refine_tls.S[1][1]          -0.0125 
_pdbx_refine_tls.S[1][2]          0.1291 
_pdbx_refine_tls.S[1][3]          0.0054 
_pdbx_refine_tls.S[2][1]          -0.1018 
_pdbx_refine_tls.S[2][2]          0.0474 
_pdbx_refine_tls.S[2][3]          -0.0309 
_pdbx_refine_tls.S[3][1]          0.1219 
_pdbx_refine_tls.S[3][2]          -0.0555 
_pdbx_refine_tls.S[3][3]          -0.0349 
_pdbx_refine_tls.pdbx_refine_id   'X-RAY DIFFRACTION' 
# 
_pdbx_refine_tls_group.id                  1 
_pdbx_refine_tls_group.refine_tls_id       1 
_pdbx_refine_tls_group.beg_auth_asym_id    A 
_pdbx_refine_tls_group.beg_auth_seq_id     8 
_pdbx_refine_tls_group.beg_label_asym_id   ? 
_pdbx_refine_tls_group.beg_label_seq_id    ? 
_pdbx_refine_tls_group.end_auth_asym_id    A 
_pdbx_refine_tls_group.end_auth_seq_id     114 
_pdbx_refine_tls_group.end_label_asym_id   ? 
_pdbx_refine_tls_group.end_label_seq_id    ? 
_pdbx_refine_tls_group.selection           ? 
_pdbx_refine_tls_group.selection_details   ? 
_pdbx_refine_tls_group.pdbx_refine_id      'X-RAY DIFFRACTION' 
# 
loop_
_pdbx_unobs_or_zero_occ_residues.id 
_pdbx_unobs_or_zero_occ_residues.PDB_model_num 
_pdbx_unobs_or_zero_occ_residues.polymer_flag 
_pdbx_unobs_or_zero_occ_residues.occupancy_flag 
_pdbx_unobs_or_zero_occ_residues.auth_asym_id 
_pdbx_unobs_or_zero_occ_residues.auth_comp_id 
_pdbx_unobs_or_zero_occ_residues.auth_seq_id 
_pdbx_unobs_or_zero_occ_residues.PDB_ins_code 
_pdbx_unobs_or_zero_occ_residues.label_asym_id 
_pdbx_unobs_or_zero_occ_residues.label_comp_id 
_pdbx_unobs_or_zero_occ_residues.label_seq_id 
1  1 Y 1 A MET -19 ? A MET 1   
2  1 Y 1 A GLY -18 ? A GLY 2   
3  1 Y 1 A SER -17 ? A SER 3   
4  1 Y 1 A SER -16 ? A SER 4   
5  1 Y 1 A HIS -15 ? A HIS 5   
6  1 Y 1 A HIS -14 ? A HIS 6   
7  1 Y 1 A HIS -13 ? A HIS 7   
8  1 Y 1 A HIS -12 ? A HIS 8   
9  1 Y 1 A HIS -11 ? A HIS 9   
10 1 Y 1 A HIS -10 ? A HIS 10  
11 1 Y 1 A SER -9  ? A SER 11  
12 1 Y 1 A SER -8  ? A SER 12  
13 1 Y 1 A GLY -7  ? A GLY 13  
14 1 Y 1 A LEU -6  ? A LEU 14  
15 1 Y 1 A VAL -5  ? A VAL 15  
16 1 Y 1 A PRO -4  ? A PRO 16  
17 1 Y 1 A ARG -3  ? A ARG 17  
18 1 Y 1 A GLY -2  ? A GLY 18  
19 1 Y 1 A SER -1  ? A SER 19  
20 1 Y 1 A HIS 0   ? A HIS 20  
21 1 Y 1 A MET 1   ? A MET 21  
22 1 Y 1 A ALA 2   ? A ALA 22  
23 1 Y 1 A LYS 3   ? A LYS 23  
24 1 Y 1 A TYR 4   ? A TYR 24  
25 1 Y 1 A GLU 5   ? A GLU 25  
26 1 Y 1 A PRO 6   ? A PRO 26  
27 1 Y 1 A ASN 71  ? A ASN 91  
28 1 Y 1 A LYS 72  ? A LYS 92  
29 1 Y 1 A GLY 73  ? A GLY 93  
30 1 Y 1 A SER 74  ? A SER 94  
31 1 Y 1 A GLY 75  ? A GLY 95  
32 1 Y 1 A PHE 76  ? A PHE 96  
33 1 Y 1 A GLN 77  ? A GLN 97  
34 1 Y 1 A GLU 115 ? A GLU 135 
35 1 Y 1 A GLU 116 ? A GLU 136 
36 1 Y 1 A VAL 117 ? A VAL 137 
37 1 Y 1 A LEU 118 ? A LEU 138 
38 1 Y 1 A SER 119 ? A SER 139 
39 1 Y 1 A LYS 120 ? A LYS 140 
40 1 Y 1 A GLY 121 ? A GLY 141 
41 1 Y 1 A ALA 122 ? A ALA 142 
42 1 Y 1 A LYS 123 ? A LYS 143 
43 1 Y 1 A LYS 124 ? A LYS 144 
44 1 Y 1 A LEU 125 ? A LEU 145 
45 1 Y 1 A ALA 126 ? A ALA 146 
46 1 Y 1 A GLN 127 ? A GLN 147 
47 1 Y 1 A ALA 128 ? A ALA 148 
48 1 Y 1 A MET 129 ? A MET 149 
49 1 Y 1 A ALA 130 ? A ALA 150 
50 1 Y 1 A SER 131 ? A SER 151 
# 
loop_
_chem_comp_atom.comp_id 
_chem_comp_atom.atom_id 
_chem_comp_atom.type_symbol 
_chem_comp_atom.pdbx_aromatic_flag 
_chem_comp_atom.pdbx_stereo_config 
_chem_comp_atom.pdbx_ordinal 
ALA N    N  N N 1   
ALA CA   C  N S 2   
ALA C    C  N N 3   
ALA O    O  N N 4   
ALA CB   C  N N 5   
ALA OXT  O  N N 6   
ALA H    H  N N 7   
ALA H2   H  N N 8   
ALA HA   H  N N 9   
ALA HB1  H  N N 10  
ALA HB2  H  N N 11  
ALA HB3  H  N N 12  
ALA HXT  H  N N 13  
ARG N    N  N N 14  
ARG CA   C  N S 15  
ARG C    C  N N 16  
ARG O    O  N N 17  
ARG CB   C  N N 18  
ARG CG   C  N N 19  
ARG CD   C  N N 20  
ARG NE   N  N N 21  
ARG CZ   C  N N 22  
ARG NH1  N  N N 23  
ARG NH2  N  N N 24  
ARG OXT  O  N N 25  
ARG H    H  N N 26  
ARG H2   H  N N 27  
ARG HA   H  N N 28  
ARG HB2  H  N N 29  
ARG HB3  H  N N 30  
ARG HG2  H  N N 31  
ARG HG3  H  N N 32  
ARG HD2  H  N N 33  
ARG HD3  H  N N 34  
ARG HE   H  N N 35  
ARG HH11 H  N N 36  
ARG HH12 H  N N 37  
ARG HH21 H  N N 38  
ARG HH22 H  N N 39  
ARG HXT  H  N N 40  
ASN N    N  N N 41  
ASN CA   C  N S 42  
ASN C    C  N N 43  
ASN O    O  N N 44  
ASN CB   C  N N 45  
ASN CG   C  N N 46  
ASN OD1  O  N N 47  
ASN ND2  N  N N 48  
ASN OXT  O  N N 49  
ASN H    H  N N 50  
ASN H2   H  N N 51  
ASN HA   H  N N 52  
ASN HB2  H  N N 53  
ASN HB3  H  N N 54  
ASN HD21 H  N N 55  
ASN HD22 H  N N 56  
ASN HXT  H  N N 57  
ASP N    N  N N 58  
ASP CA   C  N S 59  
ASP C    C  N N 60  
ASP O    O  N N 61  
ASP CB   C  N N 62  
ASP CG   C  N N 63  
ASP OD1  O  N N 64  
ASP OD2  O  N N 65  
ASP OXT  O  N N 66  
ASP H    H  N N 67  
ASP H2   H  N N 68  
ASP HA   H  N N 69  
ASP HB2  H  N N 70  
ASP HB3  H  N N 71  
ASP HD2  H  N N 72  
ASP HXT  H  N N 73  
CL  CL   CL N N 74  
GLN N    N  N N 75  
GLN CA   C  N S 76  
GLN C    C  N N 77  
GLN O    O  N N 78  
GLN CB   C  N N 79  
GLN CG   C  N N 80  
GLN CD   C  N N 81  
GLN OE1  O  N N 82  
GLN NE2  N  N N 83  
GLN OXT  O  N N 84  
GLN H    H  N N 85  
GLN H2   H  N N 86  
GLN HA   H  N N 87  
GLN HB2  H  N N 88  
GLN HB3  H  N N 89  
GLN HG2  H  N N 90  
GLN HG3  H  N N 91  
GLN HE21 H  N N 92  
GLN HE22 H  N N 93  
GLN HXT  H  N N 94  
GLU N    N  N N 95  
GLU CA   C  N S 96  
GLU C    C  N N 97  
GLU O    O  N N 98  
GLU CB   C  N N 99  
GLU CG   C  N N 100 
GLU CD   C  N N 101 
GLU OE1  O  N N 102 
GLU OE2  O  N N 103 
GLU OXT  O  N N 104 
GLU H    H  N N 105 
GLU H2   H  N N 106 
GLU HA   H  N N 107 
GLU HB2  H  N N 108 
GLU HB3  H  N N 109 
GLU HG2  H  N N 110 
GLU HG3  H  N N 111 
GLU HE2  H  N N 112 
GLU HXT  H  N N 113 
GLY N    N  N N 114 
GLY CA   C  N N 115 
GLY C    C  N N 116 
GLY O    O  N N 117 
GLY OXT  O  N N 118 
GLY H    H  N N 119 
GLY H2   H  N N 120 
GLY HA2  H  N N 121 
GLY HA3  H  N N 122 
GLY HXT  H  N N 123 
HIS N    N  N N 124 
HIS CA   C  N S 125 
HIS C    C  N N 126 
HIS O    O  N N 127 
HIS CB   C  N N 128 
HIS CG   C  Y N 129 
HIS ND1  N  Y N 130 
HIS CD2  C  Y N 131 
HIS CE1  C  Y N 132 
HIS NE2  N  Y N 133 
HIS OXT  O  N N 134 
HIS H    H  N N 135 
HIS H2   H  N N 136 
HIS HA   H  N N 137 
HIS HB2  H  N N 138 
HIS HB3  H  N N 139 
HIS HD1  H  N N 140 
HIS HD2  H  N N 141 
HIS HE1  H  N N 142 
HIS HE2  H  N N 143 
HIS HXT  H  N N 144 
HOH O    O  N N 145 
HOH H1   H  N N 146 
HOH H2   H  N N 147 
ILE N    N  N N 148 
ILE CA   C  N S 149 
ILE C    C  N N 150 
ILE O    O  N N 151 
ILE CB   C  N S 152 
ILE CG1  C  N N 153 
ILE CG2  C  N N 154 
ILE CD1  C  N N 155 
ILE OXT  O  N N 156 
ILE H    H  N N 157 
ILE H2   H  N N 158 
ILE HA   H  N N 159 
ILE HB   H  N N 160 
ILE HG12 H  N N 161 
ILE HG13 H  N N 162 
ILE HG21 H  N N 163 
ILE HG22 H  N N 164 
ILE HG23 H  N N 165 
ILE HD11 H  N N 166 
ILE HD12 H  N N 167 
ILE HD13 H  N N 168 
ILE HXT  H  N N 169 
LEU N    N  N N 170 
LEU CA   C  N S 171 
LEU C    C  N N 172 
LEU O    O  N N 173 
LEU CB   C  N N 174 
LEU CG   C  N N 175 
LEU CD1  C  N N 176 
LEU CD2  C  N N 177 
LEU OXT  O  N N 178 
LEU H    H  N N 179 
LEU H2   H  N N 180 
LEU HA   H  N N 181 
LEU HB2  H  N N 182 
LEU HB3  H  N N 183 
LEU HG   H  N N 184 
LEU HD11 H  N N 185 
LEU HD12 H  N N 186 
LEU HD13 H  N N 187 
LEU HD21 H  N N 188 
LEU HD22 H  N N 189 
LEU HD23 H  N N 190 
LEU HXT  H  N N 191 
LYS N    N  N N 192 
LYS CA   C  N S 193 
LYS C    C  N N 194 
LYS O    O  N N 195 
LYS CB   C  N N 196 
LYS CG   C  N N 197 
LYS CD   C  N N 198 
LYS CE   C  N N 199 
LYS NZ   N  N N 200 
LYS OXT  O  N N 201 
LYS H    H  N N 202 
LYS H2   H  N N 203 
LYS HA   H  N N 204 
LYS HB2  H  N N 205 
LYS HB3  H  N N 206 
LYS HG2  H  N N 207 
LYS HG3  H  N N 208 
LYS HD2  H  N N 209 
LYS HD3  H  N N 210 
LYS HE2  H  N N 211 
LYS HE3  H  N N 212 
LYS HZ1  H  N N 213 
LYS HZ2  H  N N 214 
LYS HZ3  H  N N 215 
LYS HXT  H  N N 216 
MET N    N  N N 217 
MET CA   C  N S 218 
MET C    C  N N 219 
MET O    O  N N 220 
MET CB   C  N N 221 
MET CG   C  N N 222 
MET SD   S  N N 223 
MET CE   C  N N 224 
MET OXT  O  N N 225 
MET H    H  N N 226 
MET H2   H  N N 227 
MET HA   H  N N 228 
MET HB2  H  N N 229 
MET HB3  H  N N 230 
MET HG2  H  N N 231 
MET HG3  H  N N 232 
MET HE1  H  N N 233 
MET HE2  H  N N 234 
MET HE3  H  N N 235 
MET HXT  H  N N 236 
PHE N    N  N N 237 
PHE CA   C  N S 238 
PHE C    C  N N 239 
PHE O    O  N N 240 
PHE CB   C  N N 241 
PHE CG   C  Y N 242 
PHE CD1  C  Y N 243 
PHE CD2  C  Y N 244 
PHE CE1  C  Y N 245 
PHE CE2  C  Y N 246 
PHE CZ   C  Y N 247 
PHE OXT  O  N N 248 
PHE H    H  N N 249 
PHE H2   H  N N 250 
PHE HA   H  N N 251 
PHE HB2  H  N N 252 
PHE HB3  H  N N 253 
PHE HD1  H  N N 254 
PHE HD2  H  N N 255 
PHE HE1  H  N N 256 
PHE HE2  H  N N 257 
PHE HZ   H  N N 258 
PHE HXT  H  N N 259 
PRO N    N  N N 260 
PRO CA   C  N S 261 
PRO C    C  N N 262 
PRO O    O  N N 263 
PRO CB   C  N N 264 
PRO CG   C  N N 265 
PRO CD   C  N N 266 
PRO OXT  O  N N 267 
PRO H    H  N N 268 
PRO HA   H  N N 269 
PRO HB2  H  N N 270 
PRO HB3  H  N N 271 
PRO HG2  H  N N 272 
PRO HG3  H  N N 273 
PRO HD2  H  N N 274 
PRO HD3  H  N N 275 
PRO HXT  H  N N 276 
SER N    N  N N 277 
SER CA   C  N S 278 
SER C    C  N N 279 
SER O    O  N N 280 
SER CB   C  N N 281 
SER OG   O  N N 282 
SER OXT  O  N N 283 
SER H    H  N N 284 
SER H2   H  N N 285 
SER HA   H  N N 286 
SER HB2  H  N N 287 
SER HB3  H  N N 288 
SER HG   H  N N 289 
SER HXT  H  N N 290 
THR N    N  N N 291 
THR CA   C  N S 292 
THR C    C  N N 293 
THR O    O  N N 294 
THR CB   C  N R 295 
THR OG1  O  N N 296 
THR CG2  C  N N 297 
THR OXT  O  N N 298 
THR H    H  N N 299 
THR H2   H  N N 300 
THR HA   H  N N 301 
THR HB   H  N N 302 
THR HG1  H  N N 303 
THR HG21 H  N N 304 
THR HG22 H  N N 305 
THR HG23 H  N N 306 
THR HXT  H  N N 307 
TYR N    N  N N 308 
TYR CA   C  N S 309 
TYR C    C  N N 310 
TYR O    O  N N 311 
TYR CB   C  N N 312 
TYR CG   C  Y N 313 
TYR CD1  C  Y N 314 
TYR CD2  C  Y N 315 
TYR CE1  C  Y N 316 
TYR CE2  C  Y N 317 
TYR CZ   C  Y N 318 
TYR OH   O  N N 319 
TYR OXT  O  N N 320 
TYR H    H  N N 321 
TYR H2   H  N N 322 
TYR HA   H  N N 323 
TYR HB2  H  N N 324 
TYR HB3  H  N N 325 
TYR HD1  H  N N 326 
TYR HD2  H  N N 327 
TYR HE1  H  N N 328 
TYR HE2  H  N N 329 
TYR HH   H  N N 330 
TYR HXT  H  N N 331 
VAL N    N  N N 332 
VAL CA   C  N S 333 
VAL C    C  N N 334 
VAL O    O  N N 335 
VAL CB   C  N N 336 
VAL CG1  C  N N 337 
VAL CG2  C  N N 338 
VAL OXT  O  N N 339 
VAL H    H  N N 340 
VAL H2   H  N N 341 
VAL HA   H  N N 342 
VAL HB   H  N N 343 
VAL HG11 H  N N 344 
VAL HG12 H  N N 345 
VAL HG13 H  N N 346 
VAL HG21 H  N N 347 
VAL HG22 H  N N 348 
VAL HG23 H  N N 349 
VAL HXT  H  N N 350 
# 
loop_
_chem_comp_bond.comp_id 
_chem_comp_bond.atom_id_1 
_chem_comp_bond.atom_id_2 
_chem_comp_bond.value_order 
_chem_comp_bond.pdbx_aromatic_flag 
_chem_comp_bond.pdbx_stereo_config 
_chem_comp_bond.pdbx_ordinal 
ALA N   CA   sing N N 1   
ALA N   H    sing N N 2   
ALA N   H2   sing N N 3   
ALA CA  C    sing N N 4   
ALA CA  CB   sing N N 5   
ALA CA  HA   sing N N 6   
ALA C   O    doub N N 7   
ALA C   OXT  sing N N 8   
ALA CB  HB1  sing N N 9   
ALA CB  HB2  sing N N 10  
ALA CB  HB3  sing N N 11  
ALA OXT HXT  sing N N 12  
ARG N   CA   sing N N 13  
ARG N   H    sing N N 14  
ARG N   H2   sing N N 15  
ARG CA  C    sing N N 16  
ARG CA  CB   sing N N 17  
ARG CA  HA   sing N N 18  
ARG C   O    doub N N 19  
ARG C   OXT  sing N N 20  
ARG CB  CG   sing N N 21  
ARG CB  HB2  sing N N 22  
ARG CB  HB3  sing N N 23  
ARG CG  CD   sing N N 24  
ARG CG  HG2  sing N N 25  
ARG CG  HG3  sing N N 26  
ARG CD  NE   sing N N 27  
ARG CD  HD2  sing N N 28  
ARG CD  HD3  sing N N 29  
ARG NE  CZ   sing N N 30  
ARG NE  HE   sing N N 31  
ARG CZ  NH1  sing N N 32  
ARG CZ  NH2  doub N N 33  
ARG NH1 HH11 sing N N 34  
ARG NH1 HH12 sing N N 35  
ARG NH2 HH21 sing N N 36  
ARG NH2 HH22 sing N N 37  
ARG OXT HXT  sing N N 38  
ASN N   CA   sing N N 39  
ASN N   H    sing N N 40  
ASN N   H2   sing N N 41  
ASN CA  C    sing N N 42  
ASN CA  CB   sing N N 43  
ASN CA  HA   sing N N 44  
ASN C   O    doub N N 45  
ASN C   OXT  sing N N 46  
ASN CB  CG   sing N N 47  
ASN CB  HB2  sing N N 48  
ASN CB  HB3  sing N N 49  
ASN CG  OD1  doub N N 50  
ASN CG  ND2  sing N N 51  
ASN ND2 HD21 sing N N 52  
ASN ND2 HD22 sing N N 53  
ASN OXT HXT  sing N N 54  
ASP N   CA   sing N N 55  
ASP N   H    sing N N 56  
ASP N   H2   sing N N 57  
ASP CA  C    sing N N 58  
ASP CA  CB   sing N N 59  
ASP CA  HA   sing N N 60  
ASP C   O    doub N N 61  
ASP C   OXT  sing N N 62  
ASP CB  CG   sing N N 63  
ASP CB  HB2  sing N N 64  
ASP CB  HB3  sing N N 65  
ASP CG  OD1  doub N N 66  
ASP CG  OD2  sing N N 67  
ASP OD2 HD2  sing N N 68  
ASP OXT HXT  sing N N 69  
GLN N   CA   sing N N 70  
GLN N   H    sing N N 71  
GLN N   H2   sing N N 72  
GLN CA  C    sing N N 73  
GLN CA  CB   sing N N 74  
GLN CA  HA   sing N N 75  
GLN C   O    doub N N 76  
GLN C   OXT  sing N N 77  
GLN CB  CG   sing N N 78  
GLN CB  HB2  sing N N 79  
GLN CB  HB3  sing N N 80  
GLN CG  CD   sing N N 81  
GLN CG  HG2  sing N N 82  
GLN CG  HG3  sing N N 83  
GLN CD  OE1  doub N N 84  
GLN CD  NE2  sing N N 85  
GLN NE2 HE21 sing N N 86  
GLN NE2 HE22 sing N N 87  
GLN OXT HXT  sing N N 88  
GLU N   CA   sing N N 89  
GLU N   H    sing N N 90  
GLU N   H2   sing N N 91  
GLU CA  C    sing N N 92  
GLU CA  CB   sing N N 93  
GLU CA  HA   sing N N 94  
GLU C   O    doub N N 95  
GLU C   OXT  sing N N 96  
GLU CB  CG   sing N N 97  
GLU CB  HB2  sing N N 98  
GLU CB  HB3  sing N N 99  
GLU CG  CD   sing N N 100 
GLU CG  HG2  sing N N 101 
GLU CG  HG3  sing N N 102 
GLU CD  OE1  doub N N 103 
GLU CD  OE2  sing N N 104 
GLU OE2 HE2  sing N N 105 
GLU OXT HXT  sing N N 106 
GLY N   CA   sing N N 107 
GLY N   H    sing N N 108 
GLY N   H2   sing N N 109 
GLY CA  C    sing N N 110 
GLY CA  HA2  sing N N 111 
GLY CA  HA3  sing N N 112 
GLY C   O    doub N N 113 
GLY C   OXT  sing N N 114 
GLY OXT HXT  sing N N 115 
HIS N   CA   sing N N 116 
HIS N   H    sing N N 117 
HIS N   H2   sing N N 118 
HIS CA  C    sing N N 119 
HIS CA  CB   sing N N 120 
HIS CA  HA   sing N N 121 
HIS C   O    doub N N 122 
HIS C   OXT  sing N N 123 
HIS CB  CG   sing N N 124 
HIS CB  HB2  sing N N 125 
HIS CB  HB3  sing N N 126 
HIS CG  ND1  sing Y N 127 
HIS CG  CD2  doub Y N 128 
HIS ND1 CE1  doub Y N 129 
HIS ND1 HD1  sing N N 130 
HIS CD2 NE2  sing Y N 131 
HIS CD2 HD2  sing N N 132 
HIS CE1 NE2  sing Y N 133 
HIS CE1 HE1  sing N N 134 
HIS NE2 HE2  sing N N 135 
HIS OXT HXT  sing N N 136 
HOH O   H1   sing N N 137 
HOH O   H2   sing N N 138 
ILE N   CA   sing N N 139 
ILE N   H    sing N N 140 
ILE N   H2   sing N N 141 
ILE CA  C    sing N N 142 
ILE CA  CB   sing N N 143 
ILE CA  HA   sing N N 144 
ILE C   O    doub N N 145 
ILE C   OXT  sing N N 146 
ILE CB  CG1  sing N N 147 
ILE CB  CG2  sing N N 148 
ILE CB  HB   sing N N 149 
ILE CG1 CD1  sing N N 150 
ILE CG1 HG12 sing N N 151 
ILE CG1 HG13 sing N N 152 
ILE CG2 HG21 sing N N 153 
ILE CG2 HG22 sing N N 154 
ILE CG2 HG23 sing N N 155 
ILE CD1 HD11 sing N N 156 
ILE CD1 HD12 sing N N 157 
ILE CD1 HD13 sing N N 158 
ILE OXT HXT  sing N N 159 
LEU N   CA   sing N N 160 
LEU N   H    sing N N 161 
LEU N   H2   sing N N 162 
LEU CA  C    sing N N 163 
LEU CA  CB   sing N N 164 
LEU CA  HA   sing N N 165 
LEU C   O    doub N N 166 
LEU C   OXT  sing N N 167 
LEU CB  CG   sing N N 168 
LEU CB  HB2  sing N N 169 
LEU CB  HB3  sing N N 170 
LEU CG  CD1  sing N N 171 
LEU CG  CD2  sing N N 172 
LEU CG  HG   sing N N 173 
LEU CD1 HD11 sing N N 174 
LEU CD1 HD12 sing N N 175 
LEU CD1 HD13 sing N N 176 
LEU CD2 HD21 sing N N 177 
LEU CD2 HD22 sing N N 178 
LEU CD2 HD23 sing N N 179 
LEU OXT HXT  sing N N 180 
LYS N   CA   sing N N 181 
LYS N   H    sing N N 182 
LYS N   H2   sing N N 183 
LYS CA  C    sing N N 184 
LYS CA  CB   sing N N 185 
LYS CA  HA   sing N N 186 
LYS C   O    doub N N 187 
LYS C   OXT  sing N N 188 
LYS CB  CG   sing N N 189 
LYS CB  HB2  sing N N 190 
LYS CB  HB3  sing N N 191 
LYS CG  CD   sing N N 192 
LYS CG  HG2  sing N N 193 
LYS CG  HG3  sing N N 194 
LYS CD  CE   sing N N 195 
LYS CD  HD2  sing N N 196 
LYS CD  HD3  sing N N 197 
LYS CE  NZ   sing N N 198 
LYS CE  HE2  sing N N 199 
LYS CE  HE3  sing N N 200 
LYS NZ  HZ1  sing N N 201 
LYS NZ  HZ2  sing N N 202 
LYS NZ  HZ3  sing N N 203 
LYS OXT HXT  sing N N 204 
MET N   CA   sing N N 205 
MET N   H    sing N N 206 
MET N   H2   sing N N 207 
MET CA  C    sing N N 208 
MET CA  CB   sing N N 209 
MET CA  HA   sing N N 210 
MET C   O    doub N N 211 
MET C   OXT  sing N N 212 
MET CB  CG   sing N N 213 
MET CB  HB2  sing N N 214 
MET CB  HB3  sing N N 215 
MET CG  SD   sing N N 216 
MET CG  HG2  sing N N 217 
MET CG  HG3  sing N N 218 
MET SD  CE   sing N N 219 
MET CE  HE1  sing N N 220 
MET CE  HE2  sing N N 221 
MET CE  HE3  sing N N 222 
MET OXT HXT  sing N N 223 
PHE N   CA   sing N N 224 
PHE N   H    sing N N 225 
PHE N   H2   sing N N 226 
PHE CA  C    sing N N 227 
PHE CA  CB   sing N N 228 
PHE CA  HA   sing N N 229 
PHE C   O    doub N N 230 
PHE C   OXT  sing N N 231 
PHE CB  CG   sing N N 232 
PHE CB  HB2  sing N N 233 
PHE CB  HB3  sing N N 234 
PHE CG  CD1  doub Y N 235 
PHE CG  CD2  sing Y N 236 
PHE CD1 CE1  sing Y N 237 
PHE CD1 HD1  sing N N 238 
PHE CD2 CE2  doub Y N 239 
PHE CD2 HD2  sing N N 240 
PHE CE1 CZ   doub Y N 241 
PHE CE1 HE1  sing N N 242 
PHE CE2 CZ   sing Y N 243 
PHE CE2 HE2  sing N N 244 
PHE CZ  HZ   sing N N 245 
PHE OXT HXT  sing N N 246 
PRO N   CA   sing N N 247 
PRO N   CD   sing N N 248 
PRO N   H    sing N N 249 
PRO CA  C    sing N N 250 
PRO CA  CB   sing N N 251 
PRO CA  HA   sing N N 252 
PRO C   O    doub N N 253 
PRO C   OXT  sing N N 254 
PRO CB  CG   sing N N 255 
PRO CB  HB2  sing N N 256 
PRO CB  HB3  sing N N 257 
PRO CG  CD   sing N N 258 
PRO CG  HG2  sing N N 259 
PRO CG  HG3  sing N N 260 
PRO CD  HD2  sing N N 261 
PRO CD  HD3  sing N N 262 
PRO OXT HXT  sing N N 263 
SER N   CA   sing N N 264 
SER N   H    sing N N 265 
SER N   H2   sing N N 266 
SER CA  C    sing N N 267 
SER CA  CB   sing N N 268 
SER CA  HA   sing N N 269 
SER C   O    doub N N 270 
SER C   OXT  sing N N 271 
SER CB  OG   sing N N 272 
SER CB  HB2  sing N N 273 
SER CB  HB3  sing N N 274 
SER OG  HG   sing N N 275 
SER OXT HXT  sing N N 276 
THR N   CA   sing N N 277 
THR N   H    sing N N 278 
THR N   H2   sing N N 279 
THR CA  C    sing N N 280 
THR CA  CB   sing N N 281 
THR CA  HA   sing N N 282 
THR C   O    doub N N 283 
THR C   OXT  sing N N 284 
THR CB  OG1  sing N N 285 
THR CB  CG2  sing N N 286 
THR CB  HB   sing N N 287 
THR OG1 HG1  sing N N 288 
THR CG2 HG21 sing N N 289 
THR CG2 HG22 sing N N 290 
THR CG2 HG23 sing N N 291 
THR OXT HXT  sing N N 292 
TYR N   CA   sing N N 293 
TYR N   H    sing N N 294 
TYR N   H2   sing N N 295 
TYR CA  C    sing N N 296 
TYR CA  CB   sing N N 297 
TYR CA  HA   sing N N 298 
TYR C   O    doub N N 299 
TYR C   OXT  sing N N 300 
TYR CB  CG   sing N N 301 
TYR CB  HB2  sing N N 302 
TYR CB  HB3  sing N N 303 
TYR CG  CD1  doub Y N 304 
TYR CG  CD2  sing Y N 305 
TYR CD1 CE1  sing Y N 306 
TYR CD1 HD1  sing N N 307 
TYR CD2 CE2  doub Y N 308 
TYR CD2 HD2  sing N N 309 
TYR CE1 CZ   doub Y N 310 
TYR CE1 HE1  sing N N 311 
TYR CE2 CZ   sing Y N 312 
TYR CE2 HE2  sing N N 313 
TYR CZ  OH   sing N N 314 
TYR OH  HH   sing N N 315 
TYR OXT HXT  sing N N 316 
VAL N   CA   sing N N 317 
VAL N   H    sing N N 318 
VAL N   H2   sing N N 319 
VAL CA  C    sing N N 320 
VAL CA  CB   sing N N 321 
VAL CA  HA   sing N N 322 
VAL C   O    doub N N 323 
VAL C   OXT  sing N N 324 
VAL CB  CG1  sing N N 325 
VAL CB  CG2  sing N N 326 
VAL CB  HB   sing N N 327 
VAL CG1 HG11 sing N N 328 
VAL CG1 HG12 sing N N 329 
VAL CG1 HG13 sing N N 330 
VAL CG2 HG21 sing N N 331 
VAL CG2 HG22 sing N N 332 
VAL CG2 HG23 sing N N 333 
VAL OXT HXT  sing N N 334 
# 
_atom_sites.entry_id                    3FAJ 
_atom_sites.fract_transf_matrix[1][1]   -0.00701536 
_atom_sites.fract_transf_matrix[1][2]   0.00722308 
_atom_sites.fract_transf_matrix[1][3]   -0.01550800 
_atom_sites.fract_transf_matrix[2][1]   -0.00617604 
_atom_sites.fract_transf_matrix[2][2]   -0.01112874 
_atom_sites.fract_transf_matrix[2][3]   -0.01341222 
_atom_sites.fract_transf_matrix[3][1]   -0.01590487 
_atom_sites.fract_transf_matrix[3][2]   0.00009954 
_atom_sites.fract_transf_matrix[3][3]   0.00724126 
_atom_sites.fract_transf_vector[1]      0.303857 
_atom_sites.fract_transf_vector[2]      0.781109 
_atom_sites.fract_transf_vector[3]      0.097791 
# 
loop_
_atom_type.symbol 
C  
CL 
N  
O  
S  
# 
loop_
_atom_site.group_PDB 
_atom_site.id 
_atom_site.type_symbol 
_atom_site.label_atom_id 
_atom_site.label_alt_id 
_atom_site.label_comp_id 
_atom_site.label_asym_id 
_atom_site.label_entity_id 
_atom_site.label_seq_id 
_atom_site.pdbx_PDB_ins_code 
_atom_site.Cartn_x 
_atom_site.Cartn_y 
_atom_site.Cartn_z 
_atom_site.occupancy 
_atom_site.B_iso_or_equiv 
_atom_site.pdbx_formal_charge 
_atom_site.auth_seq_id 
_atom_site.auth_comp_id 
_atom_site.auth_asym_id 
_atom_site.auth_atom_id 
_atom_site.pdbx_PDB_model_num 
ATOM   1   N  N   . LYS A 1 27  ? 13.641  -7.907  5.507   1.00 36.00 ? 7   LYS A N   1 
ATOM   2   C  CA  . LYS A 1 27  ? 13.991  -9.260  4.980   1.00 35.59 ? 7   LYS A CA  1 
ATOM   3   C  C   . LYS A 1 27  ? 12.772  -10.200 5.011   1.00 35.18 ? 7   LYS A C   1 
ATOM   4   O  O   . LYS A 1 27  ? 11.652  -9.781  4.673   1.00 35.59 ? 7   LYS A O   1 
ATOM   5   C  CB  . LYS A 1 27  ? 15.178  -9.841  5.762   0.30 35.54 ? 7   LYS A CB  1 
ATOM   6   C  CG  . LYS A 1 27  ? 15.963  -10.916 5.017   0.30 35.71 ? 7   LYS A CG  1 
ATOM   7   C  CD  . LYS A 1 27  ? 17.139  -11.422 5.837   0.30 35.64 ? 7   LYS A CD  1 
ATOM   8   C  CE  . LYS A 1 27  ? 18.371  -10.552 5.639   0.30 36.18 ? 7   LYS A CE  1 
ATOM   9   N  NZ  . LYS A 1 27  ? 19.494  -10.995 6.509   0.30 35.83 ? 7   LYS A NZ  1 
ATOM   10  N  N   . LYS A 1 28  ? 12.991  -11.453 5.417   1.00 34.11 ? 8   LYS A N   1 
ATOM   11  C  CA  . LYS A 1 28  ? 11.953  -12.488 5.417   1.00 32.73 ? 8   LYS A CA  1 
ATOM   12  C  C   . LYS A 1 28  ? 10.742  -12.131 6.287   1.00 31.74 ? 8   LYS A C   1 
ATOM   13  O  O   . LYS A 1 28  ? 10.875  -11.837 7.488   1.00 31.56 ? 8   LYS A O   1 
ATOM   14  C  CB  . LYS A 1 28  ? 12.542  -13.841 5.839   0.30 32.73 ? 8   LYS A CB  1 
ATOM   15  C  CG  . LYS A 1 28  ? 11.584  -15.027 5.702   0.30 32.32 ? 8   LYS A CG  1 
ATOM   16  C  CD  . LYS A 1 28  ? 12.329  -16.360 5.727   0.30 32.64 ? 8   LYS A CD  1 
ATOM   17  C  CE  . LYS A 1 28  ? 12.917  -16.699 4.361   0.30 32.67 ? 8   LYS A CE  1 
ATOM   18  N  NZ  . LYS A 1 28  ? 13.772  -17.918 4.397   0.30 32.97 ? 8   LYS A NZ  1 
ATOM   19  N  N   . GLY A 1 29  ? 9.565   -12.134 5.660   1.00 30.12 ? 9   GLY A N   1 
ATOM   20  C  CA  . GLY A 1 29  ? 8.318   -11.932 6.379   1.00 27.75 ? 9   GLY A CA  1 
ATOM   21  C  C   . GLY A 1 29  ? 8.006   -10.467 6.622   1.00 25.73 ? 9   GLY A C   1 
ATOM   22  O  O   . GLY A 1 29  ? 7.043   -10.141 7.319   1.00 25.99 ? 9   GLY A O   1 
ATOM   23  N  N   . ASP A 1 30  ? 8.811   -9.574  6.043   1.00 24.49 ? 10  ASP A N   1 
ATOM   24  C  CA  . ASP A 1 30  ? 8.601   -8.139  6.250   1.00 23.97 ? 10  ASP A CA  1 
ATOM   25  C  C   . ASP A 1 30  ? 7.626   -7.607  5.208   1.00 23.83 ? 10  ASP A C   1 
ATOM   26  O  O   . ASP A 1 30  ? 8.006   -6.905  4.262   1.00 23.96 ? 10  ASP A O   1 
ATOM   27  C  CB  . ASP A 1 30  ? 9.933   -7.369  6.223   1.00 24.16 ? 10  ASP A CB  1 
ATOM   28  C  CG  . ASP A 1 30  ? 9.792   -5.918  6.686   1.00 25.46 ? 10  ASP A CG  1 
ATOM   29  O  OD1 . ASP A 1 30  ? 8.668   -5.494  7.007   1.00 24.75 ? 10  ASP A OD1 1 
ATOM   30  O  OD2 . ASP A 1 30  ? 10.840  -5.221  6.749   1.00 28.60 ? 10  ASP A OD2 1 
ATOM   31  N  N   . TYR A 1 31  ? 6.351   -7.945  5.397   1.00 22.75 ? 11  TYR A N   1 
ATOM   32  C  CA  . TYR A 1 31  ? 5.316   -7.592  4.428   1.00 22.50 ? 11  TYR A CA  1 
ATOM   33  C  C   . TYR A 1 31  ? 5.052   -6.096  4.413   1.00 22.65 ? 11  TYR A C   1 
ATOM   34  O  O   . TYR A 1 31  ? 4.750   -5.539  3.358   1.00 23.35 ? 11  TYR A O   1 
ATOM   35  C  CB  . TYR A 1 31  ? 4.027   -8.396  4.684   1.00 22.77 ? 11  TYR A CB  1 
ATOM   36  C  CG  . TYR A 1 31  ? 4.301   -9.871  4.803   1.00 23.33 ? 11  TYR A CG  1 
ATOM   37  C  CD1 . TYR A 1 31  ? 5.046   -10.558 3.828   1.00 23.49 ? 11  TYR A CD1 1 
ATOM   38  C  CD2 . TYR A 1 31  ? 3.844   -10.591 5.910   1.00 22.83 ? 11  TYR A CD2 1 
ATOM   39  C  CE1 . TYR A 1 31  ? 5.332   -11.924 3.957   1.00 23.84 ? 11  TYR A CE1 1 
ATOM   40  C  CE2 . TYR A 1 31  ? 4.121   -11.957 6.030   1.00 21.71 ? 11  TYR A CE2 1 
ATOM   41  C  CZ  . TYR A 1 31  ? 4.851   -12.610 5.050   1.00 23.22 ? 11  TYR A CZ  1 
ATOM   42  O  OH  . TYR A 1 31  ? 5.130   -13.957 5.193   1.00 24.60 ? 11  TYR A OH  1 
ATOM   43  N  N   . ALA A 1 32  ? 5.149   -5.461  5.589   1.00 23.12 ? 12  ALA A N   1 
ATOM   44  C  CA  . ALA A 1 32  ? 5.042   -4.014  5.678   1.00 23.22 ? 12  ALA A CA  1 
ATOM   45  C  C   . ALA A 1 32  ? 6.094   -3.340  4.779   1.00 24.04 ? 12  ALA A C   1 
ATOM   46  O  O   . ALA A 1 32  ? 5.761   -2.445  3.985   1.00 22.89 ? 12  ALA A O   1 
ATOM   47  C  CB  . ALA A 1 32  ? 5.177   -3.559  7.153   1.00 24.40 ? 12  ALA A CB  1 
ATOM   48  N  N   . GLY A 1 33  ? 7.352   -3.770  4.897   1.00 24.36 ? 13  GLY A N   1 
ATOM   49  C  CA  . GLY A 1 33  ? 8.442   -3.239  4.049   1.00 24.54 ? 13  GLY A CA  1 
ATOM   50  C  C   . GLY A 1 33  ? 8.176   -3.488  2.571   1.00 25.49 ? 13  GLY A C   1 
ATOM   51  O  O   . GLY A 1 33  ? 8.428   -2.602  1.720   1.00 25.34 ? 13  GLY A O   1 
ATOM   52  N  N   . GLY A 1 34  ? 7.657   -4.683  2.258   1.00 24.11 ? 14  GLY A N   1 
ATOM   53  C  CA  . GLY A 1 34  ? 7.339   -5.042  0.869   1.00 24.63 ? 14  GLY A CA  1 
ATOM   54  C  C   . GLY A 1 34  ? 6.234   -4.132  0.331   1.00 24.17 ? 14  GLY A C   1 
ATOM   55  O  O   . GLY A 1 34  ? 6.286   -3.695  -0.823  1.00 25.18 ? 14  GLY A O   1 
ATOM   56  N  N   . ALA A 1 35  ? 5.247   -3.842  1.170   1.00 23.68 ? 15  ALA A N   1 
ATOM   57  C  CA  . ALA A 1 35  ? 4.184   -2.912  0.798   1.00 24.02 ? 15  ALA A CA  1 
ATOM   58  C  C   . ALA A 1 35  ? 4.780   -1.522  0.516   1.00 24.27 ? 15  ALA A C   1 
ATOM   59  O  O   . ALA A 1 35  ? 4.438   -0.908  -0.488  1.00 24.02 ? 15  ALA A O   1 
ATOM   60  C  CB  . ALA A 1 35  ? 3.100   -2.861  1.888   1.00 24.50 ? 15  ALA A CB  1 
ATOM   61  N  N   . VAL A 1 36  ? 5.673   -1.039  1.381   1.00 23.29 ? 16  VAL A N   1 
ATOM   62  C  CA  . VAL A 1 36  ? 6.277   0.305   1.185   1.00 23.22 ? 16  VAL A CA  1 
ATOM   63  C  C   . VAL A 1 36  ? 7.048   0.357   -0.152  1.00 23.64 ? 16  VAL A C   1 
ATOM   64  O  O   . VAL A 1 36  ? 6.996   1.363   -0.883  1.00 24.84 ? 16  VAL A O   1 
ATOM   65  C  CB  . VAL A 1 36  ? 7.178   0.683   2.363   1.00 23.37 ? 16  VAL A CB  1 
ATOM   66  C  CG1 . VAL A 1 36  ? 8.014   1.924   2.047   1.00 26.22 ? 16  VAL A CG1 1 
ATOM   67  C  CG2 . VAL A 1 36  ? 6.336   0.912   3.616   1.00 26.14 ? 16  VAL A CG2 1 
ATOM   68  N  N   . LYS A 1 37  ? 7.716   -0.737  -0.507  1.00 23.01 ? 17  LYS A N   1 
ATOM   69  C  CA  A LYS A 1 37  ? 8.420   -0.782  -1.793  0.50 23.11 ? 17  LYS A CA  1 
ATOM   70  C  CA  B LYS A 1 37  ? 8.426   -0.834  -1.793  0.50 23.42 ? 17  LYS A CA  1 
ATOM   71  C  C   . LYS A 1 37  ? 7.431   -0.624  -2.948  1.00 23.23 ? 17  LYS A C   1 
ATOM   72  O  O   . LYS A 1 37  ? 7.694   0.136   -3.891  1.00 24.41 ? 17  LYS A O   1 
ATOM   73  C  CB  A LYS A 1 37  ? 9.237   -2.063  -1.931  0.50 22.79 ? 17  LYS A CB  1 
ATOM   74  C  CB  B LYS A 1 37  ? 9.098   -2.210  -1.905  0.50 23.08 ? 17  LYS A CB  1 
ATOM   75  C  CG  A LYS A 1 37  ? 10.496  -2.027  -1.096  0.50 21.96 ? 17  LYS A CG  1 
ATOM   76  C  CG  B LYS A 1 37  ? 9.979   -2.424  -3.120  0.50 24.17 ? 17  LYS A CG  1 
ATOM   77  C  CD  A LYS A 1 37  ? 11.171  -3.361  -1.097  0.50 23.27 ? 17  LYS A CD  1 
ATOM   78  C  CD  B LYS A 1 37  ? 10.725  -3.754  -2.961  0.50 25.12 ? 17  LYS A CD  1 
ATOM   79  C  CE  A LYS A 1 37  ? 12.315  -3.334  -0.117  0.50 24.79 ? 17  LYS A CE  1 
ATOM   80  C  CE  B LYS A 1 37  ? 11.160  -4.359  -4.293  0.50 26.79 ? 17  LYS A CE  1 
ATOM   81  N  NZ  A LYS A 1 37  ? 12.723  -4.711  0.197   0.50 26.47 ? 17  LYS A NZ  1 
ATOM   82  N  NZ  B LYS A 1 37  ? 11.636  -5.757  -4.097  0.50 27.18 ? 17  LYS A NZ  1 
ATOM   83  N  N   . ILE A 1 38  ? 6.301   -1.322  -2.874  1.00 23.50 ? 18  ILE A N   1 
ATOM   84  C  CA  . ILE A 1 38  ? 5.235   -1.225  -3.885  1.00 23.28 ? 18  ILE A CA  1 
ATOM   85  C  C   . ILE A 1 38  ? 4.711   0.217   -3.921  1.00 23.11 ? 18  ILE A C   1 
ATOM   86  O  O   . ILE A 1 38  ? 4.549   0.810   -5.001  1.00 23.37 ? 18  ILE A O   1 
ATOM   87  C  CB  . ILE A 1 38  ? 4.082   -2.234  -3.628  1.00 23.93 ? 18  ILE A CB  1 
ATOM   88  C  CG1 . ILE A 1 38  ? 4.552   -3.677  -3.858  1.00 23.85 ? 18  ILE A CG1 1 
ATOM   89  C  CG2 . ILE A 1 38  ? 2.832   -1.909  -4.510  1.00 22.77 ? 18  ILE A CG2 1 
ATOM   90  C  CD1 . ILE A 1 38  ? 3.686   -4.748  -3.137  1.00 24.31 ? 18  ILE A CD1 1 
ATOM   91  N  N   . LEU A 1 39  ? 4.481   0.781   -2.742  1.00 23.28 ? 19  LEU A N   1 
ATOM   92  C  CA  . LEU A 1 39  ? 3.976   2.175   -2.660  1.00 24.27 ? 19  LEU A CA  1 
ATOM   93  C  C   . LEU A 1 39  ? 4.959   3.183   -3.291  1.00 24.90 ? 19  LEU A C   1 
ATOM   94  O  O   . LEU A 1 39  ? 4.535   4.122   -3.991  1.00 25.32 ? 19  LEU A O   1 
ATOM   95  C  CB  . LEU A 1 39  ? 3.634   2.562   -1.226  1.00 24.76 ? 19  LEU A CB  1 
ATOM   96  C  CG  . LEU A 1 39  ? 2.448   1.763   -0.660  1.00 25.36 ? 19  LEU A CG  1 
ATOM   97  C  CD1 . LEU A 1 39  ? 2.304   2.111   0.820   1.00 29.40 ? 19  LEU A CD1 1 
ATOM   98  C  CD2 . LEU A 1 39  ? 1.145   2.044   -1.447  1.00 28.39 ? 19  LEU A CD2 1 
ATOM   99  N  N   . ASP A 1 40  ? 6.250   2.999   -3.056  1.00 24.96 ? 20  ASP A N   1 
ATOM   100 C  CA  . ASP A 1 40  ? 7.259   3.862   -3.690  1.00 25.54 ? 20  ASP A CA  1 
ATOM   101 C  C   . ASP A 1 40  ? 7.214   3.764   -5.222  1.00 26.00 ? 20  ASP A C   1 
ATOM   102 O  O   . ASP A 1 40  ? 7.364   4.768   -5.934  1.00 25.92 ? 20  ASP A O   1 
ATOM   103 C  CB  . ASP A 1 40  ? 8.659   3.526   -3.160  1.00 25.81 ? 20  ASP A CB  1 
ATOM   104 C  CG  . ASP A 1 40  ? 8.886   4.003   -1.731  1.00 27.05 ? 20  ASP A CG  1 
ATOM   105 O  OD1 . ASP A 1 40  ? 8.104   4.840   -1.217  1.00 29.01 ? 20  ASP A OD1 1 
ATOM   106 O  OD2 . ASP A 1 40  ? 9.876   3.536   -1.126  1.00 28.28 ? 20  ASP A OD2 1 
ATOM   107 N  N   . MET A 1 41  ? 7.034   2.547   -5.740  1.00 25.70 ? 21  MET A N   1 
ATOM   108 C  CA  . MET A 1 41  ? 6.918   2.332   -7.205  1.00 26.83 ? 21  MET A CA  1 
ATOM   109 C  C   . MET A 1 41  ? 5.635   2.973   -7.748  1.00 25.93 ? 21  MET A C   1 
ATOM   110 O  O   . MET A 1 41  ? 5.629   3.557   -8.848  1.00 25.85 ? 21  MET A O   1 
ATOM   111 C  CB  . MET A 1 41  ? 6.932   0.841   -7.506  1.00 26.56 ? 21  MET A CB  1 
ATOM   112 C  CG  . MET A 1 41  ? 8.257   0.186   -7.176  1.00 27.39 ? 21  MET A CG  1 
ATOM   113 S  SD  . MET A 1 41  ? 8.210   -1.548  -7.662  1.00 31.87 ? 21  MET A SD  1 
ATOM   114 C  CE  . MET A 1 41  ? 6.937   -2.257  -6.717  1.00 32.33 ? 21  MET A CE  1 
ATOM   115 N  N   . PHE A 1 42  ? 4.553   2.860   -6.984  1.00 24.00 ? 22  PHE A N   1 
ATOM   116 C  CA  . PHE A 1 42  ? 3.278   3.501   -7.320  1.00 24.10 ? 22  PHE A CA  1 
ATOM   117 C  C   . PHE A 1 42  ? 3.486   5.013   -7.476  1.00 24.65 ? 22  PHE A C   1 
ATOM   118 O  O   . PHE A 1 42  ? 3.069   5.615   -8.479  1.00 24.72 ? 22  PHE A O   1 
ATOM   119 C  CB  . PHE A 1 42  ? 2.246   3.188   -6.218  1.00 24.27 ? 22  PHE A CB  1 
ATOM   120 C  CG  . PHE A 1 42  ? 1.075   4.127   -6.189  1.00 25.08 ? 22  PHE A CG  1 
ATOM   121 C  CD1 . PHE A 1 42  ? 0.101   4.088   -7.194  1.00 26.35 ? 22  PHE A CD1 1 
ATOM   122 C  CD2 . PHE A 1 42  ? 0.944   5.049   -5.142  1.00 26.09 ? 22  PHE A CD2 1 
ATOM   123 C  CE1 . PHE A 1 42  ? -1.005  4.972   -7.163  1.00 27.38 ? 22  PHE A CE1 1 
ATOM   124 C  CE2 . PHE A 1 42  ? -0.163  5.912   -5.094  1.00 27.08 ? 22  PHE A CE2 1 
ATOM   125 C  CZ  . PHE A 1 42  ? -1.133  5.873   -6.106  1.00 25.99 ? 22  PHE A CZ  1 
ATOM   126 N  N   . GLU A 1 43  ? 4.161   5.615   -6.501  1.00 23.82 ? 23  GLU A N   1 
ATOM   127 C  CA  . GLU A 1 43  ? 4.339   7.079   -6.502  1.00 23.42 ? 23  GLU A CA  1 
ATOM   128 C  C   . GLU A 1 43  ? 5.262   7.542   -7.608  1.00 23.70 ? 23  GLU A C   1 
ATOM   129 O  O   . GLU A 1 43  ? 5.156   8.690   -8.078  1.00 22.62 ? 23  GLU A O   1 
ATOM   130 C  CB  . GLU A 1 43  ? 4.898   7.544   -5.175  1.00 24.01 ? 23  GLU A CB  1 
ATOM   131 C  CG  . GLU A 1 43  ? 3.919   7.304   -4.024  1.00 23.66 ? 23  GLU A CG  1 
ATOM   132 C  CD  . GLU A 1 43  ? 4.473   7.767   -2.701  1.00 28.20 ? 23  GLU A CD  1 
ATOM   133 O  OE1 . GLU A 1 43  ? 5.429   8.580   -2.700  1.00 32.08 ? 23  GLU A OE1 1 
ATOM   134 O  OE2 . GLU A 1 43  ? 3.959   7.348   -1.663  1.00 28.24 ? 23  GLU A OE2 1 
ATOM   135 N  N   . ASN A 1 44  ? 6.188   6.669   -8.004  1.00 23.11 ? 24  ASN A N   1 
ATOM   136 C  CA  . ASN A 1 44  ? 7.134   6.983   -9.079  1.00 23.60 ? 24  ASN A CA  1 
ATOM   137 C  C   . ASN A 1 44  ? 6.559   6.803   -10.467 1.00 23.77 ? 24  ASN A C   1 
ATOM   138 O  O   . ASN A 1 44  ? 7.211   7.103   -11.443 1.00 24.19 ? 24  ASN A O   1 
ATOM   139 C  CB  . ASN A 1 44  ? 8.357   6.075   -8.995  1.00 23.19 ? 24  ASN A CB  1 
ATOM   140 C  CG  . ASN A 1 44  ? 9.269   6.429   -7.845  1.00 25.60 ? 24  ASN A CG  1 
ATOM   141 O  OD1 . ASN A 1 44  ? 9.202   7.531   -7.312  1.00 25.31 ? 24  ASN A OD1 1 
ATOM   142 N  ND2 . ASN A 1 44  ? 10.158  5.502   -7.486  1.00 22.11 ? 24  ASN A ND2 1 
ATOM   143 N  N   . GLY A 1 45  ? 5.343   6.275   -10.543 1.00 24.54 ? 25  GLY A N   1 
ATOM   144 C  CA  . GLY A 1 45  ? 4.735   6.023   -11.832 1.00 25.03 ? 25  GLY A CA  1 
ATOM   145 C  C   . GLY A 1 45  ? 5.184   4.714   -12.446 1.00 24.83 ? 25  GLY A C   1 
ATOM   146 O  O   . GLY A 1 45  ? 4.858   4.435   -13.585 1.00 25.24 ? 25  GLY A O   1 
ATOM   147 N  N   . GLN A 1 46  ? 5.837   3.943   -11.769 1.00 24.88 ? 26  GLN A N   1 
ATOM   148 C  CA  . GLN A 1 46  ? 6.444   2.697   -12.234 1.00 26.09 ? 26  GLN A CA  1 
ATOM   149 C  C   . GLN A 1 46  ? 5.415   1.580   -12.406 1.00 26.27 ? 26  GLN A C   1 
ATOM   150 O  O   . GLN A 1 46  ? 5.616   0.655   -13.196 1.00 26.46 ? 26  GLN A O   1 
ATOM   151 C  CB  . GLN A 1 46  ? 7.530   2.226   -11.264 1.00 25.04 ? 26  GLN A CB  1 
ATOM   152 C  CG  . GLN A 1 46  ? 8.754   3.136   -11.207 1.00 27.98 ? 26  GLN A CG  1 
ATOM   153 C  CD  . GLN A 1 46  ? 9.756   2.647   -10.174 1.00 27.62 ? 26  GLN A CD  1 
ATOM   154 O  OE1 . GLN A 1 46  ? 9.371   1.959   -9.222  1.00 31.55 ? 26  GLN A OE1 1 
ATOM   155 N  NE2 . GLN A 1 46  ? 11.063  2.947   -10.407 1.00 31.35 ? 26  GLN A NE2 1 
ATOM   156 N  N   . LEU A 1 47  ? 4.323   1.671   -11.653 1.00 27.65 ? 27  LEU A N   1 
ATOM   157 C  CA  . LEU A 1 47  ? 3.260   0.667   -11.600 1.00 29.08 ? 27  LEU A CA  1 
ATOM   158 C  C   . LEU A 1 47  ? 2.015   1.173   -12.290 1.00 29.88 ? 27  LEU A C   1 
ATOM   159 O  O   . LEU A 1 47  ? 1.807   2.380   -12.440 1.00 32.22 ? 27  LEU A O   1 
ATOM   160 C  CB  . LEU A 1 47  ? 2.913   0.359   -10.152 1.00 29.94 ? 27  LEU A CB  1 
ATOM   161 C  CG  . LEU A 1 47  ? 3.597   -0.796  -9.438  1.00 31.85 ? 27  LEU A CG  1 
ATOM   162 C  CD1 . LEU A 1 47  ? 5.029   -1.099  -9.888  1.00 30.77 ? 27  LEU A CD1 1 
ATOM   163 C  CD2 . LEU A 1 47  ? 3.455   -0.573  -7.929  1.00 32.47 ? 27  LEU A CD2 1 
ATOM   164 N  N   . GLY A 1 48  ? 1.183   0.249   -12.722 1.00 28.56 ? 28  GLY A N   1 
ATOM   165 C  CA  . GLY A 1 48  ? -0.063  0.624   -13.339 1.00 27.42 ? 28  GLY A CA  1 
ATOM   166 C  C   . GLY A 1 48  ? -1.207  0.180   -12.456 1.00 25.80 ? 28  GLY A C   1 
ATOM   167 O  O   . GLY A 1 48  ? -0.998  -0.299  -11.327 1.00 25.17 ? 28  GLY A O   1 
ATOM   168 N  N   . TYR A 1 49  ? -2.415  0.380   -12.965 1.00 24.57 ? 29  TYR A N   1 
ATOM   169 C  CA  . TYR A 1 49  ? -3.616  -0.075  -12.291 1.00 24.27 ? 29  TYR A CA  1 
ATOM   170 C  C   . TYR A 1 49  ? -4.250  -1.091  -13.214 1.00 23.65 ? 29  TYR A C   1 
ATOM   171 O  O   . TYR A 1 49  ? -4.348  -0.845  -14.417 1.00 23.49 ? 29  TYR A O   1 
ATOM   172 C  CB  . TYR A 1 49  ? -4.581  1.084   -12.024 1.00 24.47 ? 29  TYR A CB  1 
ATOM   173 C  CG  . TYR A 1 49  ? -5.815  0.681   -11.246 1.00 24.45 ? 29  TYR A CG  1 
ATOM   174 C  CD1 . TYR A 1 49  ? -5.779  0.575   -9.850  1.00 24.74 ? 29  TYR A CD1 1 
ATOM   175 C  CD2 . TYR A 1 49  ? -7.018  0.400   -11.904 1.00 23.67 ? 29  TYR A CD2 1 
ATOM   176 C  CE1 . TYR A 1 49  ? -6.922  0.197   -9.129  1.00 25.35 ? 29  TYR A CE1 1 
ATOM   177 C  CE2 . TYR A 1 49  ? -8.165  0.024   -11.179 1.00 25.73 ? 29  TYR A CE2 1 
ATOM   178 C  CZ  . TYR A 1 49  ? -8.096  -0.065  -9.787  1.00 26.42 ? 29  TYR A CZ  1 
ATOM   179 O  OH  . TYR A 1 49  ? -9.210  -0.449  -9.060  1.00 26.53 ? 29  TYR A OH  1 
ATOM   180 N  N   . PRO A 1 50  ? -4.706  -2.225  -12.660 1.00 23.78 ? 30  PRO A N   1 
ATOM   181 C  CA  . PRO A 1 50  ? -4.778  -2.625  -11.248 1.00 24.03 ? 30  PRO A CA  1 
ATOM   182 C  C   . PRO A 1 50  ? -3.535  -3.280  -10.635 1.00 24.39 ? 30  PRO A C   1 
ATOM   183 O  O   . PRO A 1 50  ? -3.621  -3.750  -9.505  1.00 24.92 ? 30  PRO A O   1 
ATOM   184 C  CB  . PRO A 1 50  ? -5.926  -3.642  -11.257 1.00 24.06 ? 30  PRO A CB  1 
ATOM   185 C  CG  . PRO A 1 50  ? -5.755  -4.323  -12.562 1.00 23.86 ? 30  PRO A CG  1 
ATOM   186 C  CD  . PRO A 1 50  ? -5.322  -3.236  -13.540 1.00 23.89 ? 30  PRO A CD  1 
ATOM   187 N  N   . GLU A 1 51  ? -2.407  -3.312  -11.347 1.00 24.49 ? 31  GLU A N   1 
ATOM   188 C  CA  . GLU A 1 51  ? -1.169  -3.915  -10.803 1.00 25.48 ? 31  GLU A CA  1 
ATOM   189 C  C   . GLU A 1 51  ? -0.885  -3.493  -9.362  1.00 24.35 ? 31  GLU A C   1 
ATOM   190 O  O   . GLU A 1 51  ? -0.591  -4.331  -8.505  1.00 23.62 ? 31  GLU A O   1 
ATOM   191 C  CB  . GLU A 1 51  ? 0.049   -3.578  -11.684 0.80 25.66 ? 31  GLU A CB  1 
ATOM   192 C  CG  . GLU A 1 51  ? 1.415   -3.943  -11.070 0.80 28.12 ? 31  GLU A CG  1 
ATOM   193 C  CD  . GLU A 1 51  ? 2.609   -3.489  -11.916 0.80 28.84 ? 31  GLU A CD  1 
ATOM   194 O  OE1 . GLU A 1 51  ? 2.488   -2.504  -12.680 0.80 32.46 ? 31  GLU A OE1 1 
ATOM   195 O  OE2 . GLU A 1 51  ? 3.686   -4.122  -11.815 0.80 33.68 ? 31  GLU A OE2 1 
ATOM   196 N  N   . VAL A 1 52  ? -1.005  -2.197  -9.095  1.00 23.37 ? 32  VAL A N   1 
ATOM   197 C  CA  . VAL A 1 52  ? -0.660  -1.694  -7.775  1.00 23.84 ? 32  VAL A CA  1 
ATOM   198 C  C   . VAL A 1 52  ? -1.543  -2.307  -6.703  1.00 24.00 ? 32  VAL A C   1 
ATOM   199 O  O   . VAL A 1 52  ? -1.017  -2.757  -5.674  1.00 23.91 ? 32  VAL A O   1 
ATOM   200 C  CB  . VAL A 1 52  ? -0.664  -0.135  -7.692  1.00 24.56 ? 32  VAL A CB  1 
ATOM   201 C  CG1 . VAL A 1 52  ? -2.018  0.470   -8.078  1.00 25.18 ? 32  VAL A CG1 1 
ATOM   202 C  CG2 . VAL A 1 52  ? -0.219  0.336   -6.269  1.00 25.33 ? 32  VAL A CG2 1 
ATOM   203 N  N   . THR A 1 53  ? -2.863  -2.353  -6.929  1.00 22.75 ? 33  THR A N   1 
ATOM   204 C  CA  . THR A 1 53  ? -3.746  -2.871  -5.874  1.00 23.79 ? 33  THR A CA  1 
ATOM   205 C  C   . THR A 1 53  ? -3.696  -4.389  -5.732  1.00 23.68 ? 33  THR A C   1 
ATOM   206 O  O   . THR A 1 53  ? -3.830  -4.903  -4.618  1.00 25.00 ? 33  THR A O   1 
ATOM   207 C  CB  . THR A 1 53  ? -5.184  -2.396  -6.032  1.00 23.41 ? 33  THR A CB  1 
ATOM   208 O  OG1 . THR A 1 53  ? -5.593  -2.616  -7.378  1.00 22.40 ? 33  THR A OG1 1 
ATOM   209 C  CG2 . THR A 1 53  ? -5.266  -0.894  -5.676  1.00 24.62 ? 33  THR A CG2 1 
ATOM   210 N  N   . LEU A 1 54  ? -3.479  -5.093  -6.842  1.00 23.87 ? 34  LEU A N   1 
ATOM   211 C  CA  . LEU A 1 54  ? -3.348  -6.556  -6.795  1.00 23.07 ? 34  LEU A CA  1 
ATOM   212 C  C   . LEU A 1 54  ? -2.094  -6.926  -5.992  1.00 23.05 ? 34  LEU A C   1 
ATOM   213 O  O   . LEU A 1 54  ? -2.129  -7.845  -5.161  1.00 23.55 ? 34  LEU A O   1 
ATOM   214 C  CB  . LEU A 1 54  ? -3.261  -7.129  -8.207  1.00 22.87 ? 34  LEU A CB  1 
ATOM   215 C  CG  . LEU A 1 54  ? -4.544  -7.008  -9.049  1.00 23.18 ? 34  LEU A CG  1 
ATOM   216 C  CD1 . LEU A 1 54  ? -4.241  -7.289  -10.517 1.00 23.37 ? 34  LEU A CD1 1 
ATOM   217 C  CD2 . LEU A 1 54  ? -5.632  -7.951  -8.515  1.00 24.81 ? 34  LEU A CD2 1 
ATOM   218 N  N   . LYS A 1 55  ? -1.001  -6.205  -6.238  1.00 22.25 ? 35  LYS A N   1 
ATOM   219 C  CA  . LYS A 1 55  ? 0.250   -6.437  -5.518  1.00 22.95 ? 35  LYS A CA  1 
ATOM   220 C  C   . LYS A 1 55  ? 0.124   -6.082  -4.029  1.00 22.96 ? 35  LYS A C   1 
ATOM   221 O  O   . LYS A 1 55  ? 0.614   -6.851  -3.180  1.00 23.81 ? 35  LYS A O   1 
ATOM   222 C  CB  . LYS A 1 55  ? 1.412   -5.656  -6.144  1.00 23.27 ? 35  LYS A CB  1 
ATOM   223 C  CG  . LYS A 1 55  ? 1.855   -6.196  -7.489  1.00 25.29 ? 35  LYS A CG  1 
ATOM   224 C  CD  . LYS A 1 55  ? 3.077   -5.456  -7.983  1.00 31.47 ? 35  LYS A CD  1 
ATOM   225 C  CE  . LYS A 1 55  ? 3.754   -6.251  -9.096  1.00 34.09 ? 35  LYS A CE  1 
ATOM   226 N  NZ  . LYS A 1 55  ? 4.982   -5.559  -9.610  1.00 39.24 ? 35  LYS A NZ  1 
ATOM   227 N  N   . LEU A 1 56  ? -0.500  -4.939  -3.712  1.00 22.86 ? 36  LEU A N   1 
ATOM   228 C  CA  . LEU A 1 56  ? -0.745  -4.576  -2.298  1.00 22.70 ? 36  LEU A CA  1 
ATOM   229 C  C   . LEU A 1 56  ? -1.625  -5.622  -1.636  1.00 22.68 ? 36  LEU A C   1 
ATOM   230 O  O   . LEU A 1 56  ? -1.382  -5.996  -0.496  1.00 23.48 ? 36  LEU A O   1 
ATOM   231 C  CB  . LEU A 1 56  ? -1.406  -3.205  -2.177  1.00 23.01 ? 36  LEU A CB  1 
ATOM   232 C  CG  . LEU A 1 56  ? -0.480  -2.027  -2.504  1.00 23.15 ? 36  LEU A CG  1 
ATOM   233 C  CD1 . LEU A 1 56  ? -1.303  -0.725  -2.584  1.00 23.11 ? 36  LEU A CD1 1 
ATOM   234 C  CD2 . LEU A 1 56  ? 0.703   -1.908  -1.462  1.00 25.54 ? 36  LEU A CD2 1 
ATOM   235 N  N   . ALA A 1 57  ? -2.650  -6.096  -2.351  1.00 22.82 ? 37  ALA A N   1 
ATOM   236 C  CA  . ALA A 1 57  ? -3.551  -7.108  -1.810  1.00 23.09 ? 37  ALA A CA  1 
ATOM   237 C  C   . ALA A 1 57  ? -2.780  -8.390  -1.438  1.00 23.53 ? 37  ALA A C   1 
ATOM   238 O  O   . ALA A 1 57  ? -3.093  -9.045  -0.429  1.00 23.35 ? 37  ALA A O   1 
ATOM   239 C  CB  . ALA A 1 57  ? -4.670  -7.416  -2.813  1.00 23.21 ? 37  ALA A CB  1 
ATOM   240 N  N   . GLY A 1 58  ? -1.779  -8.728  -2.250  1.00 22.84 ? 38  GLY A N   1 
ATOM   241 C  CA  . GLY A 1 58  ? -0.909  -9.891  -1.996  1.00 23.87 ? 38  GLY A CA  1 
ATOM   242 C  C   . GLY A 1 58  ? -0.169  -9.736  -0.671  1.00 23.66 ? 38  GLY A C   1 
ATOM   243 O  O   . GLY A 1 58  ? -0.074  -10.690 0.111   1.00 24.62 ? 38  GLY A O   1 
ATOM   244 N  N   . GLU A 1 59  ? 0.370   -8.469  -0.454  1.00 23.81 ? 39  GLU A N   1 
ATOM   245 C  CA  . GLU A 1 59  ? 1.029   -8.264  0.852   1.00 24.33 ? 39  GLU A CA  1 
ATOM   246 C  C   . GLU A 1 59  ? -0.003  -8.322  1.968   1.00 24.08 ? 39  GLU A C   1 
ATOM   247 O  O   . GLU A 1 59  ? 0.259   -8.852  3.063   1.00 24.31 ? 39  GLU A O   1 
ATOM   248 C  CB  . GLU A 1 59  ? 1.779   -6.928  0.892   1.00 24.63 ? 39  GLU A CB  1 
ATOM   249 C  CG  . GLU A 1 59  ? 2.973   -6.813  -0.080  1.00 26.72 ? 39  GLU A CG  1 
ATOM   250 C  CD  . GLU A 1 59  ? 4.042   -7.875  0.117   1.00 28.38 ? 39  GLU A CD  1 
ATOM   251 O  OE1 . GLU A 1 59  ? 4.369   -8.226  1.272   1.00 27.68 ? 39  GLU A OE1 1 
ATOM   252 O  OE2 . GLU A 1 59  ? 4.541   -8.389  -0.913  1.00 30.39 ? 39  GLU A OE2 1 
ATOM   253 N  N   . GLU A 1 60  ? -1.063  -7.706  1.780   1.00 24.24 ? 40  GLU A N   1 
ATOM   254 C  CA  . GLU A 1 60  ? -2.141  -7.756  2.764   1.00 25.05 ? 40  GLU A CA  1 
ATOM   255 C  C   . GLU A 1 60  ? -2.521  -9.208  3.091   1.00 23.98 ? 40  GLU A C   1 
ATOM   256 O  O   . GLU A 1 60  ? -2.699  -9.568  4.263   1.00 24.58 ? 40  GLU A O   1 
ATOM   257 C  CB  . GLU A 1 60  ? -3.358  -6.998  2.206   1.00 25.49 ? 40  GLU A CB  1 
ATOM   258 C  CG  . GLU A 1 60  ? -4.525  -6.901  3.135   1.00 28.53 ? 40  GLU A CG  1 
ATOM   259 C  CD  . GLU A 1 60  ? -5.650  -6.100  2.518   1.00 30.21 ? 40  GLU A CD  1 
ATOM   260 O  OE1 . GLU A 1 60  ? -5.506  -5.663  1.346   1.00 32.49 ? 40  GLU A OE1 1 
ATOM   261 O  OE2 . GLU A 1 60  ? -6.682  -5.960  3.209   1.00 34.89 ? 40  GLU A OE2 1 
ATOM   262 N  N   . ALA A 1 61  ? -2.638  -10.109 2.174   1.00 23.43 ? 41  ALA A N   1 
ATOM   263 C  CA  . ALA A 1 61  ? -2.933  -11.516 2.444   1.00 23.63 ? 41  ALA A CA  1 
ATOM   264 C  C   . ALA A 1 61  ? -1.791  -12.166 3.213   1.00 24.20 ? 41  ALA A C   1 
ATOM   265 O  O   . ALA A 1 61  ? -2.036  -12.968 4.110   1.00 23.61 ? 41  ALA A O   1 
ATOM   266 C  CB  . ALA A 1 61  ? -3.199  -12.282 1.141   1.00 24.33 ? 41  ALA A CB  1 
ATOM   267 N  N   . ASN A 1 62  ? -0.550  -11.840 2.844   1.00 23.79 ? 42  ASN A N   1 
ATOM   268 C  CA  . ASN A 1 62  ? 0.622   -12.385 3.552   1.00 23.96 ? 42  ASN A CA  1 
ATOM   269 C  C   . ASN A 1 62  ? 0.563   -11.970 5.037   1.00 23.49 ? 42  ASN A C   1 
ATOM   270 O  O   . ASN A 1 62  ? 0.773   -12.802 5.939   1.00 23.33 ? 42  ASN A O   1 
ATOM   271 C  CB  . ASN A 1 62  ? 1.916   -11.826 2.960   1.00 24.18 ? 42  ASN A CB  1 
ATOM   272 C  CG  . ASN A 1 62  ? 2.277   -12.424 1.612   1.00 25.12 ? 42  ASN A CG  1 
ATOM   273 O  OD1 . ASN A 1 62  ? 1.902   -13.548 1.276   1.00 26.83 ? 42  ASN A OD1 1 
ATOM   274 N  ND2 . ASN A 1 62  ? 3.052   -11.666 0.838   1.00 27.37 ? 42  ASN A ND2 1 
ATOM   275 N  N   . ALA A 1 63  ? 0.282   -10.687 5.263   1.00 23.13 ? 43  ALA A N   1 
ATOM   276 C  CA  . ALA A 1 63  ? 0.127   -10.124 6.614   1.00 23.67 ? 43  ALA A CA  1 
ATOM   277 C  C   . ALA A 1 63  ? -0.987  -10.837 7.388   1.00 23.93 ? 43  ALA A C   1 
ATOM   278 O  O   . ALA A 1 63  ? -0.786  -11.222 8.528   1.00 23.66 ? 43  ALA A O   1 
ATOM   279 C  CB  . ALA A 1 63  ? -0.123  -8.587  6.543   1.00 23.29 ? 43  ALA A CB  1 
ATOM   280 N  N   . ARG A 1 64  ? -2.148  -11.034 6.752   1.00 24.10 ? 44  ARG A N   1 
ATOM   281 C  CA  A ARG A 1 64  ? -3.253  -11.750 7.368   0.50 24.86 ? 44  ARG A CA  1 
ATOM   282 C  CA  B ARG A 1 64  ? -3.259  -11.763 7.365   0.50 24.82 ? 44  ARG A CA  1 
ATOM   283 C  C   . ARG A 1 64  ? -2.818  -13.165 7.800   1.00 24.81 ? 44  ARG A C   1 
ATOM   284 O  O   . ARG A 1 64  ? -3.036  -13.576 8.947   1.00 25.12 ? 44  ARG A O   1 
ATOM   285 C  CB  A ARG A 1 64  ? -4.436  -11.792 6.397   0.50 24.74 ? 44  ARG A CB  1 
ATOM   286 C  CB  B ARG A 1 64  ? -4.466  -11.845 6.413   0.50 24.73 ? 44  ARG A CB  1 
ATOM   287 C  CG  A ARG A 1 64  ? -5.748  -12.257 7.006   0.50 25.35 ? 44  ARG A CG  1 
ATOM   288 C  CG  B ARG A 1 64  ? -5.631  -12.692 6.961   0.50 25.02 ? 44  ARG A CG  1 
ATOM   289 C  CD  A ARG A 1 64  ? -6.871  -12.222 5.978   0.50 25.80 ? 44  ARG A CD  1 
ATOM   290 C  CD  B ARG A 1 64  ? -6.750  -12.925 5.946   0.50 25.73 ? 44  ARG A CD  1 
ATOM   291 N  NE  A ARG A 1 64  ? -6.548  -12.974 4.761   0.50 28.35 ? 44  ARG A NE  1 
ATOM   292 N  NE  B ARG A 1 64  ? -6.347  -13.810 4.850   0.50 27.78 ? 44  ARG A NE  1 
ATOM   293 C  CZ  A ARG A 1 64  ? -6.563  -14.304 4.662   0.50 29.40 ? 44  ARG A CZ  1 
ATOM   294 C  CZ  B ARG A 1 64  ? -6.050  -13.404 3.616   0.50 28.02 ? 44  ARG A CZ  1 
ATOM   295 N  NH1 A ARG A 1 64  ? -6.883  -15.070 5.704   0.50 29.30 ? 44  ARG A NH1 1 
ATOM   296 N  NH1 B ARG A 1 64  ? -6.103  -12.122 3.302   0.50 30.44 ? 44  ARG A NH1 1 
ATOM   297 N  NH2 A ARG A 1 64  ? -6.255  -14.876 3.506   0.50 30.43 ? 44  ARG A NH2 1 
ATOM   298 N  NH2 B ARG A 1 64  ? -5.694  -14.283 2.691   0.50 28.42 ? 44  ARG A NH2 1 
ATOM   299 N  N   . ARG A 1 65  ? -2.177  -13.887 6.892   1.00 24.83 ? 45  ARG A N   1 
ATOM   300 C  CA  . ARG A 1 65  ? -1.759  -15.268 7.160   1.00 25.45 ? 45  ARG A CA  1 
ATOM   301 C  C   . ARG A 1 65  ? -0.782  -15.345 8.335   1.00 24.91 ? 45  ARG A C   1 
ATOM   302 O  O   . ARG A 1 65  ? -0.826  -16.290 9.118   1.00 25.32 ? 45  ARG A O   1 
ATOM   303 C  CB  . ARG A 1 65  ? -1.154  -15.884 5.907   1.00 25.63 ? 45  ARG A CB  1 
ATOM   304 C  CG  . ARG A 1 65  ? -2.212  -16.242 4.843   1.00 27.69 ? 45  ARG A CG  1 
ATOM   305 C  CD  . ARG A 1 65  ? -1.623  -17.047 3.701   1.00 31.14 ? 45  ARG A CD  1 
ATOM   306 N  NE  . ARG A 1 65  ? -0.819  -16.235 2.786   1.00 34.24 ? 45  ARG A NE  1 
ATOM   307 C  CZ  . ARG A 1 65  ? -1.290  -15.648 1.691   1.00 35.54 ? 45  ARG A CZ  1 
ATOM   308 N  NH1 . ARG A 1 65  ? -2.577  -15.762 1.356   1.00 38.09 ? 45  ARG A NH1 1 
ATOM   309 N  NH2 . ARG A 1 65  ? -0.474  -14.941 0.927   1.00 36.07 ? 45  ARG A NH2 1 
ATOM   310 N  N   . ALA A 1 66  ? 0.085   -14.342 8.441   1.00 24.91 ? 46  ALA A N   1 
ATOM   311 C  CA  . ALA A 1 66  ? 1.094   -14.238 9.503   1.00 25.10 ? 46  ALA A CA  1 
ATOM   312 C  C   . ALA A 1 66  ? 0.547   -13.683 10.837  1.00 25.11 ? 46  ALA A C   1 
ATOM   313 O  O   . ALA A 1 66  ? 1.201   -13.799 11.885  1.00 26.03 ? 46  ALA A O   1 
ATOM   314 C  CB  . ALA A 1 66  ? 2.252   -13.389 9.015   1.00 25.13 ? 46  ALA A CB  1 
ATOM   315 N  N   . GLY A 1 67  ? -0.657  -13.120 10.807  1.00 24.44 ? 47  GLY A N   1 
ATOM   316 C  CA  . GLY A 1 67  ? -1.214  -12.460 11.989  1.00 24.16 ? 47  GLY A CA  1 
ATOM   317 C  C   . GLY A 1 67  ? -0.696  -11.064 12.272  1.00 24.27 ? 47  GLY A C   1 
ATOM   318 O  O   . GLY A 1 67  ? -0.796  -10.584 13.418  1.00 24.16 ? 47  GLY A O   1 
ATOM   319 N  N   . ASP A 1 68  ? -0.133  -10.414 11.243  1.00 22.88 ? 48  ASP A N   1 
ATOM   320 C  CA  . ASP A 1 68  ? 0.294   -9.003  11.324  1.00 23.69 ? 48  ASP A CA  1 
ATOM   321 C  C   . ASP A 1 68  ? -0.948  -8.142  11.070  1.00 23.81 ? 48  ASP A C   1 
ATOM   322 O  O   . ASP A 1 68  ? -1.131  -7.586  9.972   1.00 23.61 ? 48  ASP A O   1 
ATOM   323 C  CB  . ASP A 1 68  ? 1.350   -8.668  10.254  1.00 23.64 ? 48  ASP A CB  1 
ATOM   324 C  CG  . ASP A 1 68  ? 2.573   -9.587  10.292  1.00 25.77 ? 48  ASP A CG  1 
ATOM   325 O  OD1 . ASP A 1 68  ? 3.100   -9.853  11.400  1.00 26.96 ? 48  ASP A OD1 1 
ATOM   326 O  OD2 . ASP A 1 68  ? 3.037   -10.009 9.202   1.00 25.11 ? 48  ASP A OD2 1 
ATOM   327 N  N   . GLU A 1 69  ? -1.825  -8.085  12.072  1.00 24.15 ? 49  GLU A N   1 
ATOM   328 C  CA  . GLU A 1 69  ? -3.186  -7.579  11.878  1.00 24.15 ? 49  GLU A CA  1 
ATOM   329 C  C   . GLU A 1 69  ? -3.181  -6.097  11.510  1.00 23.63 ? 49  GLU A C   1 
ATOM   330 O  O   . GLU A 1 69  ? -3.945  -5.675  10.645  1.00 24.22 ? 49  GLU A O   1 
ATOM   331 C  CB  . GLU A 1 69  ? -4.030  -7.802  13.148  1.00 24.82 ? 49  GLU A CB  1 
ATOM   332 C  CG  . GLU A 1 69  ? -5.500  -7.402  12.986  1.00 25.81 ? 49  GLU A CG  1 
ATOM   333 C  CD  . GLU A 1 69  ? -6.372  -7.742  14.176  1.00 26.40 ? 49  GLU A CD  1 
ATOM   334 O  OE1 . GLU A 1 69  ? -5.921  -8.484  15.097  1.00 29.70 ? 49  GLU A OE1 1 
ATOM   335 O  OE2 . GLU A 1 69  ? -7.542  -7.299  14.174  1.00 28.40 ? 49  GLU A OE2 1 
ATOM   336 N  N   . ARG A 1 70  ? -2.344  -5.305  12.178  1.00 23.47 ? 50  ARG A N   1 
ATOM   337 C  CA  A ARG A 1 70  ? -2.317  -3.853  11.945  0.50 23.50 ? 50  ARG A CA  1 
ATOM   338 C  CA  B ARG A 1 70  ? -2.343  -3.860  11.934  0.50 23.32 ? 50  ARG A CA  1 
ATOM   339 C  C   . ARG A 1 70  ? -1.754  -3.536  10.560  1.00 23.31 ? 50  ARG A C   1 
ATOM   340 O  O   . ARG A 1 70  ? -2.229  -2.610  9.867   1.00 23.83 ? 50  ARG A O   1 
ATOM   341 C  CB  A ARG A 1 70  ? -1.522  -3.139  13.042  0.50 23.41 ? 50  ARG A CB  1 
ATOM   342 C  CB  B ARG A 1 70  ? -1.649  -3.104  13.072  0.50 23.18 ? 50  ARG A CB  1 
ATOM   343 C  CG  A ARG A 1 70  ? -2.111  -3.308  14.438  0.50 24.61 ? 50  ARG A CG  1 
ATOM   344 C  CG  B ARG A 1 70  ? -2.501  -3.051  14.349  0.50 23.29 ? 50  ARG A CG  1 
ATOM   345 C  CD  A ARG A 1 70  ? -1.402  -2.390  15.424  0.50 26.16 ? 50  ARG A CD  1 
ATOM   346 C  CD  B ARG A 1 70  ? -1.999  -1.989  15.324  0.50 25.23 ? 50  ARG A CD  1 
ATOM   347 N  NE  A ARG A 1 70  ? -1.903  -2.504  16.797  0.50 29.82 ? 50  ARG A NE  1 
ATOM   348 N  NE  B ARG A 1 70  ? -0.785  -2.420  15.987  0.50 27.84 ? 50  ARG A NE  1 
ATOM   349 C  CZ  A ARG A 1 70  ? -3.050  -1.991  17.232  0.50 29.95 ? 50  ARG A CZ  1 
ATOM   350 C  CZ  B ARG A 1 70  ? 0.058   -1.622  16.643  0.50 26.55 ? 50  ARG A CZ  1 
ATOM   351 N  NH1 A ARG A 1 70  ? -3.854  -1.344  16.390  0.50 29.93 ? 50  ARG A NH1 1 
ATOM   352 N  NH1 B ARG A 1 70  ? -0.138  -0.310  16.716  0.50 26.37 ? 50  ARG A NH1 1 
ATOM   353 N  NH2 A ARG A 1 70  ? -3.400  -2.132  18.510  0.50 28.16 ? 50  ARG A NH2 1 
ATOM   354 N  NH2 B ARG A 1 70  ? 1.121   -2.156  17.208  0.50 25.62 ? 50  ARG A NH2 1 
ATOM   355 N  N   . THR A 1 71  ? -0.756  -4.323  10.147  1.00 23.31 ? 51  THR A N   1 
ATOM   356 C  CA  . THR A 1 71  ? -0.166  -4.216  8.816   1.00 23.46 ? 51  THR A CA  1 
ATOM   357 C  C   . THR A 1 71  ? -1.212  -4.526  7.733   1.00 23.75 ? 51  THR A C   1 
ATOM   358 O  O   . THR A 1 71  ? -1.355  -3.776  6.745   1.00 23.59 ? 51  THR A O   1 
ATOM   359 C  CB  . THR A 1 71  ? 1.065   -5.177  8.687   1.00 23.31 ? 51  THR A CB  1 
ATOM   360 O  OG1 . THR A 1 71  ? 2.125   -4.679  9.524   1.00 22.80 ? 51  THR A OG1 1 
ATOM   361 C  CG2 . THR A 1 71  ? 1.552   -5.253  7.225   1.00 23.73 ? 51  THR A CG2 1 
ATOM   362 N  N   . LYS A 1 72  ? -1.953  -5.608  7.939   1.00 23.67 ? 52  LYS A N   1 
ATOM   363 C  CA  . LYS A 1 72  ? -3.063  -5.975  7.049   1.00 24.08 ? 52  LYS A CA  1 
ATOM   364 C  C   . LYS A 1 72  ? -4.006  -4.789  6.917   1.00 24.20 ? 52  LYS A C   1 
ATOM   365 O  O   . LYS A 1 72  ? -4.379  -4.400  5.796   1.00 23.79 ? 52  LYS A O   1 
ATOM   366 C  CB  . LYS A 1 72  ? -3.794  -7.196  7.606   1.00 23.50 ? 52  LYS A CB  1 
ATOM   367 C  CG  . LYS A 1 72  ? -5.096  -7.571  6.887   1.00 26.05 ? 52  LYS A CG  1 
ATOM   368 C  CD  . LYS A 1 72  ? -5.891  -8.582  7.713   1.00 24.93 ? 52  LYS A CD  1 
ATOM   369 C  CE  . LYS A 1 72  ? -6.653  -7.924  8.902   1.00 27.68 ? 52  LYS A CE  1 
ATOM   370 N  NZ  . LYS A 1 72  ? -7.432  -8.964  9.663   1.00 30.93 ? 52  LYS A NZ  1 
ATOM   371 N  N   . GLU A 1 73  ? -4.397  -4.211  8.055   1.00 23.06 ? 53  GLU A N   1 
ATOM   372 C  CA  . GLU A 1 73  ? -5.393  -3.128  8.029   1.00 23.52 ? 53  GLU A CA  1 
ATOM   373 C  C   . GLU A 1 73  ? -4.859  -1.863  7.360   1.00 23.70 ? 53  GLU A C   1 
ATOM   374 O  O   . GLU A 1 73  ? -5.597  -1.202  6.607   1.00 23.80 ? 53  GLU A O   1 
ATOM   375 C  CB  . GLU A 1 73  ? -5.896  -2.849  9.438   1.00 23.14 ? 53  GLU A CB  1 
ATOM   376 C  CG  . GLU A 1 73  ? -6.722  -4.046  9.988   1.00 21.75 ? 53  GLU A CG  1 
ATOM   377 C  CD  . GLU A 1 73  ? -7.090  -3.912  11.455  1.00 21.95 ? 53  GLU A CD  1 
ATOM   378 O  OE1 . GLU A 1 73  ? -6.439  -3.129  12.183  1.00 24.64 ? 53  GLU A OE1 1 
ATOM   379 O  OE2 . GLU A 1 73  ? -8.037  -4.612  11.878  1.00 21.29 ? 53  GLU A OE2 1 
ATOM   380 N  N   . ALA A 1 74  ? -3.581  -1.540  7.589   1.00 23.58 ? 54  ALA A N   1 
ATOM   381 C  CA  . ALA A 1 74  ? -3.011  -0.354  6.945   1.00 23.97 ? 54  ALA A CA  1 
ATOM   382 C  C   . ALA A 1 74  ? -2.984  -0.502  5.427   1.00 24.78 ? 54  ALA A C   1 
ATOM   383 O  O   . ALA A 1 74  ? -3.355  0.441   4.701   1.00 24.25 ? 54  ALA A O   1 
ATOM   384 C  CB  . ALA A 1 74  ? -1.601  -0.007  7.519   1.00 23.80 ? 54  ALA A CB  1 
ATOM   385 N  N   . ILE A 1 75  ? -2.575  -1.684  4.955   1.00 24.37 ? 55  ILE A N   1 
ATOM   386 C  CA  . ILE A 1 75  ? -2.547  -1.953  3.499   1.00 24.10 ? 55  ILE A CA  1 
ATOM   387 C  C   . ILE A 1 75  ? -3.978  -1.890  2.953   1.00 24.40 ? 55  ILE A C   1 
ATOM   388 O  O   . ILE A 1 75  ? -4.218  -1.278  1.915   1.00 24.37 ? 55  ILE A O   1 
ATOM   389 C  CB  . ILE A 1 75  ? -1.853  -3.283  3.157   1.00 24.85 ? 55  ILE A CB  1 
ATOM   390 C  CG1 . ILE A 1 75  ? -0.388  -3.276  3.642   1.00 25.00 ? 55  ILE A CG1 1 
ATOM   391 C  CG2 . ILE A 1 75  ? -1.973  -3.537  1.634   1.00 23.04 ? 55  ILE A CG2 1 
ATOM   392 C  CD1 . ILE A 1 75  ? 0.231   -4.689  3.689   1.00 24.21 ? 55  ILE A CD1 1 
ATOM   393 N  N   . HIS A 1 76  ? -4.936  -2.473  3.683   1.00 23.68 ? 56  HIS A N   1 
ATOM   394 C  CA  . HIS A 1 76  ? -6.326  -2.451  3.247   1.00 24.70 ? 56  HIS A CA  1 
ATOM   395 C  C   . HIS A 1 76  ? -6.811  -1.005  3.052   1.00 24.08 ? 56  HIS A C   1 
ATOM   396 O  O   . HIS A 1 76  ? -7.487  -0.698  2.057   1.00 25.31 ? 56  HIS A O   1 
ATOM   397 C  CB  . HIS A 1 76  ? -7.201  -3.204  4.254   1.00 24.51 ? 56  HIS A CB  1 
ATOM   398 C  CG  . HIS A 1 76  ? -8.591  -3.454  3.775   1.00 26.29 ? 56  HIS A CG  1 
ATOM   399 N  ND1 . HIS A 1 76  ? -9.638  -2.588  4.027   1.00 27.20 ? 56  HIS A ND1 1 
ATOM   400 C  CD2 . HIS A 1 76  ? -9.115  -4.485  3.069   1.00 27.85 ? 56  HIS A CD2 1 
ATOM   401 C  CE1 . HIS A 1 76  ? -10.746 -3.074  3.494   1.00 27.50 ? 56  HIS A CE1 1 
ATOM   402 N  NE2 . HIS A 1 76  ? -10.459 -4.227  2.911   1.00 29.33 ? 56  HIS A NE2 1 
ATOM   403 N  N   . ALA A 1 77  ? -6.463  -0.123  3.991   1.00 24.50 ? 57  ALA A N   1 
ATOM   404 C  CA  . ALA A 1 77  ? -6.894  1.289   3.918   1.00 24.75 ? 57  ALA A CA  1 
ATOM   405 C  C   . ALA A 1 77  ? -6.326  1.951   2.666   1.00 24.65 ? 57  ALA A C   1 
ATOM   406 O  O   . ALA A 1 77  ? -7.048  2.683   1.970   1.00 24.54 ? 57  ALA A O   1 
ATOM   407 C  CB  . ALA A 1 77  ? -6.491  2.073   5.199   1.00 24.14 ? 57  ALA A CB  1 
ATOM   408 N  N   . ILE A 1 78  ? -5.059  1.682   2.369   1.00 24.53 ? 58  ILE A N   1 
ATOM   409 C  CA  . ILE A 1 78  ? -4.402  2.258   1.191   1.00 24.64 ? 58  ILE A CA  1 
ATOM   410 C  C   . ILE A 1 78  ? -5.028  1.728   -0.110  1.00 24.70 ? 58  ILE A C   1 
ATOM   411 O  O   . ILE A 1 78  ? -5.289  2.500   -1.035  1.00 24.55 ? 58  ILE A O   1 
ATOM   412 C  CB  . ILE A 1 78  ? -2.881  2.036   1.224   1.00 25.20 ? 58  ILE A CB  1 
ATOM   413 C  CG1 . ILE A 1 78  ? -2.281  2.866   2.383   1.00 25.47 ? 58  ILE A CG1 1 
ATOM   414 C  CG2 . ILE A 1 78  ? -2.242  2.445   -0.122  1.00 25.22 ? 58  ILE A CG2 1 
ATOM   415 C  CD1 . ILE A 1 78  ? -0.812  2.462   2.729   1.00 27.33 ? 58  ILE A CD1 1 
ATOM   416 N  N   . VAL A 1 79  ? -5.276  0.419   -0.150  1.00 24.72 ? 59  VAL A N   1 
ATOM   417 C  CA  . VAL A 1 79  ? -5.908  -0.190  -1.328  1.00 24.61 ? 59  VAL A CA  1 
ATOM   418 C  C   . VAL A 1 79  ? -7.244  0.493   -1.614  1.00 25.35 ? 59  VAL A C   1 
ATOM   419 O  O   . VAL A 1 79  ? -7.540  0.838   -2.768  1.00 25.21 ? 59  VAL A O   1 
ATOM   420 C  CB  . VAL A 1 79  ? -6.056  -1.730  -1.191  1.00 24.44 ? 59  VAL A CB  1 
ATOM   421 C  CG1 . VAL A 1 79  ? -6.970  -2.307  -2.300  1.00 24.07 ? 59  VAL A CG1 1 
ATOM   422 C  CG2 . VAL A 1 79  ? -4.665  -2.393  -1.208  1.00 25.03 ? 59  VAL A CG2 1 
ATOM   423 N  N   . LYS A 1 80  ? -8.050  0.707   -0.577  1.00 25.30 ? 60  LYS A N   1 
ATOM   424 C  CA  A LYS A 1 80  ? -9.336  1.398   -0.722  0.50 25.23 ? 60  LYS A CA  1 
ATOM   425 C  CA  B LYS A 1 80  ? -9.335  1.354   -0.809  0.50 25.40 ? 60  LYS A CA  1 
ATOM   426 C  C   . LYS A 1 80  ? -9.160  2.803   -1.309  1.00 25.76 ? 60  LYS A C   1 
ATOM   427 O  O   . LYS A 1 80  ? -9.910  3.235   -2.203  1.00 24.25 ? 60  LYS A O   1 
ATOM   428 C  CB  A LYS A 1 80  ? -10.030 1.468   0.632   0.50 25.83 ? 60  LYS A CB  1 
ATOM   429 C  CB  B LYS A 1 80  ? -10.258 1.214   0.404   0.50 26.14 ? 60  LYS A CB  1 
ATOM   430 C  CG  A LYS A 1 80  ? -11.441 2.076   0.583   0.50 26.33 ? 60  LYS A CG  1 
ATOM   431 C  CG  B LYS A 1 80  ? -10.591 2.486   1.154   0.50 27.20 ? 60  LYS A CG  1 
ATOM   432 C  CD  A LYS A 1 80  ? -12.321 1.574   1.719   0.50 30.28 ? 60  LYS A CD  1 
ATOM   433 C  CD  B LYS A 1 80  ? -9.468  2.874   2.077   0.50 25.93 ? 60  LYS A CD  1 
ATOM   434 C  CE  A LYS A 1 80  ? -11.693 1.752   3.095   0.50 30.95 ? 60  LYS A CE  1 
ATOM   435 C  CE  B LYS A 1 80  ? -9.825  4.054   2.909   0.50 25.62 ? 60  LYS A CE  1 
ATOM   436 N  NZ  A LYS A 1 80  ? -12.764 1.756   4.160   0.50 33.71 ? 60  LYS A NZ  1 
ATOM   437 N  NZ  B LYS A 1 80  ? -8.788  4.404   3.850   0.50 26.04 ? 60  LYS A NZ  1 
ATOM   438 N  N   . MET A 1 81  ? -8.159  3.527   -0.795  1.00 24.90 ? 61  MET A N   1 
ATOM   439 C  CA  . MET A 1 81  ? -7.927  4.903   -1.241  1.00 27.08 ? 61  MET A CA  1 
ATOM   440 C  C   . MET A 1 81  ? -7.550  4.928   -2.713  1.00 25.68 ? 61  MET A C   1 
ATOM   441 O  O   . MET A 1 81  ? -8.065  5.742   -3.477  1.00 25.19 ? 61  MET A O   1 
ATOM   442 C  CB  . MET A 1 81  ? -6.829  5.586   -0.401  1.00 26.49 ? 61  MET A CB  1 
ATOM   443 C  CG  . MET A 1 81  ? -7.345  6.000   0.973   1.00 28.05 ? 61  MET A CG  1 
ATOM   444 S  SD  . MET A 1 81  ? -6.014  6.763   1.919   1.00 34.32 ? 61  MET A SD  1 
ATOM   445 C  CE  . MET A 1 81  ? -5.329  5.408   2.851   1.00 34.65 ? 61  MET A CE  1 
ATOM   446 N  N   . ILE A 1 82  ? -6.657  4.026   -3.115  1.00 24.85 ? 62  ILE A N   1 
ATOM   447 C  CA  . ILE A 1 82  ? -6.221  3.990   -4.519  1.00 23.90 ? 62  ILE A CA  1 
ATOM   448 C  C   . ILE A 1 82  ? -7.364  3.567   -5.443  1.00 23.76 ? 62  ILE A C   1 
ATOM   449 O  O   . ILE A 1 82  ? -7.605  4.194   -6.475  1.00 23.47 ? 62  ILE A O   1 
ATOM   450 C  CB  . ILE A 1 82  ? -4.988  3.076   -4.707  1.00 22.51 ? 62  ILE A CB  1 
ATOM   451 C  CG1 . ILE A 1 82  ? -3.789  3.634   -3.923  1.00 23.58 ? 62  ILE A CG1 1 
ATOM   452 C  CG2 . ILE A 1 82  ? -4.652  2.948   -6.215  1.00 24.05 ? 62  ILE A CG2 1 
ATOM   453 C  CD1 . ILE A 1 82  ? -2.549  2.794   -4.002  1.00 24.88 ? 62  ILE A CD1 1 
ATOM   454 N  N   . SER A 1 83  ? -8.095  2.513   -5.050  1.00 23.97 ? 63  SER A N   1 
ATOM   455 C  CA  A SER A 1 83  ? -9.255  2.033   -5.814  0.50 24.51 ? 63  SER A CA  1 
ATOM   456 C  CA  B SER A 1 83  ? -9.255  2.031   -5.807  0.50 24.38 ? 63  SER A CA  1 
ATOM   457 C  C   . SER A 1 83  ? -10.284 3.134   -6.029  1.00 24.65 ? 63  SER A C   1 
ATOM   458 O  O   . SER A 1 83  ? -10.799 3.308   -7.135  1.00 24.29 ? 63  SER A O   1 
ATOM   459 C  CB  A SER A 1 83  ? -9.918  0.854   -5.092  0.50 24.76 ? 63  SER A CB  1 
ATOM   460 C  CB  B SER A 1 83  ? -9.920  0.871   -5.063  0.50 24.60 ? 63  SER A CB  1 
ATOM   461 O  OG  A SER A 1 83  ? -8.989  -0.196  -4.900  0.50 25.78 ? 63  SER A OG  1 
ATOM   462 O  OG  B SER A 1 83  ? -10.767 0.148   -5.931  0.50 24.88 ? 63  SER A OG  1 
ATOM   463 N  N   . ASP A 1 84  ? -10.582 3.868   -4.956  1.00 24.94 ? 64  ASP A N   1 
ATOM   464 C  CA  . ASP A 1 84  ? -11.570 4.933   -4.994  1.00 26.12 ? 64  ASP A CA  1 
ATOM   465 C  C   . ASP A 1 84  ? -11.131 6.067   -5.915  1.00 25.87 ? 64  ASP A C   1 
ATOM   466 O  O   . ASP A 1 84  ? -11.963 6.602   -6.660  1.00 25.93 ? 64  ASP A O   1 
ATOM   467 C  CB  . ASP A 1 84  ? -11.839 5.476   -3.589  1.00 26.70 ? 64  ASP A CB  1 
ATOM   468 C  CG  . ASP A 1 84  ? -12.633 4.508   -2.711  1.00 29.69 ? 64  ASP A CG  1 
ATOM   469 O  OD1 . ASP A 1 84  ? -13.173 3.484   -3.213  1.00 31.28 ? 64  ASP A OD1 1 
ATOM   470 O  OD2 . ASP A 1 84  ? -12.713 4.786   -1.488  1.00 31.37 ? 64  ASP A OD2 1 
ATOM   471 N  N   . ALA A 1 85  ? -9.845  6.418   -5.858  1.00 25.60 ? 65  ALA A N   1 
ATOM   472 C  CA  . ALA A 1 85  ? -9.300  7.508   -6.660  1.00 25.66 ? 65  ALA A CA  1 
ATOM   473 C  C   . ALA A 1 85  ? -9.283  7.117   -8.141  1.00 26.00 ? 65  ALA A C   1 
ATOM   474 O  O   . ALA A 1 85  ? -9.356  7.982   -9.004  1.00 25.72 ? 65  ALA A O   1 
ATOM   475 C  CB  . ALA A 1 85  ? -7.895  7.904   -6.176  1.00 25.32 ? 65  ALA A CB  1 
ATOM   476 N  N   . MET A 1 86  ? -9.216  5.812   -8.423  1.00 26.16 ? 66  MET A N   1 
ATOM   477 C  CA  . MET A 1 86  ? -9.190  5.329   -9.806  1.00 27.57 ? 66  MET A CA  1 
ATOM   478 C  C   . MET A 1 86  ? -10.566 5.212   -10.453 1.00 29.17 ? 66  MET A C   1 
ATOM   479 O  O   . MET A 1 86  ? -10.657 5.031   -11.676 1.00 29.32 ? 66  MET A O   1 
ATOM   480 C  CB  . MET A 1 86  ? -8.449  3.992   -9.921  1.00 26.47 ? 66  MET A CB  1 
ATOM   481 C  CG  . MET A 1 86  ? -6.934  4.118   -9.844  1.00 26.45 ? 66  MET A CG  1 
ATOM   482 S  SD  . MET A 1 86  ? -6.193  5.157   -11.139 1.00 26.03 ? 66  MET A SD  1 
ATOM   483 C  CE  . MET A 1 86  ? -6.598  4.262   -12.632 1.00 23.74 ? 66  MET A CE  1 
ATOM   484 N  N   . LYS A 1 87  ? -11.624 5.310   -9.641  1.00 30.82 ? 67  LYS A N   1 
ATOM   485 C  CA  . LYS A 1 87  ? -13.002 5.122   -10.130 1.00 33.05 ? 67  LYS A CA  1 
ATOM   486 C  C   . LYS A 1 87  ? -13.360 5.992   -11.343 1.00 33.83 ? 67  LYS A C   1 
ATOM   487 O  O   . LYS A 1 87  ? -13.862 5.458   -12.338 1.00 34.05 ? 67  LYS A O   1 
ATOM   488 C  CB  . LYS A 1 87  ? -14.036 5.288   -9.004  1.00 33.33 ? 67  LYS A CB  1 
ATOM   489 C  CG  . LYS A 1 87  ? -13.968 4.214   -7.938  1.00 35.51 ? 67  LYS A CG  1 
ATOM   490 C  CD  . LYS A 1 87  ? -15.299 4.073   -7.215  1.00 38.99 ? 67  LYS A CD  1 
ATOM   491 C  CE  . LYS A 1 87  ? -15.134 3.563   -5.777  1.00 41.55 ? 67  LYS A CE  1 
ATOM   492 N  NZ  . LYS A 1 87  ? -14.250 2.354   -5.615  1.00 44.60 ? 67  LYS A NZ  1 
ATOM   493 N  N   . PRO A 1 88  ? -13.101 7.321   -11.283 1.00 34.41 ? 68  PRO A N   1 
ATOM   494 C  CA  . PRO A 1 88  ? -13.381 8.160   -12.462 1.00 34.86 ? 68  PRO A CA  1 
ATOM   495 C  C   . PRO A 1 88  ? -12.627 7.748   -13.741 1.00 35.54 ? 68  PRO A C   1 
ATOM   496 O  O   . PRO A 1 88  ? -12.995 8.172   -14.840 1.00 35.58 ? 68  PRO A O   1 
ATOM   497 C  CB  . PRO A 1 88  ? -12.916 9.556   -12.022 1.00 34.68 ? 68  PRO A CB  1 
ATOM   498 C  CG  . PRO A 1 88  ? -12.950 9.529   -10.551 1.00 34.91 ? 68  PRO A CG  1 
ATOM   499 C  CD  . PRO A 1 88  ? -12.573 8.127   -10.165 1.00 34.14 ? 68  PRO A CD  1 
ATOM   500 N  N   . TYR A 1 89  ? -11.588 6.931   -13.593 1.00 36.42 ? 69  TYR A N   1 
ATOM   501 C  CA  . TYR A 1 89  ? -10.734 6.536   -14.714 1.00 37.10 ? 69  TYR A CA  1 
ATOM   502 C  C   . TYR A 1 89  ? -11.032 5.121   -15.218 1.00 38.30 ? 69  TYR A C   1 
ATOM   503 O  O   . TYR A 1 89  ? -10.299 4.586   -16.057 1.00 39.04 ? 69  TYR A O   1 
ATOM   504 C  CB  . TYR A 1 89  ? -9.256  6.702   -14.328 1.00 36.48 ? 69  TYR A CB  1 
ATOM   505 C  CG  . TYR A 1 89  ? -8.916  8.133   -13.973 1.00 35.24 ? 69  TYR A CG  1 
ATOM   506 C  CD1 . TYR A 1 89  ? -8.534  9.044   -14.962 1.00 35.35 ? 69  TYR A CD1 1 
ATOM   507 C  CD2 . TYR A 1 89  ? -9.009  8.586   -12.658 1.00 34.16 ? 69  TYR A CD2 1 
ATOM   508 C  CE1 . TYR A 1 89  ? -8.233  10.366  -14.647 1.00 34.43 ? 69  TYR A CE1 1 
ATOM   509 C  CE2 . TYR A 1 89  ? -8.715  9.907   -12.332 1.00 33.81 ? 69  TYR A CE2 1 
ATOM   510 C  CZ  . TYR A 1 89  ? -8.324  10.789  -13.331 1.00 35.26 ? 69  TYR A CZ  1 
ATOM   511 O  OH  . TYR A 1 89  ? -8.033  12.098  -13.021 1.00 36.04 ? 69  TYR A OH  1 
ATOM   512 N  N   . ARG A 1 90  ? -12.121 4.535   -14.716 1.00 39.10 ? 70  ARG A N   1 
ATOM   513 C  CA  . ARG A 1 90  ? -12.576 3.204   -15.130 1.00 39.72 ? 70  ARG A CA  1 
ATOM   514 C  C   . ARG A 1 90  ? -12.956 3.164   -16.603 1.00 39.92 ? 70  ARG A C   1 
ATOM   515 O  O   . ARG A 1 90  ? -12.882 2.111   -17.241 1.00 40.63 ? 70  ARG A O   1 
ATOM   516 C  CB  . ARG A 1 90  ? -13.770 2.749   -14.284 0.30 39.60 ? 70  ARG A CB  1 
ATOM   517 C  CG  . ARG A 1 90  ? -13.416 2.323   -12.872 0.30 39.66 ? 70  ARG A CG  1 
ATOM   518 C  CD  . ARG A 1 90  ? -14.662 2.054   -12.047 0.30 39.33 ? 70  ARG A CD  1 
ATOM   519 N  NE  . ARG A 1 90  ? -14.329 1.622   -10.691 0.30 39.11 ? 70  ARG A NE  1 
ATOM   520 C  CZ  . ARG A 1 90  ? -15.224 1.301   -9.759  0.30 39.18 ? 70  ARG A CZ  1 
ATOM   521 N  NH1 . ARG A 1 90  ? -16.523 1.361   -10.021 0.30 38.58 ? 70  ARG A NH1 1 
ATOM   522 N  NH2 . ARG A 1 90  ? -14.817 0.916   -8.557  0.30 38.91 ? 70  ARG A NH2 1 
ATOM   523 N  N   . SER A 1 98  ? -4.957  -2.998  -18.102 1.00 34.15 ? 78  SER A N   1 
ATOM   524 C  CA  . SER A 1 98  ? -3.859  -2.276  -17.457 1.00 34.38 ? 78  SER A CA  1 
ATOM   525 C  C   . SER A 1 98  ? -3.676  -0.865  -18.002 1.00 33.19 ? 78  SER A C   1 
ATOM   526 O  O   . SER A 1 98  ? -3.843  -0.619  -19.197 1.00 32.87 ? 78  SER A O   1 
ATOM   527 C  CB  . SER A 1 98  ? -2.540  -3.043  -17.604 1.00 34.97 ? 78  SER A CB  1 
ATOM   528 O  OG  . SER A 1 98  ? -1.489  -2.319  -16.980 1.00 37.73 ? 78  SER A OG  1 
ATOM   529 N  N   . GLN A 1 99  ? -3.311  0.059   -17.120 1.00 31.91 ? 79  GLN A N   1 
ATOM   530 C  CA  . GLN A 1 99  ? -3.042  1.439   -17.527 1.00 30.62 ? 79  GLN A CA  1 
ATOM   531 C  C   . GLN A 1 99  ? -2.089  2.086   -16.519 1.00 28.81 ? 79  GLN A C   1 
ATOM   532 O  O   . GLN A 1 99  ? -2.126  1.739   -15.345 1.00 27.59 ? 79  GLN A O   1 
ATOM   533 C  CB  . GLN A 1 99  ? -4.345  2.242   -17.618 1.00 30.41 ? 79  GLN A CB  1 
ATOM   534 C  CG  . GLN A 1 99  ? -5.180  2.334   -16.318 1.00 31.87 ? 79  GLN A CG  1 
ATOM   535 C  CD  . GLN A 1 99  ? -6.664  2.608   -16.596 1.00 32.68 ? 79  GLN A CD  1 
ATOM   536 O  OE1 . GLN A 1 99  ? -7.055  2.888   -17.739 1.00 37.58 ? 79  GLN A OE1 1 
ATOM   537 N  NE2 . GLN A 1 99  ? -7.490  2.511   -15.565 1.00 33.89 ? 79  GLN A NE2 1 
ATOM   538 N  N   . PRO A 1 100 ? -1.228  3.020   -16.971 1.00 27.41 ? 80  PRO A N   1 
ATOM   539 C  CA  . PRO A 1 100 ? -0.501  3.825   -15.982 1.00 26.81 ? 80  PRO A CA  1 
ATOM   540 C  C   . PRO A 1 100 ? -1.468  4.624   -15.123 1.00 26.23 ? 80  PRO A C   1 
ATOM   541 O  O   . PRO A 1 100 ? -2.598  4.915   -15.555 1.00 26.80 ? 80  PRO A O   1 
ATOM   542 C  CB  . PRO A 1 100 ? 0.325   4.787   -16.848 1.00 26.23 ? 80  PRO A CB  1 
ATOM   543 C  CG  . PRO A 1 100 ? -0.354  4.791   -18.154 1.00 27.60 ? 80  PRO A CG  1 
ATOM   544 C  CD  . PRO A 1 100 ? -0.852  3.394   -18.343 1.00 27.85 ? 80  PRO A CD  1 
ATOM   545 N  N   . ILE A 1 101 ? -1.023  4.950   -13.922 1.00 26.26 ? 81  ILE A N   1 
ATOM   546 C  CA  . ILE A 1 101 ? -1.789  5.725   -12.955 1.00 26.45 ? 81  ILE A CA  1 
ATOM   547 C  C   . ILE A 1 101 ? -1.716  7.178   -13.437 1.00 25.39 ? 81  ILE A C   1 
ATOM   548 O  O   . ILE A 1 101 ? -0.615  7.678   -13.713 1.00 24.55 ? 81  ILE A O   1 
ATOM   549 C  CB  . ILE A 1 101 ? -1.172  5.645   -11.536 1.00 26.66 ? 81  ILE A CB  1 
ATOM   550 C  CG1 . ILE A 1 101 ? -0.827  4.198   -11.103 1.00 29.84 ? 81  ILE A CG1 1 
ATOM   551 C  CG2 . ILE A 1 101 ? -2.067  6.346   -10.495 1.00 27.98 ? 81  ILE A CG2 1 
ATOM   552 C  CD1 . ILE A 1 101 ? -2.004  3.371   -10.616 1.00 30.27 ? 81  ILE A CD1 1 
ATOM   553 N  N   . PRO A 1 102 ? -2.872  7.855   -13.573 1.00 24.95 ? 82  PRO A N   1 
ATOM   554 C  CA  . PRO A 1 102 ? -2.833  9.278   -13.953 1.00 24.04 ? 82  PRO A CA  1 
ATOM   555 C  C   . PRO A 1 102 ? -2.093  10.107  -12.896 1.00 22.68 ? 82  PRO A C   1 
ATOM   556 O  O   . PRO A 1 102 ? -2.225  9.836   -11.711 1.00 22.67 ? 82  PRO A O   1 
ATOM   557 C  CB  . PRO A 1 102 ? -4.307  9.684   -13.961 1.00 24.90 ? 82  PRO A CB  1 
ATOM   558 C  CG  . PRO A 1 102 ? -5.067  8.396   -14.056 1.00 24.91 ? 82  PRO A CG  1 
ATOM   559 C  CD  . PRO A 1 102 ? -4.251  7.360   -13.384 1.00 24.99 ? 82  PRO A CD  1 
ATOM   560 N  N   . GLY A 1 103 ? -1.305  11.094  -13.329 1.00 21.87 ? 83  GLY A N   1 
ATOM   561 C  CA  . GLY A 1 103 ? -0.587  11.986  -12.397 1.00 21.68 ? 83  GLY A CA  1 
ATOM   562 C  C   . GLY A 1 103 ? -1.486  12.613  -11.339 1.00 21.78 ? 83  GLY A C   1 
ATOM   563 O  O   . GLY A 1 103 ? -1.095  12.735  -10.168 1.00 21.66 ? 83  GLY A O   1 
ATOM   564 N  N   . GLU A 1 104 ? -2.699  12.998  -11.754 1.00 21.66 ? 84  GLU A N   1 
ATOM   565 C  CA  A GLU A 1 104 ? -3.700  13.552  -10.841 0.50 22.59 ? 84  GLU A CA  1 
ATOM   566 C  CA  B GLU A 1 104 ? -3.700  13.551  -10.830 0.50 22.18 ? 84  GLU A CA  1 
ATOM   567 C  C   . GLU A 1 104 ? -4.029  12.600  -9.684  1.00 22.09 ? 84  GLU A C   1 
ATOM   568 O  O   . GLU A 1 104 ? -4.212  13.042  -8.536  1.00 22.31 ? 84  GLU A O   1 
ATOM   569 C  CB  A GLU A 1 104 ? -4.971  13.939  -11.622 0.50 22.30 ? 84  GLU A CB  1 
ATOM   570 C  CB  B GLU A 1 104 ? -4.992  13.929  -11.579 0.50 22.29 ? 84  GLU A CB  1 
ATOM   571 C  CG  A GLU A 1 104 ? -4.775  15.120  -12.572 0.50 24.02 ? 84  GLU A CG  1 
ATOM   572 C  CG  B GLU A 1 104 ? -6.045  14.665  -10.726 0.50 24.00 ? 84  GLU A CG  1 
ATOM   573 C  CD  A GLU A 1 104 ? -5.836  15.234  -13.679 0.50 24.76 ? 84  GLU A CD  1 
ATOM   574 C  CD  B GLU A 1 104 ? -6.857  13.760  -9.794  0.50 27.98 ? 84  GLU A CD  1 
ATOM   575 O  OE1 A GLU A 1 104 ? -6.547  14.247  -13.979 0.50 28.69 ? 84  GLU A OE1 1 
ATOM   576 O  OE1 B GLU A 1 104 ? -7.146  12.590  -10.152 0.50 30.01 ? 84  GLU A OE1 1 
ATOM   577 O  OE2 A GLU A 1 104 ? -5.943  16.325  -14.270 0.50 26.99 ? 84  GLU A OE2 1 
ATOM   578 O  OE2 B GLU A 1 104 ? -7.212  14.227  -8.689  0.50 27.99 ? 84  GLU A OE2 1 
ATOM   579 N  N   . VAL A 1 105 ? -4.110  11.301  -9.981  1.00 21.54 ? 85  VAL A N   1 
ATOM   580 C  CA  . VAL A 1 105 ? -4.380  10.292  -8.956  1.00 21.79 ? 85  VAL A CA  1 
ATOM   581 C  C   . VAL A 1 105 ? -3.196  10.125  -7.991  1.00 22.08 ? 85  VAL A C   1 
ATOM   582 O  O   . VAL A 1 105 ? -3.366  10.048  -6.765  1.00 22.72 ? 85  VAL A O   1 
ATOM   583 C  CB  . VAL A 1 105 ? -4.733  8.930   -9.576  1.00 21.69 ? 85  VAL A CB  1 
ATOM   584 C  CG1 . VAL A 1 105 ? -4.720  7.826   -8.498  1.00 23.07 ? 85  VAL A CG1 1 
ATOM   585 C  CG2 . VAL A 1 105 ? -6.087  9.008   -10.213 1.00 21.92 ? 85  VAL A CG2 1 
ATOM   586 N  N   . ILE A 1 106 ? -1.989  10.079  -8.536  1.00 22.09 ? 86  ILE A N   1 
ATOM   587 C  CA  . ILE A 1 106 ? -0.806  10.025  -7.667  1.00 22.17 ? 86  ILE A CA  1 
ATOM   588 C  C   . ILE A 1 106 ? -0.771  11.224  -6.718  1.00 22.81 ? 86  ILE A C   1 
ATOM   589 O  O   . ILE A 1 106 ? -0.531  11.063  -5.524  1.00 22.69 ? 86  ILE A O   1 
ATOM   590 C  CB  . ILE A 1 106 ? 0.497   9.893   -8.486  1.00 22.56 ? 86  ILE A CB  1 
ATOM   591 C  CG1 . ILE A 1 106 ? 0.472   8.602   -9.312  1.00 21.30 ? 86  ILE A CG1 1 
ATOM   592 C  CG2 . ILE A 1 106 ? 1.748   9.979   -7.572  1.00 22.47 ? 86  ILE A CG2 1 
ATOM   593 C  CD1 . ILE A 1 106 ? 1.655   8.446   -10.254 1.00 23.56 ? 86  ILE A CD1 1 
ATOM   594 N  N   . ALA A 1 107 ? -1.031  12.416  -7.260  1.00 21.63 ? 87  ALA A N   1 
ATOM   595 C  CA  . ALA A 1 107 ? -1.051  13.645  -6.473  1.00 22.95 ? 87  ALA A CA  1 
ATOM   596 C  C   . ALA A 1 107 ? -2.131  13.592  -5.382  1.00 23.87 ? 87  ALA A C   1 
ATOM   597 O  O   . ALA A 1 107 ? -1.868  13.940  -4.227  1.00 24.94 ? 87  ALA A O   1 
ATOM   598 C  CB  . ALA A 1 107 ? -1.269  14.853  -7.391  1.00 23.01 ? 87  ALA A CB  1 
ATOM   599 N  N   . GLN A 1 108 ? -3.338  13.172  -5.754  1.00 24.05 ? 88  GLN A N   1 
ATOM   600 C  CA  . GLN A 1 108 ? -4.460  13.130  -4.801  1.00 24.38 ? 88  GLN A CA  1 
ATOM   601 C  C   . GLN A 1 108 ? -4.145  12.168  -3.659  1.00 24.63 ? 88  GLN A C   1 
ATOM   602 O  O   . GLN A 1 108 ? -4.243  12.528  -2.472  1.00 24.64 ? 88  GLN A O   1 
ATOM   603 C  CB  . GLN A 1 108 ? -5.728  12.698  -5.526  0.80 24.44 ? 88  GLN A CB  1 
ATOM   604 C  CG  . GLN A 1 108 ? -6.944  12.515  -4.636  0.80 27.67 ? 88  GLN A CG  1 
ATOM   605 C  CD  . GLN A 1 108 ? -8.140  11.999  -5.405  0.80 31.98 ? 88  GLN A CD  1 
ATOM   606 O  OE1 . GLN A 1 108 ? -8.237  12.179  -6.623  0.80 35.54 ? 88  GLN A OE1 1 
ATOM   607 N  NE2 . GLN A 1 108 ? -9.060  11.350  -4.701  0.80 32.83 ? 88  GLN A NE2 1 
ATOM   608 N  N   . VAL A 1 109 ? -3.735  10.956  -4.019  1.00 24.32 ? 89  VAL A N   1 
ATOM   609 C  CA  . VAL A 1 109 ? -3.438  9.916   -3.005  1.00 24.94 ? 89  VAL A CA  1 
ATOM   610 C  C   . VAL A 1 109 ? -2.292  10.323  -2.074  1.00 25.36 ? 89  VAL A C   1 
ATOM   611 O  O   . VAL A 1 109 ? -2.426  10.266  -0.842  1.00 24.99 ? 89  VAL A O   1 
ATOM   612 C  CB  . VAL A 1 109 ? -3.195  8.531   -3.673  1.00 24.80 ? 89  VAL A CB  1 
ATOM   613 C  CG1 . VAL A 1 109 ? -2.766  7.493   -2.637  1.00 24.96 ? 89  VAL A CG1 1 
ATOM   614 C  CG2 . VAL A 1 109 ? -4.482  8.060   -4.378  1.00 24.64 ? 89  VAL A CG2 1 
ATOM   615 N  N   . THR A 1 110 ? -1.177  10.763  -2.652  1.00 24.17 ? 90  THR A N   1 
ATOM   616 C  CA  . THR A 1 110 ? 0.006   11.105  -1.852  1.00 25.14 ? 90  THR A CA  1 
ATOM   617 C  C   . THR A 1 110 ? -0.223  12.323  -0.951  1.00 24.61 ? 90  THR A C   1 
ATOM   618 O  O   . THR A 1 110 ? 0.432   12.461  0.093   1.00 26.00 ? 90  THR A O   1 
ATOM   619 C  CB  . THR A 1 110 ? 1.269   11.299  -2.717  1.00 25.65 ? 90  THR A CB  1 
ATOM   620 O  OG1 . THR A 1 110 ? 1.056   12.329  -3.669  1.00 27.34 ? 90  THR A OG1 1 
ATOM   621 C  CG2 . THR A 1 110 ? 1.615   10.006  -3.454  1.00 25.40 ? 90  THR A CG2 1 
ATOM   622 N  N   . SER A 1 111 ? -1.179  13.170  -1.337  1.00 23.67 ? 91  SER A N   1 
ATOM   623 C  CA  A SER A 1 111 ? -1.552  14.360  -0.557  0.50 24.08 ? 91  SER A CA  1 
ATOM   624 C  CA  B SER A 1 111 ? -1.515  14.353  -0.538  0.50 24.18 ? 91  SER A CA  1 
ATOM   625 C  C   . SER A 1 111 ? -2.549  14.059  0.558   1.00 23.83 ? 91  SER A C   1 
ATOM   626 O  O   . SER A 1 111 ? -2.817  14.908  1.411   1.00 24.32 ? 91  SER A O   1 
ATOM   627 C  CB  A SER A 1 111 ? -2.145  15.425  -1.474  0.50 24.27 ? 91  SER A CB  1 
ATOM   628 C  CB  B SER A 1 111 ? -1.978  15.502  -1.440  0.50 24.38 ? 91  SER A CB  1 
ATOM   629 O  OG  A SER A 1 111 ? -1.150  16.027  -2.267  0.50 24.39 ? 91  SER A OG  1 
ATOM   630 O  OG  B SER A 1 111 ? -3.236  15.223  -2.033  0.50 25.13 ? 91  SER A OG  1 
ATOM   631 N  N   . ASN A 1 112 ? -3.118  12.856  0.535   1.00 24.03 ? 92  ASN A N   1 
ATOM   632 C  CA  . ASN A 1 112 ? -4.120  12.451  1.527   1.00 24.11 ? 92  ASN A CA  1 
ATOM   633 C  C   . ASN A 1 112 ? -3.441  12.143  2.872   1.00 23.67 ? 92  ASN A C   1 
ATOM   634 O  O   . ASN A 1 112 ? -2.615  11.242  2.958   1.00 23.91 ? 92  ASN A O   1 
ATOM   635 C  CB  . ASN A 1 112 ? -4.892  11.233  0.995   1.00 23.77 ? 92  ASN A CB  1 
ATOM   636 C  CG  . ASN A 1 112 ? -6.034  10.786  1.905   1.00 28.02 ? 92  ASN A CG  1 
ATOM   637 O  OD1 . ASN A 1 112 ? -5.977  10.939  3.121   1.00 28.38 ? 92  ASN A OD1 1 
ATOM   638 N  ND2 . ASN A 1 112 ? -7.073  10.182  1.300   1.00 30.11 ? 92  ASN A ND2 1 
ATOM   639 N  N   . PRO A 1 113 ? -3.781  12.892  3.938   1.00 23.77 ? 93  PRO A N   1 
ATOM   640 C  CA  . PRO A 1 113 ? -3.085  12.619  5.202   1.00 23.40 ? 93  PRO A CA  1 
ATOM   641 C  C   . PRO A 1 113 ? -3.237  11.180  5.712   1.00 23.75 ? 93  PRO A C   1 
ATOM   642 O  O   . PRO A 1 113 ? -2.314  10.653  6.323   1.00 23.76 ? 93  PRO A O   1 
ATOM   643 C  CB  . PRO A 1 113 ? -3.713  13.640  6.182   1.00 23.11 ? 93  PRO A CB  1 
ATOM   644 C  CG  . PRO A 1 113 ? -4.252  14.723  5.295   1.00 23.95 ? 93  PRO A CG  1 
ATOM   645 C  CD  . PRO A 1 113 ? -4.765  13.983  4.086   1.00 23.37 ? 93  PRO A CD  1 
ATOM   646 N  N   . GLU A 1 114 ? -4.370  10.532  5.438   1.00 23.60 ? 94  GLU A N   1 
ATOM   647 C  CA  . GLU A 1 114 ? -4.556  9.149   5.863   1.00 24.86 ? 94  GLU A CA  1 
ATOM   648 C  C   . GLU A 1 114 ? -3.591  8.226   5.124   1.00 23.99 ? 94  GLU A C   1 
ATOM   649 O  O   . GLU A 1 114 ? -3.045  7.294   5.700   1.00 23.86 ? 94  GLU A O   1 
ATOM   650 C  CB  . GLU A 1 114 ? -6.015  8.675   5.692   1.00 25.19 ? 94  GLU A CB  1 
ATOM   651 C  CG  . GLU A 1 114 ? -6.227  7.300   6.341   1.00 26.43 ? 94  GLU A CG  1 
ATOM   652 C  CD  . GLU A 1 114 ? -7.597  6.705   6.129   1.00 28.09 ? 94  GLU A CD  1 
ATOM   653 O  OE1 . GLU A 1 114 ? -8.536  7.456   5.826   1.00 32.75 ? 94  GLU A OE1 1 
ATOM   654 O  OE2 . GLU A 1 114 ? -7.713  5.464   6.274   1.00 32.93 ? 94  GLU A OE2 1 
ATOM   655 N  N   . TYR A 1 115 ? -3.339  8.520   3.849   1.00 23.16 ? 95  TYR A N   1 
ATOM   656 C  CA  . TYR A 1 115 ? -2.373  7.725   3.094   1.00 23.76 ? 95  TYR A CA  1 
ATOM   657 C  C   . TYR A 1 115 ? -0.974  7.927   3.676   1.00 24.05 ? 95  TYR A C   1 
ATOM   658 O  O   . TYR A 1 115 ? -0.220  6.972   3.882   1.00 24.11 ? 95  TYR A O   1 
ATOM   659 C  CB  . TYR A 1 115 ? -2.384  8.134   1.617   1.00 23.98 ? 95  TYR A CB  1 
ATOM   660 C  CG  . TYR A 1 115 ? -1.247  7.502   0.812   1.00 23.27 ? 95  TYR A CG  1 
ATOM   661 C  CD1 . TYR A 1 115 ? -1.404  6.253   0.218   1.00 25.38 ? 95  TYR A CD1 1 
ATOM   662 C  CD2 . TYR A 1 115 ? -0.027  8.161   0.661   1.00 25.14 ? 95  TYR A CD2 1 
ATOM   663 C  CE1 . TYR A 1 115 ? -0.376  5.698   -0.533  1.00 24.93 ? 95  TYR A CE1 1 
ATOM   664 C  CE2 . TYR A 1 115 ? 1.030   7.600   -0.085  1.00 24.86 ? 95  TYR A CE2 1 
ATOM   665 C  CZ  . TYR A 1 115 ? 0.834   6.355   -0.669  1.00 25.83 ? 95  TYR A CZ  1 
ATOM   666 O  OH  . TYR A 1 115 ? 1.828   5.771   -1.433  1.00 26.92 ? 95  TYR A OH  1 
ATOM   667 N  N   . GLN A 1 116 ? -0.619  9.182   3.906   1.00 24.08 ? 96  GLN A N   1 
ATOM   668 C  CA  . GLN A 1 116 ? 0.709   9.479   4.464   1.00 24.91 ? 96  GLN A CA  1 
ATOM   669 C  C   . GLN A 1 116 ? 0.903   8.739   5.793   1.00 24.51 ? 96  GLN A C   1 
ATOM   670 O  O   . GLN A 1 116 ? 1.975   8.172   6.037   1.00 23.61 ? 96  GLN A O   1 
ATOM   671 C  CB  . GLN A 1 116 ? 0.896   10.971  4.682   1.00 24.99 ? 96  GLN A CB  1 
ATOM   672 C  CG  . GLN A 1 116 ? 0.852   11.788  3.388   1.00 27.01 ? 96  GLN A CG  1 
ATOM   673 C  CD  . GLN A 1 116 ? 0.692   13.303  3.627   1.00 27.69 ? 96  GLN A CD  1 
ATOM   674 O  OE1 . GLN A 1 116 ? 0.453   13.775  4.766   1.00 32.07 ? 96  GLN A OE1 1 
ATOM   675 N  NE2 . GLN A 1 116 ? 0.783   14.076  2.546   1.00 32.64 ? 96  GLN A NE2 1 
ATOM   676 N  N   . GLN A 1 117 ? -0.121  8.764   6.645   1.00 22.96 ? 97  GLN A N   1 
ATOM   677 C  CA  . GLN A 1 117 ? -0.036  8.105   7.958   1.00 23.95 ? 97  GLN A CA  1 
ATOM   678 C  C   . GLN A 1 117 ? 0.145   6.598   7.792   1.00 24.10 ? 97  GLN A C   1 
ATOM   679 O  O   . GLN A 1 117 ? 0.968   5.983   8.490   1.00 23.36 ? 97  GLN A O   1 
ATOM   680 C  CB  . GLN A 1 117 ? -1.297  8.344   8.769   1.00 23.65 ? 97  GLN A CB  1 
ATOM   681 C  CG  . GLN A 1 117 ? -1.479  9.696   9.346   1.00 26.80 ? 97  GLN A CG  1 
ATOM   682 C  CD  . GLN A 1 117 ? -2.780  9.745   10.115  1.00 32.82 ? 97  GLN A CD  1 
ATOM   683 O  OE1 . GLN A 1 117 ? -3.619  8.845   9.975   1.00 36.15 ? 97  GLN A OE1 1 
ATOM   684 N  NE2 . GLN A 1 117 ? -2.945  10.752  10.956  1.00 32.20 ? 97  GLN A NE2 1 
ATOM   685 N  N   . ALA A 1 118 ? -0.638  6.004   6.881   1.00 23.75 ? 98  ALA A N   1 
ATOM   686 C  CA  . ALA A 1 118 ? -0.610  4.557   6.696   1.00 23.90 ? 98  ALA A CA  1 
ATOM   687 C  C   . ALA A 1 118 ? 0.753   4.120   6.154   1.00 24.08 ? 98  ALA A C   1 
ATOM   688 O  O   . ALA A 1 118 ? 1.352   3.156   6.634   1.00 24.96 ? 98  ALA A O   1 
ATOM   689 C  CB  . ALA A 1 118 ? -1.757  4.098   5.760   1.00 23.90 ? 98  ALA A CB  1 
ATOM   690 N  N   . LYS A 1 119 ? 1.281   4.878   5.187   1.00 24.41 ? 99  LYS A N   1 
ATOM   691 C  CA  . LYS A 1 119 ? 2.581   4.553   4.606   1.00 24.55 ? 99  LYS A CA  1 
ATOM   692 C  C   . LYS A 1 119 ? 3.691   4.678   5.658   1.00 24.60 ? 99  LYS A C   1 
ATOM   693 O  O   . LYS A 1 119 ? 4.548   3.804   5.770   1.00 25.27 ? 99  LYS A O   1 
ATOM   694 C  CB  . LYS A 1 119 ? 2.852   5.429   3.367   1.00 24.80 ? 99  LYS A CB  1 
ATOM   695 C  CG  . LYS A 1 119 ? 4.183   5.093   2.686   1.00 27.77 ? 99  LYS A CG  1 
ATOM   696 C  CD  . LYS A 1 119 ? 4.325   5.900   1.407   1.00 29.92 ? 99  LYS A CD  1 
ATOM   697 C  CE  . LYS A 1 119 ? 5.576   5.462   0.655   1.00 32.41 ? 99  LYS A CE  1 
ATOM   698 N  NZ  . LYS A 1 119 ? 6.825   6.048   1.187   1.00 36.56 ? 99  LYS A NZ  1 
ATOM   699 N  N   . ALA A 1 120 ? 3.649   5.744   6.460   1.00 24.62 ? 100 ALA A N   1 
ATOM   700 C  CA  . ALA A 1 120 ? 4.637   5.925   7.537   1.00 24.67 ? 100 ALA A CA  1 
ATOM   701 C  C   . ALA A 1 120 ? 4.557   4.783   8.552   1.00 24.36 ? 100 ALA A C   1 
ATOM   702 O  O   . ALA A 1 120 ? 5.576   4.349   9.089   1.00 25.62 ? 100 ALA A O   1 
ATOM   703 C  CB  . ALA A 1 120 ? 4.407   7.229   8.233   1.00 24.64 ? 100 ALA A CB  1 
ATOM   704 N  N   . PHE A 1 121 ? 3.343   4.346   8.843   1.00 24.23 ? 101 PHE A N   1 
ATOM   705 C  CA  . PHE A 1 121 ? 3.131   3.250   9.792   1.00 23.77 ? 101 PHE A CA  1 
ATOM   706 C  C   . PHE A 1 121 ? 3.775   1.979   9.259   1.00 23.54 ? 101 PHE A C   1 
ATOM   707 O  O   . PHE A 1 121 ? 4.469   1.267   9.985   1.00 23.45 ? 101 PHE A O   1 
ATOM   708 C  CB  . PHE A 1 121 ? 1.633   3.043   10.040  1.00 24.82 ? 101 PHE A CB  1 
ATOM   709 C  CG  . PHE A 1 121 ? 1.324   1.880   10.936  1.00 24.41 ? 101 PHE A CG  1 
ATOM   710 C  CD1 . PHE A 1 121 ? 1.580   1.960   12.304  1.00 24.46 ? 101 PHE A CD1 1 
ATOM   711 C  CD2 . PHE A 1 121 ? 0.763   0.716   10.420  1.00 26.67 ? 101 PHE A CD2 1 
ATOM   712 C  CE1 . PHE A 1 121 ? 1.282   0.883   13.148  1.00 24.68 ? 101 PHE A CE1 1 
ATOM   713 C  CE2 . PHE A 1 121 ? 0.475   -0.377  11.254  1.00 27.11 ? 101 PHE A CE2 1 
ATOM   714 C  CZ  . PHE A 1 121 ? 0.723   -0.270  12.624  1.00 25.32 ? 101 PHE A CZ  1 
ATOM   715 N  N   . LEU A 1 122 ? 3.567   1.704   7.986   1.00 22.49 ? 102 LEU A N   1 
ATOM   716 C  CA  . LEU A 1 122 ? 4.127   0.505   7.382   1.00 23.29 ? 102 LEU A CA  1 
ATOM   717 C  C   . LEU A 1 122 ? 5.645   0.581   7.306   1.00 23.34 ? 102 LEU A C   1 
ATOM   718 O  O   . LEU A 1 122 ? 6.330   -0.430  7.473   1.00 24.67 ? 102 LEU A O   1 
ATOM   719 C  CB  . LEU A 1 122 ? 3.543   0.290   5.994   1.00 22.85 ? 102 LEU A CB  1 
ATOM   720 C  CG  . LEU A 1 122 ? 2.043   -0.109  6.014   1.00 23.23 ? 102 LEU A CG  1 
ATOM   721 C  CD1 . LEU A 1 122 ? 1.525   0.053   4.626   1.00 25.21 ? 102 LEU A CD1 1 
ATOM   722 C  CD2 . LEU A 1 122 ? 1.791   -1.550  6.495   1.00 25.00 ? 102 LEU A CD2 1 
ATOM   723 N  N   . ALA A 1 123 ? 6.159   1.787   7.090   1.00 23.49 ? 103 ALA A N   1 
ATOM   724 C  CA  . ALA A 1 123 ? 7.591   2.013   6.977   1.00 23.29 ? 103 ALA A CA  1 
ATOM   725 C  C   . ALA A 1 123 ? 8.295   2.002   8.342   1.00 23.52 ? 103 ALA A C   1 
ATOM   726 O  O   . ALA A 1 123 ? 9.515   1.819   8.419   1.00 24.19 ? 103 ALA A O   1 
ATOM   727 C  CB  . ALA A 1 123 ? 7.836   3.337   6.233   1.00 23.46 ? 103 ALA A CB  1 
ATOM   728 N  N   . SER A 1 124 ? 7.534   2.206   9.421   1.00 23.15 ? 104 SER A N   1 
ATOM   729 C  CA  . SER A 1 124 ? 8.113   2.441   10.747  1.00 23.38 ? 104 SER A CA  1 
ATOM   730 C  C   . SER A 1 124 ? 8.866   1.214   11.256  1.00 22.98 ? 104 SER A C   1 
ATOM   731 O  O   . SER A 1 124 ? 8.432   0.096   10.994  1.00 23.31 ? 104 SER A O   1 
ATOM   732 C  CB  . SER A 1 124 ? 7.032   2.828   11.769  1.00 24.64 ? 104 SER A CB  1 
ATOM   733 O  OG  . SER A 1 124 ? 6.238   1.706   12.115  1.00 23.54 ? 104 SER A OG  1 
ATOM   734 N  N   . PRO A 1 125 ? 9.997   1.432   11.961  1.00 22.95 ? 105 PRO A N   1 
ATOM   735 C  CA  . PRO A 1 125 ? 10.750  0.318   12.556  1.00 23.08 ? 105 PRO A CA  1 
ATOM   736 C  C   . PRO A 1 125 ? 9.881   -0.647  13.346  1.00 23.44 ? 105 PRO A C   1 
ATOM   737 O  O   . PRO A 1 125 ? 9.998   -1.871  13.162  1.00 24.20 ? 105 PRO A O   1 
ATOM   738 C  CB  . PRO A 1 125 ? 11.749  1.028   13.477  1.00 23.37 ? 105 PRO A CB  1 
ATOM   739 C  CG  . PRO A 1 125 ? 12.003  2.304   12.813  1.00 22.94 ? 105 PRO A CG  1 
ATOM   740 C  CD  . PRO A 1 125 ? 10.672  2.720   12.201  1.00 22.60 ? 105 PRO A CD  1 
ATOM   741 N  N   . ALA A 1 126 ? 9.022   -0.115  14.213  1.00 23.36 ? 106 ALA A N   1 
ATOM   742 C  CA  . ALA A 1 126 ? 8.192   -0.934  15.097  1.00 23.52 ? 106 ALA A CA  1 
ATOM   743 C  C   . ALA A 1 126 ? 7.346   -1.930  14.312  1.00 23.03 ? 106 ALA A C   1 
ATOM   744 O  O   . ALA A 1 126 ? 7.244   -3.100  14.679  1.00 23.11 ? 106 ALA A O   1 
ATOM   745 C  CB  . ALA A 1 126 ? 7.291   -0.046  15.959  1.00 24.69 ? 106 ALA A CB  1 
ATOM   746 N  N   . THR A 1 127 ? 6.724   -1.452  13.240  1.00 22.10 ? 107 THR A N   1 
ATOM   747 C  CA  . THR A 1 127 ? 5.886   -2.301  12.405  1.00 22.56 ? 107 THR A CA  1 
ATOM   748 C  C   . THR A 1 127 ? 6.726   -3.356  11.681  1.00 22.64 ? 107 THR A C   1 
ATOM   749 O  O   . THR A 1 127 ? 6.380   -4.537  11.682  1.00 22.34 ? 107 THR A O   1 
ATOM   750 C  CB  . THR A 1 127 ? 5.080   -1.454  11.413  1.00 22.82 ? 107 THR A CB  1 
ATOM   751 O  OG1 . THR A 1 127 ? 4.245   -0.561  12.161  1.00 22.79 ? 107 THR A OG1 1 
ATOM   752 C  CG2 . THR A 1 127 ? 4.204   -2.339  10.518  1.00 22.69 ? 107 THR A CG2 1 
ATOM   753 N  N   . GLN A 1 128 ? 7.833   -2.931  11.078  1.00 22.50 ? 108 GLN A N   1 
ATOM   754 C  CA  . GLN A 1 128 ? 8.674   -3.887  10.337  1.00 22.72 ? 108 GLN A CA  1 
ATOM   755 C  C   . GLN A 1 128 ? 9.256   -4.968  11.235  1.00 22.14 ? 108 GLN A C   1 
ATOM   756 O  O   . GLN A 1 128 ? 9.242   -6.151  10.895  1.00 22.86 ? 108 GLN A O   1 
ATOM   757 C  CB  . GLN A 1 128 ? 9.725   -3.164  9.513   1.00 22.58 ? 108 GLN A CB  1 
ATOM   758 C  CG  . GLN A 1 128 ? 9.030   -2.231  8.495   1.00 24.81 ? 108 GLN A CG  1 
ATOM   759 C  CD  . GLN A 1 128 ? 9.931   -1.783  7.381   1.00 32.71 ? 108 GLN A CD  1 
ATOM   760 O  OE1 . GLN A 1 128 ? 11.042  -2.262  7.246   1.00 35.91 ? 108 GLN A OE1 1 
ATOM   761 N  NE2 . GLN A 1 128 ? 9.428   -0.879  6.545   1.00 35.93 ? 108 GLN A NE2 1 
ATOM   762 N  N   . VAL A 1 129 ? 9.761   -4.560  12.397  1.00 21.39 ? 109 VAL A N   1 
ATOM   763 C  CA  . VAL A 1 129 ? 10.262  -5.519  13.394  1.00 21.83 ? 109 VAL A CA  1 
ATOM   764 C  C   . VAL A 1 129 ? 9.156   -6.482  13.793  1.00 22.22 ? 109 VAL A C   1 
ATOM   765 O  O   . VAL A 1 129 ? 9.374   -7.692  13.863  1.00 22.24 ? 109 VAL A O   1 
ATOM   766 C  CB  . VAL A 1 129 ? 10.796  -4.777  14.628  1.00 21.75 ? 109 VAL A CB  1 
ATOM   767 C  CG1 . VAL A 1 129 ? 11.097  -5.750  15.790  1.00 20.79 ? 109 VAL A CG1 1 
ATOM   768 C  CG2 . VAL A 1 129 ? 12.024  -3.978  14.237  1.00 22.33 ? 109 VAL A CG2 1 
ATOM   769 N  N   . ARG A 1 130 ? 7.970   -5.943  14.053  1.00 23.14 ? 110 ARG A N   1 
ATOM   770 C  CA  . ARG A 1 130 ? 6.826   -6.759  14.440  1.00 24.63 ? 110 ARG A CA  1 
ATOM   771 C  C   . ARG A 1 130 ? 6.518   -7.808  13.377  1.00 24.73 ? 110 ARG A C   1 
ATOM   772 O  O   . ARG A 1 130 ? 6.143   -8.936  13.696  1.00 25.03 ? 110 ARG A O   1 
ATOM   773 C  CB  . ARG A 1 130 ? 5.597   -5.880  14.682  1.00 25.61 ? 110 ARG A CB  1 
ATOM   774 C  CG  . ARG A 1 130 ? 4.457   -6.590  15.393  1.00 27.62 ? 110 ARG A CG  1 
ATOM   775 C  CD  . ARG A 1 130 ? 3.465   -5.596  15.975  1.00 30.14 ? 110 ARG A CD  1 
ATOM   776 N  NE  . ARG A 1 130 ? 2.838   -4.778  14.940  1.00 32.05 ? 110 ARG A NE  1 
ATOM   777 C  CZ  . ARG A 1 130 ? 3.039   -3.472  14.797  1.00 32.87 ? 110 ARG A CZ  1 
ATOM   778 N  NH1 . ARG A 1 130 ? 3.851   -2.830  15.625  1.00 33.35 ? 110 ARG A NH1 1 
ATOM   779 N  NH2 . ARG A 1 130 ? 2.427   -2.808  13.827  1.00 29.70 ? 110 ARG A NH2 1 
ATOM   780 N  N   . ASN A 1 131 ? 6.679   -7.428  12.114  1.00 24.26 ? 111 ASN A N   1 
ATOM   781 C  CA  . ASN A 1 131 ? 6.425   -8.337  11.002  1.00 24.15 ? 111 ASN A CA  1 
ATOM   782 C  C   . ASN A 1 131 ? 7.497   -9.414  10.885  1.00 24.86 ? 111 ASN A C   1 
ATOM   783 O  O   . ASN A 1 131 ? 7.195   -10.580 10.632  1.00 25.54 ? 111 ASN A O   1 
ATOM   784 C  CB  . ASN A 1 131 ? 6.314   -7.559  9.689   1.00 24.10 ? 111 ASN A CB  1 
ATOM   785 C  CG  . ASN A 1 131 ? 4.971   -6.875  9.528   1.00 24.05 ? 111 ASN A CG  1 
ATOM   786 O  OD1 . ASN A 1 131 ? 4.023   -7.164  10.258  1.00 27.44 ? 111 ASN A OD1 1 
ATOM   787 N  ND2 . ASN A 1 131 ? 4.883   -5.963  8.567   1.00 20.19 ? 111 ASN A ND2 1 
ATOM   788 N  N   . ILE A 1 132 ? 8.751   -9.015  11.071  1.00 24.09 ? 112 ILE A N   1 
ATOM   789 C  CA  . ILE A 1 132 ? 9.878   -9.951  10.990  1.00 24.79 ? 112 ILE A CA  1 
ATOM   790 C  C   . ILE A 1 132 ? 9.810   -10.941 12.156  1.00 25.50 ? 112 ILE A C   1 
ATOM   791 O  O   . ILE A 1 132 ? 9.987   -12.156 11.958  1.00 25.93 ? 112 ILE A O   1 
ATOM   792 C  CB  . ILE A 1 132 ? 11.232  -9.209  10.923  1.00 24.39 ? 112 ILE A CB  1 
ATOM   793 C  CG1 . ILE A 1 132 ? 11.314  -8.408  9.618   1.00 23.79 ? 112 ILE A CG1 1 
ATOM   794 C  CG2 . ILE A 1 132 ? 12.426  -10.202 11.040  1.00 24.01 ? 112 ILE A CG2 1 
ATOM   795 C  CD1 . ILE A 1 132 ? 12.346  -7.299  9.595   1.00 23.67 ? 112 ILE A CD1 1 
ATOM   796 N  N   . GLU A 1 133 ? 9.497   -10.438 13.353  1.00 26.18 ? 113 GLU A N   1 
ATOM   797 C  CA  . GLU A 1 133 ? 9.411   -11.288 14.559  1.00 28.49 ? 113 GLU A CA  1 
ATOM   798 C  C   . GLU A 1 133 ? 8.274   -12.309 14.452  1.00 30.05 ? 113 GLU A C   1 
ATOM   799 O  O   . GLU A 1 133 ? 8.197   -13.243 15.249  1.00 30.19 ? 113 GLU A O   1 
ATOM   800 C  CB  . GLU A 1 133 ? 9.192   -10.441 15.812  1.00 27.97 ? 113 GLU A CB  1 
ATOM   801 C  CG  . GLU A 1 133 ? 10.389  -9.620  16.248  1.00 27.72 ? 113 GLU A CG  1 
ATOM   802 C  CD  . GLU A 1 133 ? 10.101  -8.796  17.507  1.00 28.43 ? 113 GLU A CD  1 
ATOM   803 O  OE1 . GLU A 1 133 ? 8.937   -8.372  17.676  1.00 33.89 ? 113 GLU A OE1 1 
ATOM   804 O  OE2 . GLU A 1 133 ? 11.030  -8.556  18.302  1.00 25.36 ? 113 GLU A OE2 1 
ATOM   805 N  N   . ARG A 1 134 ? 7.394   -12.113 13.471  1.00 31.74 ? 114 ARG A N   1 
ATOM   806 C  CA  . ARG A 1 134 ? 6.270   -13.020 13.223  1.00 33.39 ? 114 ARG A CA  1 
ATOM   807 C  C   . ARG A 1 134 ? 6.457   -13.850 11.953  1.00 33.89 ? 114 ARG A C   1 
ATOM   808 O  O   . ARG A 1 134 ? 5.646   -14.744 11.665  1.00 35.18 ? 114 ARG A O   1 
ATOM   809 C  CB  . ARG A 1 134 ? 4.961   -12.242 13.138  0.60 33.10 ? 114 ARG A CB  1 
ATOM   810 C  CG  . ARG A 1 134 ? 4.570   -11.545 14.423  0.60 34.58 ? 114 ARG A CG  1 
ATOM   811 C  CD  . ARG A 1 134 ? 3.199   -10.925 14.275  0.60 36.33 ? 114 ARG A CD  1 
ATOM   812 N  NE  . ARG A 1 134 ? 2.173   -11.957 14.171  0.60 36.92 ? 114 ARG A NE  1 
ATOM   813 C  CZ  . ARG A 1 134 ? 1.496   -12.451 15.206  0.60 37.83 ? 114 ARG A CZ  1 
ATOM   814 N  NH1 . ARG A 1 134 ? 1.725   -12.002 16.437  0.60 39.40 ? 114 ARG A NH1 1 
ATOM   815 N  NH2 . ARG A 1 134 ? 0.588   -13.398 15.017  0.60 37.84 ? 114 ARG A NH2 1 
HETATM 816 CL CL  . CL  B 2 .   ? 1.403   -5.630  12.312  1.00 16.87 ? 132 CL  A CL  1 
HETATM 817 CL CL  . CL  C 2 .   ? -7.194  10.101  -1.920  1.00 28.71 ? 133 CL  A CL  1 
HETATM 818 CL CL  . CL  D 2 .   ? -4.826  -10.607 10.998  1.00 33.19 ? 134 CL  A CL  1 
HETATM 819 O  O   . HOH E 3 .   ? -9.101  -8.123  11.744  1.00 20.93 ? 139 HOH A O   1 
HETATM 820 O  O   . HOH E 3 .   ? 9.581   -6.862  -1.577  1.00 35.87 ? 140 HOH A O   1 
HETATM 821 O  O   . HOH E 3 .   ? 14.858  -0.290  1.458   1.00 42.09 ? 141 HOH A O   1 
HETATM 822 O  O   . HOH E 3 .   ? 8.784   2.896   15.239  1.00 18.69 ? 142 HOH A O   1 
HETATM 823 O  O   . HOH E 3 .   ? 5.818   8.711   0.563   1.00 40.19 ? 143 HOH A O   1 
HETATM 824 O  O   . HOH E 3 .   ? 4.574   18.544  -5.823  1.00 48.66 ? 144 HOH A O   1 
HETATM 825 O  O   . HOH E 3 .   ? 14.052  4.775   4.059   1.00 40.85 ? 145 HOH A O   1 
HETATM 826 O  O   . HOH E 3 .   ? -11.163 -0.830  -2.408  1.00 39.72 ? 146 HOH A O   1 
HETATM 827 O  O   . HOH E 3 .   ? 5.114   10.861  -9.671  1.00 13.75 ? 147 HOH A O   1 
HETATM 828 O  O   . HOH E 3 .   ? 5.373   -11.343 9.089   1.00 17.64 ? 148 HOH A O   1 
HETATM 829 O  O   . HOH E 3 .   ? 2.679   -17.020 7.574   1.00 36.87 ? 149 HOH A O   1 
HETATM 830 O  O   . HOH E 3 .   ? -11.112 5.736   1.557   1.00 31.72 ? 150 HOH A O   1 
HETATM 831 O  O   . HOH E 3 .   ? -9.864  10.627  -8.590  1.00 33.76 ? 152 HOH A O   1 
HETATM 832 O  O   . HOH E 3 .   ? 8.015   -3.672  17.191  1.00 22.68 ? 153 HOH A O   1 
HETATM 833 O  O   . HOH E 3 .   ? -13.908 8.237   -6.505  1.00 44.30 ? 155 HOH A O   1 
HETATM 834 O  O   . HOH E 3 .   ? 1.457   13.781  -9.572  1.00 16.62 ? 156 HOH A O   1 
HETATM 835 O  O   . HOH E 3 .   ? 1.378   -1.938  -14.733 1.00 35.42 ? 157 HOH A O   1 
HETATM 836 O  O   . HOH E 3 .   ? 7.368   -5.514  -2.682  1.00 19.81 ? 158 HOH A O   1 
HETATM 837 O  O   . HOH E 3 .   ? -4.026  16.679  -5.257  1.00 37.02 ? 159 HOH A O   1 
HETATM 838 O  O   . HOH E 3 .   ? -4.758  -5.122  -19.467 1.00 54.49 ? 160 HOH A O   1 
HETATM 839 O  O   . HOH E 3 .   ? -5.678  16.574  -3.011  1.00 41.57 ? 161 HOH A O   1 
HETATM 840 O  O   . HOH E 3 .   ? 10.556  -13.650 9.332   1.00 43.33 ? 162 HOH A O   1 
HETATM 841 O  O   . HOH E 3 .   ? -6.499  -1.856  14.713  1.00 19.21 ? 163 HOH A O   1 
HETATM 842 O  O   . HOH E 3 .   ? -1.628  -2.835  -14.306 1.00 27.25 ? 166 HOH A O   1 
HETATM 843 O  O   . HOH E 3 .   ? -11.301 1.468   -9.062  1.00 32.19 ? 167 HOH A O   1 
HETATM 844 O  O   . HOH E 3 .   ? -1.338  -16.602 12.222  1.00 42.87 ? 168 HOH A O   1 
HETATM 845 O  O   . HOH E 3 .   ? 4.215   8.938   4.839   1.00 16.60 ? 169 HOH A O   1 
HETATM 846 O  O   . HOH E 3 .   ? 10.627  -7.148  20.492  1.00 20.75 ? 170 HOH A O   1 
HETATM 847 O  O   . HOH E 3 .   ? 2.330   -15.067 5.617   1.00 18.88 ? 171 HOH A O   1 
HETATM 848 O  O   . HOH E 3 .   ? -1.936  17.507  -4.520  1.00 36.77 ? 172 HOH A O   1 
HETATM 849 O  O   . HOH E 3 .   ? -10.184 -7.799  8.326   1.00 37.20 ? 173 HOH A O   1 
HETATM 850 O  O   . HOH E 3 .   ? 10.528  0.737   4.343   1.00 35.86 ? 174 HOH A O   1 
HETATM 851 O  O   . HOH E 3 .   ? 2.381   -0.625  19.102  1.00 47.29 ? 175 HOH A O   1 
HETATM 852 O  O   . HOH E 3 .   ? 3.945   9.967   2.360   1.00 32.83 ? 176 HOH A O   1 
HETATM 853 O  O   . HOH E 3 .   ? 6.614   6.952   11.855  1.00 37.16 ? 177 HOH A O   1 
HETATM 854 O  O   . HOH E 3 .   ? 1.814   7.094   10.922  1.00 18.22 ? 178 HOH A O   1 
HETATM 855 O  O   . HOH E 3 .   ? 10.591  -1.046  2.416   1.00 25.00 ? 179 HOH A O   1 
HETATM 856 O  O   . HOH E 3 .   ? 14.837  -3.549  -2.353  1.00 43.06 ? 180 HOH A O   1 
HETATM 857 O  O   . HOH E 3 .   ? 12.388  5.982   14.847  1.00 46.60 ? 181 HOH A O   1 
HETATM 858 O  O   . HOH E 3 .   ? 2.685   -8.662  -3.593  1.00 26.09 ? 182 HOH A O   1 
HETATM 859 O  O   . HOH E 3 .   ? 2.525   4.038   -10.568 1.00 23.21 ? 183 HOH A O   1 
HETATM 860 O  O   . HOH E 3 .   ? -9.343  7.977   -2.583  1.00 20.65 ? 184 HOH A O   1 
HETATM 861 O  O   . HOH E 3 .   ? 7.850   5.807   9.416   1.00 23.29 ? 185 HOH A O   1 
HETATM 862 O  O   . HOH E 3 .   ? 8.001   5.461   3.543   1.00 25.19 ? 186 HOH A O   1 
HETATM 863 O  O   . HOH E 3 .   ? -10.405 -2.488  -4.732  1.00 26.50 ? 187 HOH A O   1 
HETATM 864 O  O   . HOH E 3 .   ? -10.580 3.537   5.630   1.00 29.69 ? 188 HOH A O   1 
HETATM 865 O  O   . HOH E 3 .   ? 13.211  -2.801  5.925   1.00 34.23 ? 189 HOH A O   1 
HETATM 866 O  O   . HOH E 3 .   ? -1.360  -10.553 -5.789  1.00 31.14 ? 190 HOH A O   1 
HETATM 867 O  O   . HOH E 3 .   ? -10.833 7.329   -0.373  1.00 32.35 ? 191 HOH A O   1 
HETATM 868 O  O   . HOH E 3 .   ? 1.254   -8.916  15.543  1.00 39.51 ? 192 HOH A O   1 
HETATM 869 O  O   . HOH E 3 .   ? 2.640   11.144  0.648   1.00 29.81 ? 193 HOH A O   1 
HETATM 870 O  O   . HOH E 3 .   ? 2.129   10.997  8.235   1.00 23.06 ? 194 HOH A O   1 
HETATM 871 O  O   . HOH E 3 .   ? -8.323  11.560  4.320   1.00 26.48 ? 195 HOH A O   1 
HETATM 872 O  O   . HOH E 3 .   ? 0.096   -5.157  17.247  1.00 30.86 ? 196 HOH A O   1 
HETATM 873 O  O   . HOH E 3 .   ? 3.051   -15.935 11.832  1.00 41.46 ? 197 HOH A O   1 
HETATM 874 O  O   . HOH E 3 .   ? 0.069   12.909  7.570   1.00 27.75 ? 198 HOH A O   1 
HETATM 875 O  O   . HOH E 3 .   ? 3.145   -10.821 -2.119  1.00 34.84 ? 199 HOH A O   1 
HETATM 876 O  O   . HOH E 3 .   ? -4.825  15.725  -7.793  1.00 31.32 ? 200 HOH A O   1 
HETATM 877 O  O   . HOH E 3 .   ? 4.902   2.400   14.489  1.00 30.50 ? 201 HOH A O   1 
HETATM 878 O  O   . HOH E 3 .   ? -5.815  14.322  -1.294  1.00 27.66 ? 202 HOH A O   1 
HETATM 879 O  O   . HOH E 3 .   ? 2.595   13.740  -6.902  1.00 18.89 ? 203 HOH A O   1 
HETATM 880 O  O   . HOH E 3 .   ? -0.619  12.565  11.986  1.00 31.31 ? 204 HOH A O   1 
HETATM 881 O  O   . HOH E 3 .   ? -11.305 8.973   -4.115  1.00 32.09 ? 205 HOH A O   1 
HETATM 882 O  O   . HOH E 3 .   ? 10.346  4.734   1.125   1.00 31.96 ? 206 HOH A O   1 
HETATM 883 O  O   . HOH E 3 .   ? -8.933  -8.208  16.167  1.00 32.96 ? 207 HOH A O   1 
HETATM 884 O  O   . HOH E 3 .   ? -1.704  16.452  -11.434 1.00 34.07 ? 208 HOH A O   1 
HETATM 885 O  O   . HOH E 3 .   ? -8.917  -10.472 7.761   1.00 34.97 ? 209 HOH A O   1 
HETATM 886 O  O   . HOH E 3 .   ? 8.094   -4.472  -5.040  1.00 25.93 ? 210 HOH A O   1 
HETATM 887 O  O   . HOH E 3 .   ? 3.259   12.245  -11.201 1.00 18.58 ? 211 HOH A O   1 
HETATM 888 O  O   . HOH E 3 .   ? 3.415   13.806  -13.387 1.00 17.84 ? 212 HOH A O   1 
HETATM 889 O  O   . HOH E 3 .   ? 6.744   7.515   4.994   1.00 21.61 ? 213 HOH A O   1 
HETATM 890 O  O   . HOH E 3 .   ? 4.499   11.186  6.840   1.00 32.44 ? 214 HOH A O   1 
HETATM 891 O  O   . HOH E 3 .   ? -9.871  0.026   5.435   1.00 26.17 ? 215 HOH A O   1 
HETATM 892 O  O   . HOH E 3 .   ? 5.835   9.402   11.076  1.00 48.72 ? 216 HOH A O   1 
HETATM 893 O  O   . HOH E 3 .   ? 11.389  1.116   -1.412  1.00 33.15 ? 217 HOH A O   1 
HETATM 894 O  O   . HOH E 3 .   ? -12.578 -5.294  5.424   1.00 30.09 ? 218 HOH A O   1 
HETATM 895 O  O   . HOH E 3 .   ? 8.021   7.754   7.435   1.00 33.43 ? 219 HOH A O   1 
HETATM 896 O  O   . HOH E 3 .   ? 6.174   -3.597  -12.567 1.00 47.26 ? 220 HOH A O   1 
HETATM 897 O  O   . HOH E 3 .   ? 5.383   -3.186  18.283  1.00 34.48 ? 221 HOH A O   1 
HETATM 898 O  O   . HOH E 3 .   ? -0.606  -13.308 -1.078  1.00 34.27 ? 222 HOH A O   1 
HETATM 899 O  O   . HOH E 3 .   ? 10.969  3.638   3.680   1.00 32.88 ? 223 HOH A O   1 
HETATM 900 O  O   . HOH E 3 .   ? 3.218   0.372   16.156  1.00 33.54 ? 224 HOH A O   1 
HETATM 901 O  O   . HOH E 3 .   ? -3.260  -9.051  16.527  1.00 34.70 ? 225 HOH A O   1 
HETATM 902 O  O   . HOH E 3 .   ? 1.732   -16.465 3.487   1.00 40.40 ? 226 HOH A O   1 
HETATM 903 O  O   . HOH E 3 .   ? 7.292   -8.865  0.473   1.00 33.88 ? 227 HOH A O   1 
HETATM 904 O  O   . HOH E 3 .   ? 11.928  0.798   1.181   1.00 36.98 ? 228 HOH A O   1 
HETATM 905 O  O   . HOH E 3 .   ? 8.765   -5.227  20.725  1.00 34.74 ? 229 HOH A O   1 
HETATM 906 O  O   . HOH E 3 .   ? 13.197  -5.864  -2.102  1.00 47.96 ? 230 HOH A O   1 
HETATM 907 O  O   . HOH E 3 .   ? -2.466  -18.758 8.452   1.00 39.86 ? 231 HOH A O   1 
HETATM 908 O  O   . HOH E 3 .   ? -11.546 10.846  -6.186  1.00 40.49 ? 232 HOH A O   1 
HETATM 909 O  O   . HOH E 3 .   ? 7.822   -6.066  18.386  1.00 30.64 ? 233 HOH A O   1 
HETATM 910 O  O   . HOH E 3 .   ? 4.793   10.640  -0.984  1.00 34.72 ? 234 HOH A O   1 
HETATM 911 O  O   . HOH E 3 .   ? 11.387  -5.184  2.910   1.00 30.14 ? 235 HOH A O   1 
HETATM 912 O  O   . HOH E 3 .   ? -10.587 -7.103  4.347   1.00 33.22 ? 236 HOH A O   1 
HETATM 913 O  O   . HOH E 3 .   ? -12.729 6.844   3.168   1.00 41.78 ? 237 HOH A O   1 
HETATM 914 O  O   . HOH E 3 .   ? 8.871   -14.359 17.437  1.00 40.43 ? 238 HOH A O   1 
HETATM 915 O  O   . HOH E 3 .   ? -1.450  13.257  9.620   1.00 32.97 ? 239 HOH A O   1 
HETATM 916 O  O   . HOH E 3 .   ? 11.349  3.687   16.325  1.00 36.29 ? 240 HOH A O   1 
HETATM 917 O  O   . HOH E 3 .   ? 2.410   9.782   10.572  1.00 29.80 ? 241 HOH A O   1 
HETATM 918 O  O   . HOH E 3 .   ? 1.014   15.201  -3.248  1.00 38.73 ? 242 HOH A O   1 
HETATM 919 O  O   . HOH E 3 .   ? 2.871   17.039  -6.836  1.00 30.74 ? 243 HOH A O   1 
HETATM 920 O  O   . HOH E 3 .   ? -3.167  17.217  -9.666  1.00 41.62 ? 244 HOH A O   1 
HETATM 921 O  O   . HOH E 3 .   ? 2.066   -19.136 3.696   1.00 47.19 ? 245 HOH A O   1 
HETATM 922 O  O   . HOH E 3 .   ? -2.291  -11.373 15.461  1.00 39.35 ? 246 HOH A O   1 
HETATM 923 O  O   . HOH E 3 .   ? 1.265   -10.613 -5.524  1.00 44.60 ? 247 HOH A O   1 
HETATM 924 O  O   . HOH E 3 .   ? 5.836   -14.096 8.671   1.00 33.07 ? 248 HOH A O   1 
HETATM 925 O  O   . HOH E 3 .   ? -15.368 6.294   -4.053  1.00 43.95 ? 249 HOH A O   1 
HETATM 926 O  O   . HOH E 3 .   ? -5.021  -13.340 10.615  1.00 34.75 ? 250 HOH A O   1 
HETATM 927 O  O   . HOH E 3 .   ? 12.226  -2.752  3.781   1.00 37.14 ? 251 HOH A O   1 
HETATM 928 O  O   . HOH E 3 .   ? -0.159  0.039   -18.289 1.00 45.00 ? 252 HOH A O   1 
HETATM 929 O  O   . HOH E 3 .   ? 9.114   -12.370 2.762   1.00 46.09 ? 253 HOH A O   1 
HETATM 930 O  O   . HOH E 3 .   ? -3.439  13.388  -14.625 1.00 24.35 ? 254 HOH A O   1 
HETATM 931 O  O   . HOH E 3 .   ? -5.412  -17.332 2.938   1.00 46.92 ? 255 HOH A O   1 
HETATM 932 O  O   . HOH E 3 .   ? -9.384  8.859   2.281   1.00 38.65 ? 256 HOH A O   1 
HETATM 933 O  O   . HOH E 3 .   ? -1.057  -6.632  15.003  1.00 22.73 ? 257 HOH A O   1 
HETATM 934 O  O   . HOH E 3 .   ? 3.755   5.610   12.234  1.00 23.41 ? 258 HOH A O   1 
# 
